data_7T77
#
_entry.id   7T77
#
loop_
_entity.id
_entity.type
_entity.pdbx_description
1 polymer 'HIV Envelope ApexGT3.N130 gp120'
2 polymer 'HIV Envelope ApexGT3.N130 gp41'
3 polymer 'PG9 Fab Heavy Chain'
4 polymer 'PG9 Fab Light Chain'
5 branched 2-acetamido-2-deoxy-beta-D-glucopyranose-(1-4)-2-acetamido-2-deoxy-beta-D-glucopyranose
6 branched alpha-D-mannopyranose-(1-3)-[alpha-D-mannopyranose-(1-6)]beta-D-mannopyranose-(1-4)-2-acetamido-2-deoxy-beta-D-glucopyranose-(1-4)-2-acetamido-2-deoxy-beta-D-glucopyranose
7 branched beta-D-mannopyranose-(1-4)-2-acetamido-2-deoxy-beta-D-glucopyranose-(1-4)-2-acetamido-2-deoxy-beta-D-glucopyranose
8 branched alpha-D-mannopyranose-(1-3)-[alpha-D-mannopyranose-(1-6)]alpha-D-mannopyranose-(1-6)-[alpha-D-mannopyranose-(1-3)]beta-D-mannopyranose-(1-4)-2-acetamido-2-deoxy-beta-D-glucopyranose-(1-4)-2-acetamido-2-deoxy-beta-D-glucopyranose
9 branched alpha-D-mannopyranose-(1-3)-alpha-D-mannopyranose-(1-6)-[alpha-D-mannopyranose-(1-3)]beta-D-mannopyranose-(1-4)-2-acetamido-2-deoxy-beta-D-glucopyranose-(1-4)-2-acetamido-2-deoxy-beta-D-glucopyranose
10 non-polymer 2-acetamido-2-deoxy-beta-D-glucopyranose
#
loop_
_entity_poly.entity_id
_entity_poly.type
_entity_poly.pdbx_seq_one_letter_code
_entity_poly.pdbx_strand_id
1 'polypeptide(L)'
;MGILPSPGMPALLSLVSLLSVLLMGCVAETGAENLWVTVYYGVPVWKDAETTLFCASDAKAYETEKHNVWATHACVPTDP
NPQEIHLENVTEEFNMWKNNMVEQMHEDIISLWDQSLKPCVKLTPLCVTLNCTNVTNNITDDMRGELKNCSFNATTELRN
KRVKRYSLFYRLDIVQIDSNRTKSHYRLINCNTSAITQACPKVSFEPIPIHYCAPAGFAILKCKDKKFNGTGPCPSVSTV
QCTHGIKPVVSTQLLLNGSLAEEEVIIRSENITNNAKNILVQLNTPVQINCTRPNNNTVKSIRIGPGQAFYYTGDIIGDI
RQAHCNVSKATWNETLGKVVKQLRKHFGNNTIIRFAQSSGGDLEVTTHSFNCGGEFFYCNTSGLFNSTWISNTSVQGSNS
TGSNDSITLPCRIKQIINMWQRIGQAMYAPPIQGVIRCVSNITGLILTRDGGSTNSTTETFRPGGGDMRDNWRSELYKYK
VVKIEPLGVAPTRCKRRVVGRRRRRR
;
A,C,E
2 'polypeptide(L)'
;AVGIGAVSLGFLGAAGSTMGAASMTLTVQARNLLSGIVQQQSNLLRAPEPQQHLLKDTHWGIKQLQARVLAVEHYLRDQQ
LLGIWGCSGKLICCTNVPWNSSWSNRNLSEIWDNMTWLQWDKEISNYTQIIYGLLEESQNQQEKNEQDLLALDGTKHHHH
HH
;
B,D,F
3 'polypeptide(L)'
;QRLVESGGGVVQPGSSLRLSCAASGFDFSRQGMHWVRQAPGQGLEWVAFIKYDGSEKYHADSVWGRLSISRDNSKDTLYL
QMNSLRVEDTATYFCVREAGGPDYRNGYN(TYS)(TYS)DFYDGYYNYHYMDVWGKGTTVTVSSASTKGPSVFPLAPSSK
STSGGTAALGCLVKDYFPEPVTVSWNSGALTSGVHTFPAVLQSSGLYSLSSVVTVPSSSLGTQTYICNVNHKPSNTKVDK
KVEPKSCDKGLEVLFQ
;
H
4 'polypeptide(L)'
;QSALTQPASVSGSPGQSITISCQGTSNDVGGYESVSWYQQHPGKAPKVVIYDVSKRPSGVSNRFSGSKSGNTASLTISGL
QAEDEGDYYCKSLTSTRRRVFGTGTKLTVLGQPKAAPSVTLFPPSSEELQANKATLVCLISDFYPGAVTVAWKADSSPVK
AGVETTTPSKQSNNKYAASSYLSLTPEQWKSHKSYSCQVTHEGSTVEKTVAPTECS
;
L
#
# COMPACT_ATOMS: atom_id res chain seq x y z
N GLU A 33 -42.42 19.67 48.97
CA GLU A 33 -41.16 20.10 49.61
C GLU A 33 -39.99 19.08 49.41
N ASN A 34 -40.19 18.03 48.58
CA ASN A 34 -39.20 16.99 48.28
C ASN A 34 -38.37 17.36 47.06
N LEU A 35 -37.41 16.52 46.73
CA LEU A 35 -36.54 16.74 45.59
C LEU A 35 -36.52 15.58 44.63
N TRP A 36 -36.31 15.91 43.38
CA TRP A 36 -36.17 14.93 42.32
C TRP A 36 -34.90 15.30 41.59
N VAL A 37 -34.22 14.33 41.01
CA VAL A 37 -33.02 14.67 40.24
C VAL A 37 -33.37 14.83 38.80
N THR A 38 -33.05 15.99 38.28
CA THR A 38 -33.39 16.37 36.94
C THR A 38 -32.19 16.38 36.02
N VAL A 39 -32.49 16.51 34.74
CA VAL A 39 -31.50 16.47 33.68
C VAL A 39 -31.08 17.83 33.21
N TYR A 40 -29.78 18.02 33.10
CA TYR A 40 -29.20 19.27 32.61
C TYR A 40 -28.32 18.95 31.41
N TYR A 41 -28.18 19.90 30.50
CA TYR A 41 -27.33 19.64 29.36
C TYR A 41 -26.72 20.91 28.77
N GLY A 42 -25.41 20.86 28.53
CA GLY A 42 -24.63 21.99 28.02
C GLY A 42 -23.78 22.38 29.21
N VAL A 43 -23.73 21.48 30.15
CA VAL A 43 -23.01 21.62 31.38
C VAL A 43 -21.48 21.69 31.23
N PRO A 44 -20.79 22.68 31.80
CA PRO A 44 -19.37 22.90 31.69
C PRO A 44 -18.51 21.98 32.55
N VAL A 45 -18.44 20.71 32.16
CA VAL A 45 -17.65 19.72 32.90
C VAL A 45 -16.50 19.07 32.11
N TRP A 46 -15.34 19.02 32.75
CA TRP A 46 -14.12 18.48 32.19
C TRP A 46 -13.69 17.15 32.73
N LYS A 47 -13.12 16.33 31.85
CA LYS A 47 -12.48 15.10 32.29
C LYS A 47 -11.10 14.94 31.68
N ASP A 48 -10.14 14.45 32.45
CA ASP A 48 -8.83 14.23 31.88
C ASP A 48 -9.02 13.28 30.72
N ALA A 49 -8.40 13.54 29.57
CA ALA A 49 -8.62 12.61 28.47
C ALA A 49 -7.48 12.54 27.49
N GLU A 50 -7.43 11.41 26.77
CA GLU A 50 -6.42 11.26 25.75
C GLU A 50 -7.04 11.01 24.39
N THR A 51 -6.55 11.78 23.44
CA THR A 51 -6.95 11.67 22.05
C THR A 51 -5.83 12.25 21.23
N THR A 52 -6.04 12.39 19.93
CA THR A 52 -5.01 12.92 19.08
C THR A 52 -5.35 14.34 18.68
N LEU A 53 -4.36 15.06 18.18
CA LEU A 53 -4.60 16.41 17.73
C LEU A 53 -4.42 16.55 16.23
N PHE A 54 -5.11 17.51 15.67
CA PHE A 54 -5.00 17.83 14.27
C PHE A 54 -3.84 18.78 14.00
N CYS A 55 -3.13 18.57 12.87
CA CYS A 55 -2.04 19.41 12.37
C CYS A 55 -2.62 20.68 11.75
N ALA A 56 -2.19 21.83 12.25
CA ALA A 56 -2.66 23.09 11.72
C ALA A 56 -1.48 23.92 11.17
N SER A 57 -1.56 24.24 9.89
CA SER A 57 -0.43 24.98 9.23
C SER A 57 -0.66 26.49 9.22
N ASP A 58 0.43 27.25 9.33
CA ASP A 58 0.30 28.71 9.37
C ASP A 58 1.01 29.29 8.14
N ALA A 59 0.35 30.20 7.42
CA ALA A 59 0.94 30.84 6.22
C ALA A 59 1.69 29.79 5.39
N GLU A 65 3.11 24.65 -2.26
CA GLU A 65 4.45 25.26 -2.04
C GLU A 65 5.49 24.14 -1.95
N LYS A 66 6.78 24.48 -1.86
CA LYS A 66 7.79 23.41 -1.69
C LYS A 66 7.48 22.69 -0.39
N HIS A 67 7.50 21.36 -0.42
CA HIS A 67 7.05 20.61 0.76
C HIS A 67 8.11 20.63 1.85
N ASN A 68 7.72 20.91 3.10
CA ASN A 68 8.71 20.78 4.18
C ASN A 68 8.51 19.45 4.91
N VAL A 69 9.63 18.82 5.26
CA VAL A 69 9.51 17.51 5.89
C VAL A 69 8.43 17.40 6.95
N TRP A 70 8.16 18.48 7.69
CA TRP A 70 7.16 18.44 8.73
C TRP A 70 6.01 19.31 8.39
N ALA A 71 6.29 20.44 7.77
CA ALA A 71 5.22 21.33 7.35
C ALA A 71 4.79 20.80 6.00
N THR A 72 4.11 19.68 6.07
CA THR A 72 3.68 18.89 4.95
C THR A 72 2.49 19.46 4.25
N HIS A 73 2.24 18.95 3.05
CA HIS A 73 1.09 19.34 2.26
C HIS A 73 -0.19 18.86 2.91
N ALA A 74 -0.07 17.75 3.63
CA ALA A 74 -1.22 17.19 4.31
C ALA A 74 -1.44 17.81 5.68
N CYS A 75 -1.70 19.14 5.76
CA CYS A 75 -1.87 19.87 7.02
C CYS A 75 -2.76 21.10 6.71
N VAL A 76 -3.89 21.15 7.42
CA VAL A 76 -4.94 22.15 7.24
C VAL A 76 -4.55 23.50 7.83
N PRO A 77 -4.72 24.63 7.13
CA PRO A 77 -4.38 25.96 7.61
C PRO A 77 -5.02 26.28 8.96
N THR A 78 -4.27 27.01 9.78
CA THR A 78 -4.67 27.41 11.12
C THR A 78 -5.74 28.45 11.15
N ASP A 79 -6.35 28.52 12.33
CA ASP A 79 -7.31 29.53 12.69
C ASP A 79 -6.50 30.79 12.94
N PRO A 80 -6.71 31.90 12.20
CA PRO A 80 -5.96 33.13 12.33
C PRO A 80 -6.16 33.78 13.69
N ASN A 81 -7.22 33.41 14.41
CA ASN A 81 -7.49 33.98 15.70
C ASN A 81 -8.34 33.07 16.60
N PRO A 82 -7.80 31.94 17.08
CA PRO A 82 -8.49 30.97 17.89
C PRO A 82 -8.53 31.53 19.30
N GLN A 83 -9.29 32.59 19.45
CA GLN A 83 -9.27 33.35 20.69
C GLN A 83 -9.56 32.51 21.90
N GLU A 84 -8.64 32.63 22.85
CA GLU A 84 -8.72 31.95 24.12
C GLU A 84 -9.67 32.67 25.04
N ILE A 85 -10.23 31.97 26.00
CA ILE A 85 -10.99 32.73 26.98
C ILE A 85 -10.49 32.49 28.37
N HIS A 86 -10.35 33.57 29.12
CA HIS A 86 -9.89 33.46 30.48
C HIS A 86 -10.95 32.81 31.30
N LEU A 87 -10.57 31.91 32.19
CA LEU A 87 -11.61 31.32 33.01
C LEU A 87 -11.68 31.97 34.37
N GLU A 88 -12.82 32.57 34.62
CA GLU A 88 -13.06 33.23 35.86
C GLU A 88 -13.23 32.15 36.91
N ASN A 89 -12.64 32.31 38.12
CA ASN A 89 -12.76 31.43 39.30
C ASN A 89 -12.45 29.94 39.02
N VAL A 90 -11.39 29.64 38.22
CA VAL A 90 -10.95 28.26 37.92
C VAL A 90 -9.49 28.04 38.18
N THR A 91 -9.20 27.01 38.95
CA THR A 91 -7.83 26.59 39.21
C THR A 91 -7.79 25.15 38.79
N GLU A 92 -6.75 24.75 38.08
CA GLU A 92 -6.67 23.38 37.65
C GLU A 92 -5.28 22.80 37.69
N GLU A 93 -5.20 21.52 37.95
CA GLU A 93 -3.95 20.78 37.98
C GLU A 93 -3.72 19.86 36.82
N PHE A 94 -2.47 19.87 36.38
CA PHE A 94 -2.00 18.97 35.36
C PHE A 94 -0.54 18.68 35.56
N ASN A 95 -0.06 17.63 34.90
CA ASN A 95 1.32 17.24 35.12
C ASN A 95 2.12 16.91 33.89
N MET A 96 3.09 17.76 33.61
CA MET A 96 3.94 17.51 32.48
C MET A 96 4.62 16.21 32.84
N TRP A 97 5.08 15.51 31.83
CA TRP A 97 5.70 14.18 31.91
C TRP A 97 4.64 13.08 32.01
N LYS A 98 3.41 13.44 32.36
CA LYS A 98 2.29 12.50 32.38
C LYS A 98 1.37 12.89 31.25
N ASN A 99 1.86 13.87 30.51
CA ASN A 99 1.27 14.53 29.37
C ASN A 99 1.60 13.78 28.09
N ASN A 100 0.59 13.22 27.44
CA ASN A 100 0.84 12.40 26.26
C ASN A 100 0.89 13.20 24.97
N MET A 101 0.81 14.52 25.06
CA MET A 101 0.83 15.37 23.89
C MET A 101 2.20 15.26 23.25
N VAL A 102 3.22 15.13 24.10
CA VAL A 102 4.58 15.00 23.65
C VAL A 102 4.79 13.67 22.96
N GLU A 103 4.21 12.61 23.49
CA GLU A 103 4.34 11.31 22.86
C GLU A 103 3.72 11.34 21.49
N GLN A 104 2.60 12.06 21.37
CA GLN A 104 1.98 12.14 20.07
C GLN A 104 2.89 12.90 19.12
N MET A 105 3.54 13.97 19.60
CA MET A 105 4.44 14.73 18.76
C MET A 105 5.57 13.87 18.27
N HIS A 106 6.07 13.03 19.15
CA HIS A 106 7.19 12.17 18.84
C HIS A 106 6.82 11.21 17.74
N GLU A 107 5.67 10.58 17.88
CA GLU A 107 5.34 9.63 16.84
C GLU A 107 5.09 10.33 15.53
N ASP A 108 4.50 11.52 15.56
CA ASP A 108 4.24 12.19 14.31
C ASP A 108 5.48 12.76 13.65
N ILE A 109 6.46 13.24 14.43
CA ILE A 109 7.63 13.80 13.79
C ILE A 109 8.37 12.65 13.09
N ILE A 110 8.34 11.47 13.70
CA ILE A 110 8.98 10.30 13.12
C ILE A 110 8.26 9.81 11.89
N SER A 111 6.94 9.71 11.94
CA SER A 111 6.25 9.20 10.78
C SER A 111 6.44 10.11 9.61
N LEU A 112 6.45 11.43 9.83
CA LEU A 112 6.65 12.34 8.74
C LEU A 112 8.06 12.25 8.21
N TRP A 113 9.03 12.03 9.09
CA TRP A 113 10.41 11.90 8.67
C TRP A 113 10.47 10.78 7.65
N ASP A 114 9.84 9.65 7.98
CA ASP A 114 9.83 8.52 7.07
C ASP A 114 8.95 8.74 5.84
N GLN A 115 7.82 9.41 5.96
CA GLN A 115 6.99 9.60 4.78
C GLN A 115 7.77 10.38 3.74
N SER A 116 8.51 11.38 4.19
CA SER A 116 9.33 12.22 3.33
C SER A 116 10.48 11.48 2.68
N LEU A 117 11.20 10.68 3.46
CA LEU A 117 12.37 9.98 2.95
C LEU A 117 12.09 8.67 2.22
N LYS A 118 10.97 8.04 2.47
CA LYS A 118 10.63 6.79 1.83
C LYS A 118 10.88 6.71 0.31
N PRO A 119 10.51 7.70 -0.54
CA PRO A 119 10.73 7.67 -1.98
C PRO A 119 12.11 8.12 -2.52
N CYS A 120 13.13 8.33 -1.65
CA CYS A 120 14.46 8.81 -2.00
C CYS A 120 15.35 7.68 -2.55
N VAL A 121 16.36 8.05 -3.32
CA VAL A 121 17.34 7.12 -3.87
C VAL A 121 18.20 6.55 -2.76
N LYS A 122 18.37 5.23 -2.79
CA LYS A 122 19.16 4.50 -1.81
C LYS A 122 20.63 4.58 -2.17
N LEU A 123 21.50 4.47 -1.16
CA LEU A 123 22.92 4.52 -1.41
C LEU A 123 23.52 3.13 -1.54
N THR A 124 22.69 2.10 -1.47
CA THR A 124 23.14 0.71 -1.56
C THR A 124 24.09 0.46 -2.74
N PRO A 125 23.85 0.98 -3.96
CA PRO A 125 24.70 0.80 -5.11
C PRO A 125 26.11 1.32 -4.90
N LEU A 126 26.29 2.17 -3.89
CA LEU A 126 27.58 2.76 -3.54
C LEU A 126 28.37 1.98 -2.46
N CYS A 127 27.86 0.83 -1.95
CA CYS A 127 28.52 0.01 -0.94
C CYS A 127 29.58 -0.86 -1.60
N VAL A 128 30.65 -0.16 -1.94
CA VAL A 128 31.79 -0.70 -2.64
C VAL A 128 33.02 -0.39 -1.84
N THR A 129 34.11 -1.04 -2.17
CA THR A 129 35.34 -0.73 -1.50
C THR A 129 35.86 0.62 -2.02
N LEU A 130 36.31 1.44 -1.10
CA LEU A 130 36.86 2.74 -1.44
C LEU A 130 38.37 2.77 -1.21
N ASN A 131 39.15 3.30 -2.16
CA ASN A 131 40.60 3.49 -2.05
C ASN A 131 40.84 4.93 -1.56
N CYS A 132 41.11 5.08 -0.24
CA CYS A 132 41.14 6.36 0.45
C CYS A 132 42.51 6.76 0.94
N THR A 133 42.80 8.00 0.67
CA THR A 133 43.98 8.73 1.11
C THR A 133 43.46 10.03 1.69
N ASN A 134 44.33 10.97 2.06
CA ASN A 134 43.97 12.25 2.71
C ASN A 134 44.66 13.45 2.04
N VAL A 135 44.42 13.65 0.72
CA VAL A 135 44.95 14.80 -0.02
C VAL A 135 44.08 15.97 0.27
N THR A 136 44.68 17.00 0.81
CA THR A 136 43.97 18.19 1.18
C THR A 136 44.76 19.39 0.69
N ASN A 137 44.11 20.53 0.62
CA ASN A 137 44.79 21.74 0.18
C ASN A 137 45.05 22.68 1.37
N ASN A 138 46.29 22.67 1.93
CA ASN A 138 46.73 23.49 3.07
C ASN A 138 45.79 23.40 4.29
N ILE A 139 45.60 22.16 4.78
CA ILE A 139 44.78 21.84 5.95
C ILE A 139 45.46 22.27 7.23
N THR A 140 44.68 22.81 8.15
CA THR A 140 45.24 23.22 9.42
C THR A 140 45.50 22.02 10.30
N ASP A 141 46.02 22.26 11.47
CA ASP A 141 46.46 21.14 12.30
C ASP A 141 45.31 20.46 13.01
N ASP A 142 44.31 21.23 13.37
CA ASP A 142 43.16 20.72 14.12
C ASP A 142 42.34 19.79 13.26
N MET A 143 42.47 19.96 11.95
CA MET A 143 41.77 19.20 10.95
C MET A 143 42.54 18.02 10.37
N ARG A 144 43.74 17.75 10.82
CA ARG A 144 44.45 16.68 10.14
C ARG A 144 43.79 15.35 10.40
N GLY A 145 43.60 14.60 9.33
CA GLY A 145 42.99 13.28 9.39
C GLY A 145 41.47 13.32 9.27
N GLU A 146 40.88 14.53 9.27
CA GLU A 146 39.43 14.69 9.19
C GLU A 146 38.84 14.47 7.81
N LEU A 147 39.59 14.74 6.77
CA LEU A 147 39.03 14.56 5.45
C LEU A 147 39.76 13.45 4.73
N LYS A 148 38.99 12.73 3.93
CA LYS A 148 39.52 11.65 3.10
C LYS A 148 39.13 11.79 1.61
N ASN A 149 40.13 11.55 0.75
CA ASN A 149 40.11 11.56 -0.71
C ASN A 149 39.98 10.12 -1.22
N CYS A 150 38.74 9.70 -1.62
CA CYS A 150 38.43 8.31 -1.94
C CYS A 150 38.01 8.08 -3.39
N SER A 151 38.60 7.05 -3.99
CA SER A 151 38.21 6.65 -5.33
C SER A 151 37.58 5.28 -5.31
N PHE A 152 36.67 5.04 -6.24
CA PHE A 152 35.94 3.80 -6.28
C PHE A 152 35.32 3.48 -7.65
N ASN A 153 34.88 2.22 -7.83
CA ASN A 153 34.13 1.77 -9.00
C ASN A 153 32.64 2.08 -8.79
N ALA A 154 31.95 2.52 -9.86
CA ALA A 154 30.55 2.91 -9.86
C ALA A 154 29.88 2.57 -11.17
N THR A 155 28.57 2.46 -11.11
CA THR A 155 27.77 2.21 -12.29
C THR A 155 27.18 3.50 -12.81
N THR A 156 26.63 3.44 -14.01
CA THR A 156 25.94 4.54 -14.65
C THR A 156 24.61 3.98 -15.03
N GLU A 157 23.82 4.73 -15.78
CA GLU A 157 22.52 4.25 -16.17
C GLU A 157 22.55 2.94 -16.96
N LEU A 158 23.66 2.60 -17.60
CA LEU A 158 23.69 1.32 -18.28
C LEU A 158 24.52 0.39 -17.44
N ARG A 159 24.10 -0.86 -17.39
CA ARG A 159 24.75 -1.89 -16.56
C ARG A 159 26.13 -2.30 -17.02
N ASN A 160 26.48 -1.92 -18.25
CA ASN A 160 27.78 -2.37 -18.79
C ASN A 160 28.81 -1.25 -18.65
N LYS A 161 28.39 -0.04 -18.27
CA LYS A 161 29.35 1.02 -18.20
C LYS A 161 29.91 1.22 -16.83
N ARG A 162 30.86 0.39 -16.48
CA ARG A 162 31.47 0.51 -15.18
C ARG A 162 32.47 1.64 -15.30
N VAL A 163 32.42 2.58 -14.38
CA VAL A 163 33.28 3.75 -14.41
C VAL A 163 34.01 4.04 -13.11
N LYS A 164 35.04 4.86 -13.20
CA LYS A 164 35.76 5.32 -12.03
C LYS A 164 35.22 6.64 -11.56
N ARG A 165 34.95 6.71 -10.25
CA ARG A 165 34.44 7.90 -9.61
C ARG A 165 35.17 8.16 -8.31
N TYR A 166 35.10 9.40 -7.86
CA TYR A 166 35.71 9.74 -6.60
C TYR A 166 34.98 10.87 -5.93
N SER A 167 35.15 10.96 -4.61
CA SER A 167 34.55 12.00 -3.79
C SER A 167 35.28 12.20 -2.47
N LEU A 168 34.95 13.28 -1.79
CA LEU A 168 35.52 13.48 -0.48
C LEU A 168 34.54 13.10 0.59
N PHE A 169 35.08 12.55 1.66
CA PHE A 169 34.35 12.13 2.83
C PHE A 169 34.92 12.66 4.12
N TYR A 170 34.06 12.77 5.12
CA TYR A 170 34.55 13.07 6.44
C TYR A 170 35.04 11.75 7.03
N ARG A 171 36.08 11.81 7.83
CA ARG A 171 36.66 10.62 8.44
C ARG A 171 35.67 9.77 9.21
N LEU A 172 34.72 10.42 9.85
CA LEU A 172 33.74 9.78 10.70
C LEU A 172 32.84 8.82 9.96
N ASP A 173 32.75 8.96 8.65
CA ASP A 173 31.86 8.15 7.86
C ASP A 173 32.42 6.85 7.29
N ILE A 174 33.74 6.61 7.41
CA ILE A 174 34.28 5.36 6.85
C ILE A 174 35.19 4.56 7.78
N VAL A 175 35.32 3.26 7.49
CA VAL A 175 36.23 2.36 8.22
C VAL A 175 37.06 1.49 7.29
N GLN A 176 38.28 1.18 7.71
CA GLN A 176 39.15 0.28 6.90
C GLN A 176 38.48 -1.08 6.87
N ILE A 177 38.11 -1.57 5.69
CA ILE A 177 37.54 -2.95 5.67
C ILE A 177 38.60 -3.92 6.18
N ASP A 178 39.84 -3.79 5.70
CA ASP A 178 40.95 -4.64 6.24
C ASP A 178 42.27 -3.89 6.10
N SER A 179 42.85 -3.39 7.20
CA SER A 179 44.15 -2.69 7.15
C SER A 179 45.25 -3.67 6.72
N ASN A 180 45.20 -4.91 7.21
CA ASN A 180 46.27 -5.89 6.92
C ASN A 180 46.36 -6.17 5.41
N ARG A 181 45.22 -6.37 4.75
CA ARG A 181 45.26 -6.57 3.28
C ARG A 181 45.69 -5.28 2.60
N THR A 182 45.12 -4.14 3.01
CA THR A 182 45.45 -2.86 2.32
C THR A 182 45.36 -1.68 3.29
N LYS A 183 46.32 -0.76 3.22
CA LYS A 183 46.24 0.46 4.05
C LYS A 183 45.07 1.34 3.59
N SER A 184 44.81 1.42 2.29
CA SER A 184 43.80 2.39 1.78
C SER A 184 42.38 1.79 1.62
N HIS A 185 42.16 0.53 1.98
CA HIS A 185 40.81 -0.05 1.71
C HIS A 185 39.78 0.31 2.79
N TYR A 186 38.78 1.13 2.45
CA TYR A 186 37.71 1.53 3.35
C TYR A 186 36.32 1.26 2.82
N ARG A 187 35.36 1.23 3.73
CA ARG A 187 33.96 1.08 3.41
C ARG A 187 33.11 2.03 4.23
N LEU A 188 31.86 2.24 3.81
CA LEU A 188 30.99 3.15 4.54
C LEU A 188 30.53 2.48 5.82
N ILE A 189 30.42 3.26 6.89
CA ILE A 189 30.05 2.71 8.19
C ILE A 189 28.72 2.00 8.34
N ASN A 190 27.73 2.31 7.53
CA ASN A 190 26.49 1.56 7.68
C ASN A 190 26.15 0.54 6.60
N CYS A 191 27.13 0.13 5.73
CA CYS A 191 26.84 -0.84 4.65
C CYS A 191 26.65 -2.27 5.17
N ASN A 192 27.02 -2.50 6.42
CA ASN A 192 26.81 -3.84 6.97
C ASN A 192 25.53 -3.93 7.84
N THR A 193 24.67 -2.88 7.81
CA THR A 193 23.40 -2.75 8.52
C THR A 193 22.39 -2.13 7.57
N SER A 194 21.31 -1.62 8.12
CA SER A 194 20.24 -1.08 7.30
C SER A 194 20.75 -0.09 6.28
N ALA A 195 20.19 -0.17 5.08
CA ALA A 195 20.64 0.65 3.98
C ALA A 195 20.55 2.11 4.27
N ILE A 196 21.59 2.79 3.82
CA ILE A 196 21.73 4.20 3.95
C ILE A 196 20.93 4.80 2.81
N THR A 197 20.05 5.73 3.11
CA THR A 197 19.23 6.33 2.05
C THR A 197 19.23 7.85 2.08
N GLN A 198 19.23 8.47 0.89
CA GLN A 198 19.04 9.91 0.75
C GLN A 198 19.08 10.40 -0.67
N ALA A 199 18.14 11.28 -0.92
CA ALA A 199 17.99 12.03 -2.13
C ALA A 199 17.08 13.18 -1.71
N CYS A 200 16.04 13.50 -2.51
CA CYS A 200 15.01 14.49 -2.21
C CYS A 200 15.67 15.82 -1.74
N PRO A 201 16.62 16.39 -2.52
CA PRO A 201 17.41 17.57 -2.19
C PRO A 201 16.55 18.81 -2.03
N LYS A 202 15.32 18.70 -2.53
CA LYS A 202 14.40 19.86 -2.52
C LYS A 202 13.56 19.85 -1.24
N VAL A 203 13.83 18.93 -0.32
CA VAL A 203 13.12 18.96 0.94
C VAL A 203 13.70 19.92 1.94
N SER A 204 12.81 20.70 2.52
CA SER A 204 13.19 21.64 3.54
C SER A 204 13.12 21.01 4.91
N PHE A 205 14.15 21.24 5.69
CA PHE A 205 14.22 20.72 7.04
C PHE A 205 14.09 21.82 8.05
N GLU A 206 13.64 22.97 7.59
CA GLU A 206 13.42 24.09 8.47
C GLU A 206 12.37 23.67 9.48
N PRO A 207 12.57 23.90 10.78
CA PRO A 207 11.63 23.59 11.81
C PRO A 207 10.51 24.62 11.85
N ILE A 208 9.68 24.58 10.83
CA ILE A 208 8.54 25.47 10.69
C ILE A 208 7.54 25.08 11.75
N PRO A 209 7.05 26.00 12.59
CA PRO A 209 6.14 25.69 13.65
C PRO A 209 4.81 25.21 13.15
N ILE A 210 4.27 24.26 13.87
CA ILE A 210 2.97 23.69 13.62
C ILE A 210 2.10 23.80 14.85
N HIS A 211 0.85 24.19 14.67
CA HIS A 211 -0.06 24.31 15.79
C HIS A 211 -0.85 23.03 15.87
N TYR A 212 -1.27 22.62 17.07
CA TYR A 212 -2.12 21.44 17.13
C TYR A 212 -3.47 21.76 17.77
N CYS A 213 -4.55 21.20 17.19
CA CYS A 213 -5.94 21.49 17.57
C CYS A 213 -6.69 20.26 18.06
N ALA A 214 -7.45 20.45 19.12
CA ALA A 214 -8.28 19.40 19.67
C ALA A 214 -9.45 19.14 18.73
N PRO A 215 -9.96 17.90 18.67
CA PRO A 215 -11.13 17.49 17.94
C PRO A 215 -12.37 17.99 18.62
N ALA A 216 -13.47 18.00 17.91
CA ALA A 216 -14.71 18.39 18.55
C ALA A 216 -14.95 17.45 19.71
N GLY A 217 -15.47 18.02 20.79
CA GLY A 217 -15.76 17.26 22.01
C GLY A 217 -14.62 17.38 23.00
N PHE A 218 -13.53 17.98 22.57
CA PHE A 218 -12.34 18.17 23.36
C PHE A 218 -11.86 19.60 23.35
N ALA A 219 -11.13 19.96 24.39
CA ALA A 219 -10.53 21.28 24.49
C ALA A 219 -9.23 21.21 25.24
N ILE A 220 -8.41 22.24 25.07
CA ILE A 220 -7.15 22.23 25.73
C ILE A 220 -7.12 23.39 26.73
N LEU A 221 -6.76 23.11 27.95
CA LEU A 221 -6.67 24.18 28.90
C LEU A 221 -5.23 24.66 28.92
N LYS A 222 -5.04 25.96 28.84
CA LYS A 222 -3.72 26.54 28.85
C LYS A 222 -3.46 27.31 30.16
N CYS A 223 -2.23 27.18 30.71
CA CYS A 223 -1.77 27.90 31.89
C CYS A 223 -1.08 29.20 31.45
N LYS A 224 -1.57 30.30 32.03
CA LYS A 224 -1.09 31.65 31.78
C LYS A 224 -0.19 32.18 32.89
N ASP A 225 0.14 31.34 33.86
CA ASP A 225 1.01 31.76 34.94
C ASP A 225 2.43 31.88 34.42
N LYS A 226 3.24 32.67 35.10
CA LYS A 226 4.60 32.92 34.67
C LYS A 226 5.63 32.22 35.55
N LYS A 227 5.24 31.89 36.78
CA LYS A 227 6.17 31.28 37.73
C LYS A 227 5.88 29.79 37.87
N PHE A 228 5.00 29.34 37.02
CA PHE A 228 4.53 27.97 37.00
C PHE A 228 5.48 26.97 36.38
N ASN A 229 5.63 25.82 37.07
CA ASN A 229 6.28 24.63 36.59
C ASN A 229 5.16 23.72 36.11
N GLY A 230 5.43 22.84 35.13
CA GLY A 230 4.45 21.96 34.48
C GLY A 230 3.71 20.96 35.36
N THR A 231 4.15 20.76 36.58
CA THR A 231 3.42 19.86 37.45
C THR A 231 2.80 20.59 38.60
N GLY A 232 1.50 20.38 38.78
CA GLY A 232 0.74 20.95 39.87
C GLY A 232 -0.32 21.95 39.39
N PRO A 233 -1.06 22.59 40.32
CA PRO A 233 -2.12 23.55 40.09
C PRO A 233 -1.62 24.81 39.39
N CYS A 234 -2.45 25.39 38.51
CA CYS A 234 -2.25 26.65 37.82
C CYS A 234 -3.50 27.52 38.11
N PRO A 235 -3.33 28.62 38.86
CA PRO A 235 -4.38 29.55 39.27
C PRO A 235 -4.87 30.47 38.16
N SER A 236 -4.15 30.53 37.05
CA SER A 236 -4.53 31.44 35.99
C SER A 236 -4.54 30.70 34.69
N VAL A 237 -5.73 30.33 34.26
CA VAL A 237 -5.89 29.53 33.06
C VAL A 237 -6.93 30.10 32.10
N SER A 238 -6.84 29.67 30.86
CA SER A 238 -7.77 29.99 29.80
C SER A 238 -7.99 28.79 28.90
N THR A 239 -9.10 28.74 28.20
CA THR A 239 -9.30 27.61 27.29
C THR A 239 -9.08 27.97 25.86
N VAL A 240 -8.45 27.04 25.16
CA VAL A 240 -8.19 27.18 23.76
C VAL A 240 -8.60 25.93 23.00
N GLN A 241 -8.77 26.10 21.72
CA GLN A 241 -8.97 24.91 20.90
C GLN A 241 -7.64 24.37 20.33
N CYS A 242 -6.69 25.30 20.06
CA CYS A 242 -5.41 25.07 19.42
C CYS A 242 -4.29 25.64 20.27
N THR A 243 -3.14 24.99 20.24
CA THR A 243 -1.92 25.41 20.90
C THR A 243 -1.23 26.42 20.02
N HIS A 244 -0.19 27.04 20.55
CA HIS A 244 0.62 27.94 19.77
C HIS A 244 1.42 27.09 18.84
N GLY A 245 2.14 27.68 17.91
CA GLY A 245 2.90 26.83 17.02
C GLY A 245 4.19 26.41 17.67
N ILE A 246 4.54 25.15 17.51
CA ILE A 246 5.79 24.66 18.02
C ILE A 246 6.71 24.23 16.94
N LYS A 247 7.90 24.78 16.99
CA LYS A 247 8.91 24.44 16.03
C LYS A 247 9.46 23.07 16.40
N PRO A 248 9.47 22.09 15.49
CA PRO A 248 9.96 20.74 15.69
C PRO A 248 11.47 20.73 15.65
N VAL A 249 12.05 21.37 16.62
CA VAL A 249 13.48 21.51 16.69
C VAL A 249 14.08 20.25 17.25
N VAL A 250 15.15 19.82 16.63
CA VAL A 250 15.83 18.63 17.06
C VAL A 250 17.17 19.08 17.62
N SER A 251 17.44 18.73 18.87
CA SER A 251 18.68 19.13 19.53
C SER A 251 19.02 18.12 20.63
N THR A 252 20.25 18.18 21.17
CA THR A 252 20.60 17.20 22.22
C THR A 252 21.09 17.75 23.55
N GLN A 253 21.53 18.99 23.60
CA GLN A 253 22.08 19.53 24.84
C GLN A 253 21.49 20.87 25.10
N LEU A 254 21.33 21.64 24.03
CA LEU A 254 20.81 22.97 24.19
C LEU A 254 19.44 22.94 23.58
N LEU A 255 18.55 23.68 24.16
CA LEU A 255 17.24 23.80 23.60
C LEU A 255 17.25 25.10 22.86
N LEU A 256 17.19 24.98 21.56
CA LEU A 256 17.29 26.14 20.69
C LEU A 256 15.96 26.48 20.07
N ASN A 257 15.77 27.76 19.64
CA ASN A 257 14.64 28.26 18.85
C ASN A 257 13.24 27.95 19.48
N GLY A 258 13.10 28.10 20.83
CA GLY A 258 11.84 27.85 21.58
C GLY A 258 11.29 29.09 22.27
N SER A 259 10.38 28.87 23.23
CA SER A 259 9.75 29.94 23.99
C SER A 259 10.45 30.14 25.34
N LEU A 260 11.05 31.33 25.47
CA LEU A 260 11.85 31.74 26.61
C LEU A 260 10.99 32.05 27.83
N ALA A 261 11.49 31.77 29.03
CA ALA A 261 10.78 32.13 30.25
C ALA A 261 10.67 33.64 30.29
N GLU A 262 9.56 34.16 30.80
CA GLU A 262 9.41 35.61 30.81
C GLU A 262 10.00 36.31 32.02
N GLU A 263 10.09 35.62 33.15
CA GLU A 263 10.57 36.31 34.34
C GLU A 263 11.79 35.70 34.98
N GLU A 264 11.78 34.39 35.16
CA GLU A 264 12.78 33.71 35.96
C GLU A 264 13.20 32.40 35.34
N VAL A 265 14.38 31.93 35.71
CA VAL A 265 14.83 30.64 35.25
C VAL A 265 14.05 29.57 35.97
N ILE A 266 13.48 28.64 35.24
CA ILE A 266 12.71 27.60 35.90
C ILE A 266 13.34 26.26 35.66
N ILE A 267 13.58 25.55 36.75
CA ILE A 267 14.16 24.24 36.62
C ILE A 267 13.13 23.17 36.93
N ARG A 268 12.96 22.27 35.98
CA ARG A 268 11.94 21.26 36.10
C ARG A 268 12.48 19.84 36.04
N SER A 269 11.97 19.01 36.94
CA SER A 269 12.30 17.59 36.99
C SER A 269 11.19 16.79 37.59
N GLU A 270 11.04 15.56 37.12
CA GLU A 270 10.03 14.65 37.68
C GLU A 270 10.29 14.38 39.19
N ASN A 271 11.58 14.27 39.55
CA ASN A 271 12.12 14.05 40.88
C ASN A 271 13.46 14.77 40.90
N ILE A 272 13.50 15.95 41.53
CA ILE A 272 14.65 16.85 41.51
C ILE A 272 15.92 16.29 42.16
N THR A 273 15.79 15.23 42.96
CA THR A 273 16.97 14.66 43.60
C THR A 273 17.34 13.32 42.98
N ASN A 274 16.62 12.93 41.93
CA ASN A 274 16.88 11.67 41.27
C ASN A 274 17.86 11.94 40.15
N ASN A 275 19.06 11.45 40.30
CA ASN A 275 20.11 11.81 39.37
C ASN A 275 20.10 10.93 38.13
N ALA A 276 19.12 10.03 38.08
CA ALA A 276 18.93 9.17 36.92
C ALA A 276 18.01 9.86 35.92
N LYS A 277 17.47 11.03 36.29
CA LYS A 277 16.55 11.77 35.45
C LYS A 277 17.20 13.01 34.85
N ASN A 278 16.63 13.51 33.76
CA ASN A 278 17.17 14.72 33.14
C ASN A 278 16.55 15.96 33.74
N ILE A 279 17.30 17.05 33.70
CA ILE A 279 16.83 18.33 34.20
C ILE A 279 16.59 19.33 33.10
N LEU A 280 15.40 19.89 33.09
CA LEU A 280 15.06 20.90 32.12
C LEU A 280 15.23 22.29 32.68
N VAL A 281 16.09 23.09 32.04
CA VAL A 281 16.29 24.45 32.50
C VAL A 281 15.72 25.41 31.48
N GLN A 282 14.71 26.17 31.85
CA GLN A 282 14.15 27.14 30.94
C GLN A 282 14.71 28.49 31.30
N LEU A 283 15.43 29.07 30.38
CA LEU A 283 16.09 30.32 30.66
C LEU A 283 15.18 31.47 30.41
N ASN A 284 15.44 32.58 31.11
CA ASN A 284 14.72 33.83 30.92
C ASN A 284 15.59 34.85 30.17
N THR A 285 16.74 34.36 29.69
CA THR A 285 17.71 35.14 28.94
C THR A 285 18.03 34.39 27.66
N PRO A 286 17.84 34.94 26.46
CA PRO A 286 18.17 34.24 25.25
C PRO A 286 19.67 34.29 25.13
N VAL A 287 20.30 33.24 24.63
CA VAL A 287 21.74 33.36 24.38
C VAL A 287 22.01 33.10 22.93
N GLN A 288 22.63 34.03 22.26
CA GLN A 288 22.86 33.82 20.84
C GLN A 288 24.12 33.03 20.56
N ILE A 289 24.00 32.10 19.63
CA ILE A 289 25.07 31.27 19.14
C ILE A 289 25.19 31.32 17.59
N ASN A 290 26.42 31.56 17.07
CA ASN A 290 26.78 31.67 15.65
C ASN A 290 27.64 30.49 15.18
N CYS A 291 27.10 29.60 14.33
CA CYS A 291 27.74 28.36 13.88
C CYS A 291 28.12 28.40 12.40
N THR A 292 29.26 27.77 12.08
CA THR A 292 29.68 27.72 10.70
C THR A 292 30.56 26.55 10.27
N ARG A 293 30.50 26.28 8.98
CA ARG A 293 31.36 25.34 8.27
C ARG A 293 32.10 26.17 7.22
N PRO A 294 33.24 26.78 7.57
CA PRO A 294 33.96 27.80 6.82
C PRO A 294 34.81 27.24 5.69
N ASN A 295 34.20 26.44 4.82
CA ASN A 295 34.89 25.76 3.72
C ASN A 295 34.01 25.81 2.47
N ASN A 296 34.49 26.43 1.37
CA ASN A 296 33.70 26.62 0.14
C ASN A 296 33.71 25.35 -0.74
N ASN A 297 33.02 24.31 -0.23
CA ASN A 297 32.90 22.98 -0.82
C ASN A 297 32.14 23.01 -2.13
N THR A 298 32.64 22.27 -3.11
CA THR A 298 31.98 22.18 -4.40
C THR A 298 31.25 20.88 -4.52
N VAL A 299 29.99 20.96 -4.91
CA VAL A 299 29.17 19.76 -5.03
C VAL A 299 29.03 19.31 -6.46
N LYS A 300 29.31 18.05 -6.66
CA LYS A 300 29.26 17.36 -7.92
C LYS A 300 28.18 16.30 -7.90
N SER A 301 27.75 15.85 -9.06
CA SER A 301 26.76 14.79 -9.08
C SER A 301 26.93 13.81 -10.21
N ILE A 302 26.41 12.61 -9.97
CA ILE A 302 26.40 11.50 -10.91
C ILE A 302 25.06 10.81 -11.02
N ARG A 303 24.93 10.00 -12.06
CA ARG A 303 23.80 9.10 -12.14
C ARG A 303 24.35 7.71 -11.95
N ILE A 304 23.71 6.97 -11.08
CA ILE A 304 24.06 5.60 -10.74
C ILE A 304 23.26 4.59 -11.53
N GLY A 305 22.02 4.93 -11.74
CA GLY A 305 21.03 4.08 -12.38
C GLY A 305 19.92 4.96 -12.96
N PRO A 306 18.70 4.45 -13.13
CA PRO A 306 17.60 5.10 -13.83
C PRO A 306 17.02 6.32 -13.12
N GLY A 307 17.74 7.44 -13.25
CA GLY A 307 17.38 8.72 -12.64
C GLY A 307 17.85 8.75 -11.21
N GLN A 308 18.71 7.81 -10.90
CA GLN A 308 19.20 7.64 -9.55
C GLN A 308 20.36 8.55 -9.30
N ALA A 309 20.05 9.83 -9.11
CA ALA A 309 21.05 10.86 -8.91
C ALA A 309 21.68 10.78 -7.53
N PHE A 310 22.97 11.07 -7.47
CA PHE A 310 23.73 11.13 -6.23
C PHE A 310 24.59 12.38 -6.15
N TYR A 311 24.61 12.99 -4.98
CA TYR A 311 25.34 14.24 -4.79
C TYR A 311 26.44 14.09 -3.78
N TYR A 312 27.58 14.69 -4.08
CA TYR A 312 28.74 14.60 -3.22
C TYR A 312 29.73 15.74 -3.33
N THR A 313 30.57 15.86 -2.31
CA THR A 313 31.61 16.88 -2.37
C THR A 313 32.71 16.42 -3.30
N GLY A 314 33.11 17.31 -4.18
CA GLY A 314 34.18 17.16 -5.13
C GLY A 314 35.36 17.86 -4.50
N ASP A 315 35.93 18.85 -5.15
CA ASP A 315 37.04 19.49 -4.50
C ASP A 315 36.48 20.56 -3.56
N ILE A 316 37.36 21.25 -2.85
CA ILE A 316 36.98 22.33 -1.94
C ILE A 316 37.74 23.59 -2.28
N ILE A 317 37.04 24.68 -2.42
CA ILE A 317 37.68 25.93 -2.74
C ILE A 317 38.26 26.56 -1.47
N GLY A 318 39.52 26.94 -1.54
CA GLY A 318 40.20 27.53 -0.41
C GLY A 318 40.92 26.45 0.41
N ASP A 319 41.36 26.83 1.59
CA ASP A 319 42.11 25.94 2.45
C ASP A 319 41.18 25.25 3.43
N ILE A 320 41.70 24.42 4.34
CA ILE A 320 40.75 23.71 5.22
C ILE A 320 40.82 24.10 6.68
N ARG A 321 39.65 24.47 7.20
CA ARG A 321 39.48 24.93 8.55
C ARG A 321 38.43 24.15 9.32
N GLN A 322 38.54 24.14 10.63
CA GLN A 322 37.58 23.43 11.44
C GLN A 322 36.30 24.23 11.64
N ALA A 323 35.18 23.51 11.59
CA ALA A 323 33.86 24.07 11.83
C ALA A 323 33.80 24.50 13.28
N HIS A 324 33.02 25.51 13.58
CA HIS A 324 32.93 25.98 14.95
C HIS A 324 31.68 26.83 15.22
N CYS A 325 31.36 27.06 16.52
CA CYS A 325 30.28 27.95 16.99
C CYS A 325 30.81 28.98 18.00
N ASN A 326 30.33 30.21 17.89
CA ASN A 326 30.70 31.26 18.83
C ASN A 326 29.50 31.70 19.67
N VAL A 327 29.77 31.96 20.98
CA VAL A 327 28.83 32.58 21.93
C VAL A 327 29.53 33.70 22.67
N SER A 328 28.78 34.65 23.23
CA SER A 328 29.39 35.68 24.06
C SER A 328 29.76 35.07 25.39
N LYS A 329 31.00 35.31 25.82
CA LYS A 329 31.44 34.73 27.05
C LYS A 329 30.69 35.32 28.20
N ALA A 330 30.54 36.64 28.17
CA ALA A 330 29.87 37.30 29.26
C ALA A 330 28.42 36.89 29.34
N THR A 331 27.79 36.72 28.19
CA THR A 331 26.39 36.37 28.25
C THR A 331 26.24 35.00 28.86
N TRP A 332 27.08 34.07 28.43
CA TRP A 332 27.01 32.73 28.94
C TRP A 332 27.29 32.70 30.43
N ASN A 333 28.27 33.48 30.88
CA ASN A 333 28.61 33.52 32.29
C ASN A 333 27.42 34.00 33.10
N GLU A 334 26.73 35.04 32.62
CA GLU A 334 25.58 35.55 33.34
C GLU A 334 24.45 34.55 33.32
N THR A 335 24.32 33.83 32.21
CA THR A 335 23.29 32.83 32.06
C THR A 335 23.48 31.78 33.13
N LEU A 336 24.71 31.31 33.28
CA LEU A 336 24.95 30.31 34.28
C LEU A 336 24.74 30.88 35.65
N GLY A 337 25.12 32.12 35.89
CA GLY A 337 24.94 32.63 37.24
C GLY A 337 23.47 32.55 37.65
N LYS A 338 22.56 32.84 36.72
CA LYS A 338 21.14 32.76 37.03
C LYS A 338 20.71 31.32 37.27
N VAL A 339 21.26 30.40 36.49
CA VAL A 339 20.94 28.98 36.63
C VAL A 339 21.42 28.48 37.99
N VAL A 340 22.61 28.90 38.40
CA VAL A 340 23.20 28.51 39.65
C VAL A 340 22.33 29.00 40.79
N LYS A 341 21.85 30.23 40.73
CA LYS A 341 20.97 30.70 41.79
C LYS A 341 19.73 29.84 41.88
N GLN A 342 19.16 29.47 40.72
CA GLN A 342 17.97 28.66 40.73
C GLN A 342 18.24 27.26 41.27
N LEU A 343 19.41 26.72 40.95
CA LEU A 343 19.75 25.42 41.47
C LEU A 343 19.88 25.48 42.97
N ARG A 344 20.44 26.55 43.50
CA ARG A 344 20.57 26.66 44.94
C ARG A 344 19.20 26.74 45.57
N LYS A 345 18.26 27.45 44.94
CA LYS A 345 16.92 27.56 45.50
C LYS A 345 16.34 26.17 45.71
N HIS A 346 16.62 25.30 44.76
CA HIS A 346 16.14 23.93 44.81
C HIS A 346 16.90 23.01 45.76
N PHE A 347 18.18 23.27 45.97
CA PHE A 347 18.98 22.42 46.81
C PHE A 347 19.46 23.13 48.08
N GLY A 348 20.77 23.06 48.39
CA GLY A 348 21.25 23.65 49.63
C GLY A 348 21.62 25.13 49.49
N ASN A 349 21.76 25.84 50.64
CA ASN A 349 22.16 27.25 50.69
C ASN A 349 23.67 27.37 50.79
N ASN A 350 24.21 28.48 50.21
CA ASN A 350 25.63 28.88 50.22
C ASN A 350 26.53 27.73 49.81
N THR A 351 26.08 26.98 48.84
CA THR A 351 26.79 25.79 48.43
C THR A 351 27.54 25.97 47.16
N ILE A 352 28.25 24.92 46.76
CA ILE A 352 29.08 24.97 45.59
C ILE A 352 28.52 24.15 44.46
N ILE A 353 28.45 24.80 43.31
CA ILE A 353 27.99 24.25 42.05
C ILE A 353 29.08 24.35 41.02
N ARG A 354 29.33 23.24 40.36
CA ARG A 354 30.35 23.14 39.35
C ARG A 354 29.78 22.53 38.10
N PHE A 355 30.47 22.76 36.99
CA PHE A 355 30.07 22.19 35.74
C PHE A 355 31.19 21.36 35.11
N ALA A 356 30.79 20.40 34.28
CA ALA A 356 31.70 19.52 33.56
C ALA A 356 31.05 19.01 32.29
N GLN A 357 31.84 18.50 31.37
CA GLN A 357 31.29 17.91 30.15
C GLN A 357 30.73 16.52 30.47
N SER A 358 30.16 15.85 29.46
CA SER A 358 29.58 14.54 29.72
C SER A 358 30.63 13.46 29.89
N SER A 359 30.20 12.36 30.51
CA SER A 359 31.08 11.23 30.79
C SER A 359 31.22 10.23 29.65
N GLY A 360 31.72 10.71 28.53
CA GLY A 360 31.97 9.88 27.36
C GLY A 360 30.72 9.53 26.57
N GLY A 361 30.86 8.54 25.67
CA GLY A 361 29.79 8.14 24.77
C GLY A 361 30.11 8.64 23.36
N ASP A 362 29.25 8.32 22.39
CA ASP A 362 29.53 8.71 21.01
C ASP A 362 29.12 10.17 20.78
N LEU A 363 29.31 10.68 19.58
CA LEU A 363 29.06 12.08 19.33
C LEU A 363 27.61 12.44 19.59
N GLU A 364 26.70 11.55 19.30
CA GLU A 364 25.29 11.84 19.49
C GLU A 364 24.92 12.15 20.93
N VAL A 365 25.76 11.75 21.89
CA VAL A 365 25.49 12.03 23.28
C VAL A 365 26.55 12.94 23.91
N THR A 366 27.70 13.15 23.26
CA THR A 366 28.71 14.00 23.88
C THR A 366 28.81 15.40 23.28
N THR A 367 28.40 15.56 22.04
CA THR A 367 28.51 16.85 21.39
C THR A 367 27.16 17.45 21.29
N HIS A 368 27.10 18.71 20.91
CA HIS A 368 25.79 19.20 20.71
C HIS A 368 25.43 18.96 19.28
N SER A 369 24.44 18.08 19.08
CA SER A 369 24.00 17.74 17.76
C SER A 369 22.81 18.55 17.34
N PHE A 370 22.94 19.17 16.19
CA PHE A 370 21.88 19.98 15.62
C PHE A 370 22.04 20.01 14.12
N ASN A 371 21.01 20.48 13.44
CA ASN A 371 21.03 20.60 12.00
C ASN A 371 20.81 22.03 11.58
N CYS A 372 21.43 22.44 10.46
CA CYS A 372 21.14 23.70 9.81
C CYS A 372 21.43 23.56 8.32
N GLY A 373 20.43 23.84 7.52
CA GLY A 373 20.55 23.80 6.08
C GLY A 373 20.50 22.38 5.53
N GLY A 374 20.24 21.40 6.38
CA GLY A 374 20.27 20.01 5.95
C GLY A 374 21.56 19.34 6.42
N GLU A 375 22.54 20.11 6.91
CA GLU A 375 23.75 19.47 7.41
C GLU A 375 23.75 19.38 8.90
N PHE A 376 24.45 18.37 9.38
CA PHE A 376 24.54 18.13 10.78
C PHE A 376 25.85 18.54 11.36
N PHE A 377 25.76 19.06 12.57
CA PHE A 377 26.88 19.54 13.33
C PHE A 377 26.95 18.77 14.61
N TYR A 378 28.16 18.47 15.03
CA TYR A 378 28.47 17.80 16.28
C TYR A 378 29.54 18.61 17.03
N CYS A 379 29.09 19.63 17.80
CA CYS A 379 29.95 20.64 18.43
C CYS A 379 30.43 20.28 19.82
N ASN A 380 31.69 20.61 20.08
CA ASN A 380 32.29 20.35 21.37
C ASN A 380 31.98 21.50 22.34
N THR A 381 31.08 21.24 23.28
CA THR A 381 30.52 22.15 24.27
C THR A 381 31.21 22.07 25.60
N SER A 382 32.30 21.32 25.72
CA SER A 382 32.94 21.19 27.03
C SER A 382 33.41 22.54 27.56
N GLY A 383 33.72 23.48 26.67
CA GLY A 383 34.17 24.80 27.05
C GLY A 383 33.06 25.64 27.69
N LEU A 384 31.82 25.20 27.56
CA LEU A 384 30.71 25.93 28.15
C LEU A 384 30.51 25.48 29.58
N PHE A 385 31.12 24.37 29.92
CA PHE A 385 30.99 23.79 31.25
C PHE A 385 32.25 23.84 32.10
N ASN A 386 33.37 24.41 31.59
CA ASN A 386 34.66 24.42 32.27
C ASN A 386 34.73 25.59 33.27
N SER A 387 33.87 25.52 34.32
CA SER A 387 33.72 26.55 35.36
C SER A 387 33.18 26.03 36.67
N THR A 388 33.43 26.83 37.70
CA THR A 388 32.89 26.60 39.02
C THR A 388 32.29 27.89 39.53
N TRP A 389 31.33 27.76 40.43
CA TRP A 389 30.68 28.87 41.07
C TRP A 389 30.82 28.73 42.56
N ILE A 390 30.85 29.84 43.26
CA ILE A 390 30.99 29.81 44.71
C ILE A 390 29.87 30.55 45.38
N SER A 391 29.75 30.34 46.69
CA SER A 391 28.72 30.98 47.51
C SER A 391 28.77 32.52 47.62
N ASN A 392 29.95 33.16 47.41
CA ASN A 392 30.13 34.62 47.45
C ASN A 392 29.64 35.22 46.13
N ASN A 404 34.68 42.94 23.81
CA ASN A 404 34.32 41.72 23.09
C ASN A 404 35.21 40.57 23.62
N ASP A 405 34.57 39.55 24.24
CA ASP A 405 35.21 38.35 24.81
C ASP A 405 34.22 37.22 24.55
N SER A 406 34.65 36.26 23.73
CA SER A 406 33.79 35.19 23.27
C SER A 406 34.38 33.81 23.43
N ILE A 407 33.51 32.83 23.33
CA ILE A 407 33.87 31.43 23.41
C ILE A 407 33.69 30.72 22.09
N THR A 408 34.76 30.10 21.61
CA THR A 408 34.66 29.35 20.37
C THR A 408 34.65 27.86 20.66
N LEU A 409 33.65 27.20 20.14
CA LEU A 409 33.45 25.78 20.28
C LEU A 409 33.82 25.12 18.95
N PRO A 410 34.80 24.23 18.88
CA PRO A 410 35.18 23.56 17.64
C PRO A 410 34.04 22.59 17.38
N CYS A 411 33.77 22.27 16.11
CA CYS A 411 32.72 21.34 15.67
C CYS A 411 33.16 20.33 14.63
N ARG A 412 32.50 19.19 14.65
CA ARG A 412 32.67 18.16 13.66
C ARG A 412 31.46 18.08 12.75
N ILE A 413 31.69 17.62 11.54
CA ILE A 413 30.62 17.44 10.56
C ILE A 413 30.57 15.97 10.17
N LYS A 414 29.38 15.40 10.13
CA LYS A 414 29.22 14.00 9.79
C LYS A 414 28.12 13.85 8.74
N GLN A 415 28.29 12.96 7.75
CA GLN A 415 27.23 12.77 6.78
C GLN A 415 26.45 11.47 6.91
N ILE A 416 27.03 10.40 7.45
CA ILE A 416 26.18 9.22 7.52
C ILE A 416 25.72 9.16 8.94
N ILE A 417 24.44 9.39 9.10
CA ILE A 417 23.81 9.57 10.37
C ILE A 417 22.69 8.57 10.59
N ASN A 418 22.68 7.94 11.74
CA ASN A 418 21.64 6.98 11.98
C ASN A 418 20.42 7.70 12.45
N MET A 419 19.36 6.96 12.66
CA MET A 419 18.14 7.58 13.09
C MET A 419 18.11 7.89 14.56
N TRP A 420 17.52 9.02 14.86
CA TRP A 420 17.29 9.57 16.16
C TRP A 420 17.38 8.55 17.29
N GLN A 421 16.40 7.67 17.37
CA GLN A 421 16.36 6.65 18.41
C GLN A 421 16.18 5.28 17.79
N ARG A 422 16.74 5.07 16.61
CA ARG A 422 16.58 3.78 15.95
C ARG A 422 17.88 3.28 15.34
N ILE A 423 18.00 1.97 15.22
CA ILE A 423 19.19 1.38 14.60
C ILE A 423 18.84 0.56 13.36
N GLY A 424 17.59 0.69 12.91
CA GLY A 424 17.09 -0.02 11.75
C GLY A 424 17.10 0.85 10.51
N GLN A 425 17.68 2.03 10.64
CA GLN A 425 17.73 3.02 9.58
C GLN A 425 19.08 3.71 9.51
N ALA A 426 19.42 4.18 8.31
CA ALA A 426 20.57 5.03 8.14
C ALA A 426 20.26 6.04 7.06
N MET A 427 20.72 7.26 7.26
CA MET A 427 20.51 8.35 6.34
C MET A 427 21.79 9.05 5.94
N TYR A 428 21.84 9.48 4.70
CA TYR A 428 23.00 10.25 4.26
C TYR A 428 22.72 11.72 4.07
N ALA A 429 23.46 12.58 4.72
CA ALA A 429 23.22 13.99 4.57
C ALA A 429 23.99 14.52 3.36
N PRO A 430 23.34 15.12 2.37
CA PRO A 430 23.95 15.61 1.18
C PRO A 430 24.74 16.81 1.59
N PRO A 431 25.76 17.19 0.87
CA PRO A 431 26.54 18.38 1.09
C PRO A 431 25.79 19.62 0.63
N ILE A 432 26.12 20.73 1.25
CA ILE A 432 25.62 22.03 0.82
C ILE A 432 26.67 22.80 0.06
N GLN A 433 26.33 23.20 -1.15
CA GLN A 433 27.26 23.96 -1.97
C GLN A 433 27.64 25.27 -1.28
N GLY A 434 28.94 25.54 -1.18
CA GLY A 434 29.40 26.78 -0.57
C GLY A 434 29.62 26.71 0.94
N VAL A 435 29.52 27.87 1.57
CA VAL A 435 29.82 28.04 2.98
C VAL A 435 28.56 28.37 3.74
N ILE A 436 28.36 27.66 4.83
CA ILE A 436 27.18 27.86 5.64
C ILE A 436 27.48 28.51 6.98
N ARG A 437 26.70 29.54 7.29
CA ARG A 437 26.73 30.30 8.54
C ARG A 437 25.28 30.39 9.05
N CYS A 438 25.04 29.98 10.33
CA CYS A 438 23.73 29.93 10.99
C CYS A 438 23.73 30.61 12.35
N VAL A 439 22.67 31.33 12.64
CA VAL A 439 22.53 31.98 13.93
C VAL A 439 21.21 31.64 14.60
N SER A 440 21.30 31.23 15.85
CA SER A 440 20.11 30.85 16.62
C SER A 440 20.29 31.25 18.08
N ASN A 441 19.19 31.23 18.88
CA ASN A 441 19.21 31.51 20.31
C ASN A 441 18.96 30.24 21.11
N ILE A 442 19.60 30.17 22.28
CA ILE A 442 19.46 29.17 23.30
C ILE A 442 18.32 29.64 24.19
N THR A 443 17.35 28.77 24.34
CA THR A 443 16.12 29.00 25.10
C THR A 443 16.19 28.26 26.41
N GLY A 444 16.91 27.17 26.40
CA GLY A 444 17.02 26.35 27.58
C GLY A 444 18.17 25.39 27.48
N LEU A 445 18.38 24.68 28.57
CA LEU A 445 19.49 23.76 28.70
C LEU A 445 19.02 22.39 29.16
N ILE A 446 19.74 21.34 28.79
CA ILE A 446 19.44 20.06 29.40
C ILE A 446 20.60 19.72 30.33
N LEU A 447 20.31 19.58 31.60
CA LEU A 447 21.34 19.25 32.56
C LEU A 447 21.22 17.88 33.15
N THR A 448 22.36 17.36 33.52
CA THR A 448 22.46 16.14 34.26
C THR A 448 23.11 16.45 35.60
N ARG A 449 22.49 16.04 36.68
CA ARG A 449 23.05 16.27 38.00
C ARG A 449 23.81 15.02 38.36
N ASP A 450 25.10 15.14 38.59
CA ASP A 450 25.86 13.97 38.89
C ASP A 450 25.56 13.55 40.32
N GLY A 451 25.84 12.30 40.64
CA GLY A 451 25.56 11.78 41.97
C GLY A 451 26.73 11.83 42.94
N GLY A 452 26.55 11.12 44.05
CA GLY A 452 27.54 11.05 45.12
C GLY A 452 27.09 11.88 46.32
N SER A 453 27.16 11.29 47.50
CA SER A 453 26.72 11.98 48.71
C SER A 453 27.82 12.89 49.23
N THR A 454 28.09 13.94 48.46
CA THR A 454 29.19 14.88 48.68
C THR A 454 28.80 16.01 49.61
N ASN A 455 28.11 15.66 50.68
CA ASN A 455 27.69 16.58 51.72
C ASN A 455 26.92 17.79 51.16
N SER A 456 26.09 17.56 50.16
CA SER A 456 25.26 18.59 49.52
C SER A 456 26.07 19.78 48.96
N THR A 457 27.33 19.52 48.61
CA THR A 457 28.14 20.55 48.00
C THR A 457 28.90 20.03 46.80
N THR A 458 29.64 20.95 46.19
CA THR A 458 30.43 20.76 44.98
C THR A 458 29.72 19.83 44.02
N GLU A 459 28.46 20.17 43.75
CA GLU A 459 27.65 19.35 42.87
C GLU A 459 28.10 19.59 41.46
N THR A 460 28.13 18.55 40.64
CA THR A 460 28.55 18.74 39.26
C THR A 460 27.42 18.54 38.30
N PHE A 461 27.26 19.51 37.43
CA PHE A 461 26.25 19.45 36.40
C PHE A 461 26.91 19.25 35.06
N ARG A 462 26.31 18.40 34.25
CA ARG A 462 26.85 18.03 32.96
C ARG A 462 25.78 18.14 31.87
N PRO A 463 26.16 18.25 30.60
CA PRO A 463 25.29 18.16 29.47
C PRO A 463 24.91 16.71 29.34
N GLY A 464 23.83 16.43 28.63
CA GLY A 464 23.41 15.06 28.39
C GLY A 464 21.91 15.07 28.32
N GLY A 465 21.28 13.90 28.32
CA GLY A 465 19.82 13.87 28.24
C GLY A 465 19.27 14.17 26.86
N GLY A 466 20.00 13.82 25.80
CA GLY A 466 19.59 14.10 24.41
C GLY A 466 18.46 13.22 23.86
N ASP A 467 17.35 13.19 24.56
CA ASP A 467 16.12 12.48 24.19
C ASP A 467 15.17 13.51 23.63
N MET A 468 14.81 13.37 22.39
CA MET A 468 13.98 14.38 21.72
C MET A 468 12.69 14.70 22.47
N ARG A 469 12.12 13.71 23.13
CA ARG A 469 10.88 13.95 23.81
C ARG A 469 11.04 14.91 24.96
N ASP A 470 12.25 15.08 25.45
CA ASP A 470 12.46 15.97 26.57
C ASP A 470 12.61 17.40 26.08
N ASN A 471 12.74 17.59 24.78
CA ASN A 471 12.96 18.93 24.30
C ASN A 471 11.62 19.60 24.23
N TRP A 472 10.65 18.82 23.82
CA TRP A 472 9.31 19.33 23.56
C TRP A 472 8.54 19.59 24.83
N ARG A 473 9.10 19.09 25.91
CA ARG A 473 8.54 19.27 27.22
C ARG A 473 8.60 20.73 27.56
N SER A 474 9.56 21.45 26.99
CA SER A 474 9.72 22.85 27.28
C SER A 474 8.64 23.70 26.64
N GLU A 475 7.86 23.13 25.71
CA GLU A 475 6.82 23.91 25.07
C GLU A 475 5.43 23.53 25.54
N LEU A 476 5.21 22.26 25.83
CA LEU A 476 3.87 21.82 26.19
C LEU A 476 3.57 21.69 27.65
N TYR A 477 4.48 22.16 28.49
CA TYR A 477 4.32 22.07 29.94
C TYR A 477 3.14 22.90 30.42
N LYS A 478 2.67 23.82 29.60
CA LYS A 478 1.56 24.70 29.91
C LYS A 478 0.19 24.16 29.49
N TYR A 479 0.12 22.98 28.86
CA TYR A 479 -1.19 22.53 28.40
C TYR A 479 -1.75 21.24 29.01
N LYS A 480 -3.08 21.21 29.12
CA LYS A 480 -3.83 20.04 29.56
C LYS A 480 -4.95 19.69 28.58
N VAL A 481 -5.16 18.42 28.29
CA VAL A 481 -6.25 18.09 27.38
C VAL A 481 -7.39 17.38 28.09
N VAL A 482 -8.61 17.92 27.91
CA VAL A 482 -9.77 17.32 28.53
C VAL A 482 -10.90 17.07 27.56
N LYS A 483 -11.74 16.13 27.94
CA LYS A 483 -12.95 15.81 27.25
C LYS A 483 -14.05 16.64 27.83
N ILE A 484 -14.96 17.06 26.99
CA ILE A 484 -16.10 17.83 27.42
C ILE A 484 -17.28 16.90 27.69
N GLU A 485 -17.86 17.04 28.88
CA GLU A 485 -18.98 16.23 29.30
C GLU A 485 -20.20 17.07 29.60
N PRO A 486 -21.02 17.41 28.58
CA PRO A 486 -22.13 18.34 28.64
C PRO A 486 -23.33 17.83 29.42
N LEU A 487 -23.32 16.56 29.76
CA LEU A 487 -24.48 16.01 30.44
C LEU A 487 -24.38 16.11 31.95
N GLY A 488 -25.33 16.82 32.56
CA GLY A 488 -25.29 17.01 34.01
C GLY A 488 -26.48 16.42 34.75
N VAL A 489 -26.26 16.18 36.02
CA VAL A 489 -27.24 15.66 36.95
C VAL A 489 -27.37 16.52 38.18
N ALA A 490 -28.59 16.93 38.57
CA ALA A 490 -28.69 17.68 39.83
C ALA A 490 -30.14 17.71 40.36
N PRO A 491 -30.35 17.77 41.67
CA PRO A 491 -31.65 17.90 42.30
C PRO A 491 -32.25 19.29 42.22
N THR A 492 -33.57 19.30 42.19
CA THR A 492 -34.38 20.51 42.29
C THR A 492 -35.82 20.18 42.70
N ARG A 493 -36.66 21.20 42.72
CA ARG A 493 -38.06 21.05 43.08
C ARG A 493 -39.03 21.32 41.92
N CYS A 494 -39.55 20.24 41.31
CA CYS A 494 -40.49 20.23 40.20
C CYS A 494 -41.05 18.81 40.08
N LYS A 495 -42.03 18.58 39.22
CA LYS A 495 -42.50 17.23 38.94
C LYS A 495 -43.47 17.29 37.75
N LEU B 9 -19.92 35.29 28.31
CA LEU B 9 -18.96 34.20 28.44
C LEU B 9 -18.87 33.45 27.11
N GLY B 10 -17.68 32.83 26.85
CA GLY B 10 -17.37 32.03 25.67
C GLY B 10 -17.58 30.54 25.93
N PHE B 11 -17.05 29.71 25.03
CA PHE B 11 -17.23 28.28 25.18
C PHE B 11 -16.39 27.75 26.30
N LEU B 12 -17.07 27.13 27.26
CA LEU B 12 -16.55 26.60 28.49
C LEU B 12 -16.16 27.74 29.43
N GLY B 13 -16.65 28.94 29.15
CA GLY B 13 -16.38 30.12 29.97
C GLY B 13 -17.15 30.07 31.25
N ALA B 14 -18.09 29.15 31.31
CA ALA B 14 -18.94 28.95 32.45
C ALA B 14 -18.32 27.99 33.44
N ALA B 15 -17.13 27.50 33.16
CA ALA B 15 -16.53 26.52 34.06
C ALA B 15 -16.43 27.01 35.52
N GLY B 16 -16.14 28.27 35.74
CA GLY B 16 -16.04 28.72 37.12
C GLY B 16 -17.32 29.32 37.66
N SER B 17 -18.38 29.29 36.85
CA SER B 17 -19.66 29.87 37.20
C SER B 17 -20.40 28.91 38.08
N THR B 18 -21.38 29.40 38.81
CA THR B 18 -22.14 28.53 39.66
C THR B 18 -23.06 27.74 38.79
N MET B 19 -23.60 26.68 39.34
CA MET B 19 -24.47 25.82 38.56
C MET B 19 -25.66 26.56 38.00
N GLY B 20 -26.23 27.44 38.83
CA GLY B 20 -27.34 28.28 38.42
C GLY B 20 -26.89 29.26 37.34
N ALA B 21 -25.80 29.97 37.58
CA ALA B 21 -25.35 30.97 36.62
C ALA B 21 -25.03 30.36 35.26
N ALA B 22 -24.49 29.15 35.29
CA ALA B 22 -24.05 28.44 34.13
C ALA B 22 -25.21 27.93 33.31
N SER B 23 -26.40 27.97 33.87
CA SER B 23 -27.56 27.45 33.21
C SER B 23 -28.01 28.40 32.14
N MET B 24 -27.40 29.60 32.13
CA MET B 24 -27.75 30.62 31.17
C MET B 24 -26.89 30.57 29.91
N THR B 25 -25.90 29.66 29.85
CA THR B 25 -25.01 29.59 28.69
C THR B 25 -25.09 28.23 28.03
N LEU B 26 -26.11 27.48 28.38
CA LEU B 26 -26.20 26.11 27.92
C LEU B 26 -26.34 25.98 26.42
N THR B 27 -26.98 26.95 25.76
CA THR B 27 -27.14 26.82 24.32
C THR B 27 -25.80 26.93 23.61
N VAL B 28 -24.91 27.73 24.16
CA VAL B 28 -23.61 27.91 23.57
C VAL B 28 -22.82 26.66 23.75
N GLN B 29 -22.89 26.13 24.94
CA GLN B 29 -22.13 24.97 25.26
C GLN B 29 -22.52 23.80 24.38
N ALA B 30 -23.81 23.67 24.13
CA ALA B 30 -24.29 22.59 23.29
C ALA B 30 -23.91 22.81 21.82
N ARG B 31 -23.98 24.05 21.35
CA ARG B 31 -23.68 24.32 19.95
C ARG B 31 -22.29 23.90 19.58
N ASN B 32 -21.37 24.13 20.49
CA ASN B 32 -19.98 23.91 20.19
C ASN B 32 -19.51 22.49 20.40
N LEU B 33 -20.44 21.57 20.61
CA LEU B 33 -20.08 20.18 20.72
C LEU B 33 -19.84 19.56 19.35
N LEU B 34 -20.33 20.20 18.29
CA LEU B 34 -20.12 19.65 16.96
C LEU B 34 -19.15 20.52 16.16
N SER B 35 -18.41 19.86 15.21
CA SER B 35 -17.52 20.52 14.25
C SER B 35 -18.34 21.31 13.22
N LYS B 56 -3.05 11.94 -1.17
CA LYS B 56 -3.47 10.82 -0.32
C LYS B 56 -2.34 9.79 -0.08
N ASP B 57 -1.09 10.28 0.16
CA ASP B 57 0.12 9.50 0.44
C ASP B 57 0.38 9.38 1.94
N THR B 58 -0.55 9.86 2.75
CA THR B 58 -0.39 9.88 4.18
C THR B 58 -1.45 9.07 4.89
N HIS B 59 -1.10 8.57 6.07
CA HIS B 59 -2.00 7.84 6.94
C HIS B 59 -2.81 8.80 7.81
N TRP B 60 -2.46 10.09 7.74
CA TRP B 60 -3.16 11.07 8.53
C TRP B 60 -4.63 11.16 8.19
N GLY B 61 -4.99 10.86 6.95
CA GLY B 61 -6.39 10.92 6.59
C GLY B 61 -7.22 9.95 7.43
N ILE B 62 -6.60 8.85 7.88
CA ILE B 62 -7.30 7.85 8.64
C ILE B 62 -7.52 8.38 10.04
N LYS B 63 -6.48 8.96 10.65
CA LYS B 63 -6.73 9.43 12.01
C LYS B 63 -7.73 10.58 12.00
N GLN B 64 -7.77 11.34 10.91
CA GLN B 64 -8.70 12.45 10.82
C GLN B 64 -10.13 11.90 10.74
N LEU B 65 -10.33 10.81 9.99
CA LEU B 65 -11.63 10.18 9.95
C LEU B 65 -11.98 9.63 11.30
N GLN B 66 -11.03 9.06 12.01
CA GLN B 66 -11.36 8.51 13.31
C GLN B 66 -11.81 9.58 14.25
N ALA B 67 -11.16 10.74 14.22
CA ALA B 67 -11.56 11.81 15.11
C ALA B 67 -12.96 12.27 14.83
N ARG B 68 -13.32 12.39 13.56
CA ARG B 68 -14.64 12.83 13.24
C ARG B 68 -15.68 11.80 13.61
N VAL B 69 -15.38 10.53 13.39
CA VAL B 69 -16.31 9.50 13.70
C VAL B 69 -16.56 9.42 15.17
N LEU B 70 -15.50 9.50 15.98
CA LEU B 70 -15.71 9.42 17.40
C LEU B 70 -16.49 10.60 17.89
N ALA B 71 -16.25 11.79 17.35
CA ALA B 71 -17.02 12.91 17.84
C ALA B 71 -18.51 12.65 17.63
N VAL B 72 -18.83 12.03 16.49
CA VAL B 72 -20.20 11.70 16.22
C VAL B 72 -20.72 10.66 17.18
N GLU B 73 -19.94 9.62 17.45
CA GLU B 73 -20.43 8.60 18.35
C GLU B 73 -20.69 9.15 19.74
N HIS B 74 -19.84 10.06 20.22
CA HIS B 74 -20.06 10.58 21.55
C HIS B 74 -21.31 11.42 21.57
N TYR B 75 -21.48 12.22 20.54
CA TYR B 75 -22.64 13.05 20.45
C TYR B 75 -23.90 12.22 20.44
N LEU B 76 -23.95 11.22 19.57
CA LEU B 76 -25.14 10.43 19.44
C LEU B 76 -25.43 9.62 20.67
N ARG B 77 -24.42 9.12 21.35
CA ARG B 77 -24.70 8.35 22.54
C ARG B 77 -25.41 9.21 23.55
N ASP B 78 -24.92 10.44 23.73
CA ASP B 78 -25.56 11.28 24.71
C ASP B 78 -26.93 11.69 24.25
N GLN B 79 -27.10 11.92 22.95
CA GLN B 79 -28.40 12.33 22.49
C GLN B 79 -29.40 11.22 22.66
N GLN B 80 -29.00 9.97 22.45
CA GLN B 80 -29.94 8.90 22.65
C GLN B 80 -30.32 8.79 24.09
N LEU B 81 -29.37 9.00 24.98
CA LEU B 81 -29.70 8.91 26.38
C LEU B 81 -30.68 10.01 26.75
N LEU B 82 -30.45 11.20 26.24
CA LEU B 82 -31.38 12.26 26.56
C LEU B 82 -32.74 11.94 25.99
N GLY B 83 -32.79 11.42 24.77
CA GLY B 83 -34.05 11.12 24.14
C GLY B 83 -34.81 10.04 24.86
N ILE B 84 -34.12 9.00 25.32
CA ILE B 84 -34.78 7.89 25.97
C ILE B 84 -35.32 8.36 27.31
N TRP B 85 -34.73 9.41 27.89
CA TRP B 85 -35.22 9.99 29.13
C TRP B 85 -36.34 10.99 28.89
N GLY B 86 -36.76 11.17 27.65
CA GLY B 86 -37.78 12.15 27.31
C GLY B 86 -37.28 13.61 27.18
N CYS B 87 -35.96 13.79 26.88
CA CYS B 87 -35.27 15.07 26.76
C CYS B 87 -34.87 15.37 25.32
N SER B 88 -35.52 14.76 24.36
CA SER B 88 -35.11 15.11 23.03
C SER B 88 -35.46 16.58 22.80
N GLY B 89 -34.46 17.37 22.45
CA GLY B 89 -34.65 18.80 22.20
C GLY B 89 -34.70 19.65 23.47
N LYS B 90 -34.45 19.08 24.62
CA LYS B 90 -34.55 19.86 25.85
C LYS B 90 -33.23 20.05 26.53
N LEU B 91 -32.89 21.30 26.85
CA LEU B 91 -31.65 21.54 27.57
C LEU B 91 -31.79 21.05 29.00
N ILE B 92 -32.97 21.27 29.56
CA ILE B 92 -33.27 20.86 30.93
C ILE B 92 -34.62 20.13 30.97
N CYS B 93 -34.68 18.97 31.69
CA CYS B 93 -35.91 18.18 31.85
C CYS B 93 -36.27 17.96 33.28
N CYS B 94 -37.54 18.11 33.54
CA CYS B 94 -38.08 17.81 34.83
C CYS B 94 -38.59 16.38 34.73
N THR B 95 -38.23 15.59 35.69
CA THR B 95 -38.58 14.19 35.74
C THR B 95 -39.28 13.82 37.03
N ASN B 96 -39.58 12.54 37.18
CA ASN B 96 -40.30 12.01 38.31
C ASN B 96 -39.48 11.11 39.21
N VAL B 97 -38.17 11.30 39.24
CA VAL B 97 -37.33 10.42 40.02
C VAL B 97 -36.78 11.06 41.30
N PRO B 98 -37.25 10.61 42.48
CA PRO B 98 -36.89 11.07 43.81
C PRO B 98 -35.55 10.48 44.08
N TRP B 99 -34.87 10.91 45.13
CA TRP B 99 -33.58 10.32 45.41
C TRP B 99 -33.26 10.36 46.91
N ASN B 100 -32.30 9.52 47.36
CA ASN B 100 -31.85 9.41 48.74
C ASN B 100 -30.92 10.57 49.13
N SER B 101 -31.07 11.02 50.39
CA SER B 101 -30.26 12.05 51.07
C SER B 101 -28.84 11.55 51.26
N SER B 102 -28.64 10.26 51.09
CA SER B 102 -27.36 9.60 51.21
C SER B 102 -26.43 10.05 50.07
N TRP B 103 -27.02 10.66 49.04
CA TRP B 103 -26.28 11.12 47.89
C TRP B 103 -26.01 12.63 47.96
N SER B 104 -26.35 13.28 49.07
CA SER B 104 -26.08 14.71 49.20
C SER B 104 -25.99 15.20 50.64
N ASN B 105 -25.03 16.09 50.87
CA ASN B 105 -24.89 16.72 52.17
C ASN B 105 -25.11 18.20 52.07
N ARG B 106 -25.83 18.63 51.03
CA ARG B 106 -26.07 20.03 50.79
C ARG B 106 -27.52 20.37 50.44
N ASN B 107 -27.91 21.64 50.73
CA ASN B 107 -29.19 22.24 50.38
C ASN B 107 -29.11 22.78 48.95
N LEU B 108 -30.29 23.07 48.33
CA LEU B 108 -30.34 23.59 46.96
C LEU B 108 -29.70 24.96 46.81
N SER B 109 -29.73 25.81 47.84
CA SER B 109 -29.12 27.11 47.66
C SER B 109 -27.61 27.00 47.55
N GLU B 110 -27.00 26.04 48.22
CA GLU B 110 -25.56 25.91 48.07
C GLU B 110 -25.26 25.30 46.73
N ILE B 111 -26.06 24.30 46.38
CA ILE B 111 -25.82 23.59 45.15
C ILE B 111 -25.95 24.49 43.96
N TRP B 112 -27.00 25.30 43.91
CA TRP B 112 -27.18 26.12 42.74
C TRP B 112 -26.47 27.48 42.76
N ASP B 113 -26.34 28.13 43.93
CA ASP B 113 -25.76 29.46 44.00
C ASP B 113 -24.27 29.53 44.36
N ASN B 114 -23.72 28.53 45.06
CA ASN B 114 -22.32 28.64 45.44
C ASN B 114 -21.43 27.71 44.64
N MET B 115 -21.91 26.49 44.41
CA MET B 115 -21.13 25.48 43.72
C MET B 115 -21.12 25.63 42.22
N THR B 116 -20.01 25.16 41.62
CA THR B 116 -19.83 25.08 40.18
C THR B 116 -20.16 23.66 39.73
N TRP B 117 -20.34 23.46 38.42
CA TRP B 117 -20.63 22.12 37.91
C TRP B 117 -19.44 21.19 38.01
N LEU B 118 -18.22 21.72 37.95
CA LEU B 118 -17.09 20.82 38.05
C LEU B 118 -17.03 20.23 39.44
N GLN B 119 -17.24 21.04 40.47
CA GLN B 119 -17.14 20.47 41.79
C GLN B 119 -18.29 19.55 42.06
N TRP B 120 -19.46 19.94 41.58
CA TRP B 120 -20.64 19.17 41.80
C TRP B 120 -20.52 17.79 41.24
N ASP B 121 -20.03 17.70 40.01
CA ASP B 121 -19.89 16.41 39.38
C ASP B 121 -18.99 15.53 40.22
N LYS B 122 -17.92 16.10 40.77
CA LYS B 122 -17.07 15.26 41.58
C LYS B 122 -17.81 14.76 42.83
N GLU B 123 -18.56 15.65 43.45
CA GLU B 123 -19.23 15.34 44.71
C GLU B 123 -20.25 14.22 44.61
N ILE B 124 -20.93 14.11 43.48
CA ILE B 124 -21.92 13.05 43.35
C ILE B 124 -21.54 12.01 42.30
N SER B 125 -20.28 11.94 41.93
CA SER B 125 -19.84 11.06 40.86
C SER B 125 -20.31 9.59 40.93
N ASN B 126 -20.31 8.96 42.12
CA ASN B 126 -20.61 7.52 42.30
C ASN B 126 -22.11 7.17 42.13
N TYR B 127 -23.01 8.16 41.97
CA TYR B 127 -24.46 7.96 41.78
C TYR B 127 -24.87 8.16 40.32
N THR B 128 -23.90 8.46 39.45
CA THR B 128 -24.24 8.74 38.05
C THR B 128 -24.90 7.60 37.31
N GLN B 129 -24.39 6.40 37.48
CA GLN B 129 -24.91 5.28 36.73
C GLN B 129 -26.26 4.89 37.24
N ILE B 130 -26.43 5.04 38.55
CA ILE B 130 -27.67 4.66 39.17
C ILE B 130 -28.76 5.56 38.69
N ILE B 131 -28.49 6.86 38.69
CA ILE B 131 -29.50 7.78 38.26
C ILE B 131 -29.79 7.64 36.79
N TYR B 132 -28.81 7.36 35.95
CA TYR B 132 -29.17 7.24 34.56
C TYR B 132 -30.15 6.10 34.37
N GLY B 133 -29.92 4.99 35.06
CA GLY B 133 -30.83 3.86 34.96
C GLY B 133 -32.21 4.23 35.47
N LEU B 134 -32.27 4.93 36.60
CA LEU B 134 -33.57 5.28 37.13
C LEU B 134 -34.32 6.23 36.22
N LEU B 135 -33.62 7.17 35.61
CA LEU B 135 -34.29 8.12 34.76
C LEU B 135 -34.95 7.46 33.59
N GLU B 136 -34.30 6.47 33.01
CA GLU B 136 -34.90 5.79 31.88
C GLU B 136 -36.01 4.86 32.30
N GLU B 137 -35.76 4.03 33.28
CA GLU B 137 -36.71 3.00 33.61
C GLU B 137 -37.97 3.50 34.28
N SER B 138 -37.82 4.48 35.16
CA SER B 138 -38.92 5.01 35.95
C SER B 138 -39.75 6.00 35.18
N GLN B 139 -39.29 6.37 34.01
CA GLN B 139 -40.07 7.27 33.22
C GLN B 139 -40.69 6.56 32.04
N ASN B 140 -39.95 5.70 31.34
CA ASN B 140 -40.52 5.09 30.15
C ASN B 140 -41.51 4.01 30.39
N GLN B 141 -41.35 3.22 31.43
CA GLN B 141 -42.30 2.15 31.58
C GLN B 141 -43.65 2.76 31.96
N GLN B 142 -43.60 3.87 32.67
CA GLN B 142 -44.75 4.57 33.13
C GLN B 142 -45.39 5.37 32.03
N GLU B 143 -44.59 6.01 31.18
CA GLU B 143 -45.17 6.75 30.08
C GLU B 143 -45.85 5.80 29.13
N LYS B 144 -45.27 4.62 28.94
CA LYS B 144 -45.88 3.66 28.06
C LYS B 144 -47.24 3.27 28.61
N ASN B 145 -47.32 3.04 29.91
CA ASN B 145 -48.59 2.65 30.46
C ASN B 145 -49.60 3.77 30.30
N GLU B 146 -49.15 5.02 30.43
CA GLU B 146 -50.08 6.10 30.26
C GLU B 146 -50.59 6.13 28.84
N GLN B 147 -49.71 5.90 27.86
CA GLN B 147 -50.19 5.95 26.50
C GLN B 147 -51.22 4.88 26.22
N ASP B 148 -51.07 3.71 26.83
CA ASP B 148 -52.09 2.70 26.58
C ASP B 148 -53.40 3.11 27.24
N LEU B 149 -53.32 3.66 28.45
CA LEU B 149 -54.53 4.03 29.17
C LEU B 149 -55.28 5.14 28.46
N LEU B 150 -54.53 6.05 27.87
CA LEU B 150 -55.04 7.22 27.19
C LEU B 150 -55.68 6.88 25.86
N ALA B 151 -55.57 5.63 25.42
CA ALA B 151 -56.22 5.22 24.20
C ALA B 151 -57.76 5.33 24.29
N LEU B 152 -58.37 5.10 25.50
CA LEU B 152 -59.84 5.08 25.71
C LEU B 152 -60.26 6.08 26.81
N GLU C 33 -62.35 -2.97 15.07
CA GLU C 33 -62.00 -2.63 13.68
C GLU C 33 -61.56 -1.15 13.49
N ASN C 34 -62.05 -0.24 14.36
CA ASN C 34 -61.70 1.20 14.34
C ASN C 34 -60.40 1.32 15.13
N LEU C 35 -59.36 0.83 14.50
CA LEU C 35 -58.04 0.70 15.07
C LEU C 35 -56.97 1.43 14.28
N TRP C 36 -55.88 1.80 14.96
CA TRP C 36 -54.78 2.57 14.37
C TRP C 36 -53.41 2.01 14.72
N VAL C 37 -52.44 2.31 13.88
CA VAL C 37 -51.08 1.85 14.07
C VAL C 37 -50.20 2.68 14.98
N THR C 38 -49.49 1.96 15.84
CA THR C 38 -48.44 2.52 16.66
C THR C 38 -47.20 1.82 16.18
N VAL C 39 -46.06 2.35 16.52
CA VAL C 39 -44.82 1.71 16.14
C VAL C 39 -43.95 1.63 17.35
N TYR C 40 -43.40 0.47 17.61
CA TYR C 40 -42.57 0.36 18.77
C TYR C 40 -41.10 0.39 18.37
N TYR C 41 -40.31 1.15 19.12
CA TYR C 41 -38.89 1.22 18.86
C TYR C 41 -38.14 0.50 19.95
N GLY C 42 -37.25 -0.40 19.54
CA GLY C 42 -36.53 -1.22 20.49
C GLY C 42 -37.06 -2.65 20.41
N VAL C 43 -37.65 -2.97 19.29
CA VAL C 43 -38.21 -4.28 19.01
C VAL C 43 -37.14 -5.37 18.80
N PRO C 44 -37.22 -6.52 19.47
CA PRO C 44 -36.29 -7.63 19.39
C PRO C 44 -36.42 -8.49 18.13
N VAL C 45 -36.03 -7.92 16.99
CA VAL C 45 -36.07 -8.63 15.70
C VAL C 45 -34.73 -8.77 14.97
N TRP C 46 -34.49 -9.98 14.48
CA TRP C 46 -33.24 -10.34 13.81
C TRP C 46 -33.33 -10.49 12.31
N LYS C 47 -32.27 -10.07 11.61
CA LYS C 47 -32.16 -10.34 10.18
C LYS C 47 -30.80 -10.92 9.83
N ASP C 48 -30.77 -11.89 8.94
CA ASP C 48 -29.49 -12.46 8.56
C ASP C 48 -28.61 -11.37 7.99
N ALA C 49 -27.33 -11.34 8.37
CA ALA C 49 -26.49 -10.29 7.80
C ALA C 49 -25.05 -10.71 7.67
N GLU C 50 -24.36 -10.11 6.72
CA GLU C 50 -22.95 -10.38 6.55
C GLU C 50 -22.12 -9.13 6.73
N THR C 51 -21.41 -9.05 7.83
CA THR C 51 -20.58 -7.92 8.15
C THR C 51 -19.25 -8.39 8.70
N THR C 52 -18.39 -7.43 8.99
CA THR C 52 -17.07 -7.71 9.52
C THR C 52 -17.08 -7.81 11.03
N LEU C 53 -16.45 -8.84 11.55
CA LEU C 53 -16.28 -8.94 12.98
C LEU C 53 -14.86 -8.56 13.22
N PHE C 54 -14.59 -7.99 14.36
CA PHE C 54 -13.24 -7.52 14.61
C PHE C 54 -12.43 -8.37 15.57
N CYS C 55 -11.07 -8.35 15.34
CA CYS C 55 -10.07 -9.07 16.13
C CYS C 55 -10.05 -8.58 17.55
N ALA C 56 -10.33 -9.50 18.49
CA ALA C 56 -10.33 -9.15 19.92
C ALA C 56 -9.25 -9.97 20.64
N SER C 57 -8.47 -9.38 21.57
CA SER C 57 -7.39 -10.20 22.19
C SER C 57 -7.07 -9.82 23.64
N ASP C 58 -6.57 -10.78 24.43
CA ASP C 58 -6.18 -10.50 25.84
C ASP C 58 -5.02 -9.49 25.86
N ALA C 59 -4.03 -9.67 24.98
CA ALA C 59 -2.88 -8.74 24.92
C ALA C 59 -2.61 -8.36 23.46
N GLU C 65 6.54 -12.47 21.41
CA GLU C 65 5.47 -11.78 22.18
C GLU C 65 5.06 -10.51 21.44
N LYS C 66 6.01 -9.60 21.21
CA LYS C 66 5.65 -8.31 20.58
C LYS C 66 5.07 -8.57 19.19
N HIS C 67 5.68 -9.49 18.44
CA HIS C 67 5.22 -9.68 17.04
C HIS C 67 4.69 -11.09 16.81
N ASN C 68 3.37 -11.25 16.72
CA ASN C 68 2.79 -12.56 16.34
C ASN C 68 2.07 -12.40 14.99
N VAL C 69 1.93 -13.49 14.23
CA VAL C 69 1.32 -13.38 12.92
C VAL C 69 -0.12 -12.94 13.02
N TRP C 70 -0.84 -13.48 14.01
CA TRP C 70 -2.24 -13.21 14.16
C TRP C 70 -2.46 -12.33 15.37
N ALA C 71 -1.71 -12.58 16.43
CA ALA C 71 -1.81 -11.75 17.62
C ALA C 71 -0.88 -10.56 17.39
N THR C 72 -1.32 -9.71 16.50
CA THR C 72 -0.60 -8.58 15.99
C THR C 72 -0.63 -7.35 16.83
N HIS C 73 0.26 -6.42 16.50
CA HIS C 73 0.39 -5.14 17.19
C HIS C 73 -0.97 -4.53 17.41
N ALA C 74 -1.76 -4.46 16.36
CA ALA C 74 -3.09 -3.92 16.44
C ALA C 74 -4.11 -5.05 16.44
N CYS C 75 -4.88 -5.16 17.54
CA CYS C 75 -5.95 -6.11 17.84
C CYS C 75 -6.60 -5.49 19.10
N VAL C 76 -7.91 -5.52 19.22
CA VAL C 76 -8.55 -4.83 20.34
C VAL C 76 -8.72 -5.70 21.58
N PRO C 77 -8.24 -5.26 22.78
CA PRO C 77 -8.48 -5.97 24.04
C PRO C 77 -9.85 -6.65 24.13
N THR C 78 -9.91 -7.81 24.77
CA THR C 78 -11.20 -8.56 24.74
C THR C 78 -12.06 -8.28 25.97
N ASP C 79 -13.37 -8.42 25.82
CA ASP C 79 -14.24 -8.31 26.98
C ASP C 79 -13.93 -9.44 27.96
N PRO C 80 -13.45 -9.17 29.18
CA PRO C 80 -13.14 -10.18 30.16
C PRO C 80 -14.40 -10.89 30.67
N ASN C 81 -15.57 -10.29 30.45
CA ASN C 81 -16.81 -10.88 30.91
C ASN C 81 -17.93 -10.80 29.88
N PRO C 82 -17.89 -11.60 28.80
CA PRO C 82 -18.90 -11.62 27.76
C PRO C 82 -20.19 -12.02 28.43
N GLN C 83 -21.32 -11.51 27.97
CA GLN C 83 -22.57 -11.88 28.61
C GLN C 83 -23.42 -12.77 27.77
N GLU C 84 -23.41 -14.05 28.11
CA GLU C 84 -24.17 -14.98 27.33
C GLU C 84 -25.59 -15.00 27.84
N ILE C 85 -26.52 -14.70 26.96
CA ILE C 85 -27.90 -14.63 27.39
C ILE C 85 -28.74 -15.73 26.79
N HIS C 86 -29.26 -16.60 27.64
CA HIS C 86 -30.10 -17.69 27.19
C HIS C 86 -31.38 -17.16 26.64
N LEU C 87 -31.83 -17.68 25.51
CA LEU C 87 -33.10 -17.19 25.01
C LEU C 87 -34.21 -18.17 25.26
N GLU C 88 -35.14 -17.75 26.08
CA GLU C 88 -36.28 -18.60 26.36
C GLU C 88 -37.17 -18.52 25.12
N ASN C 89 -37.89 -19.62 24.82
CA ASN C 89 -38.88 -19.79 23.73
C ASN C 89 -38.34 -19.48 22.31
N VAL C 90 -37.04 -19.77 22.02
CA VAL C 90 -36.46 -19.49 20.68
C VAL C 90 -35.82 -20.68 20.00
N THR C 91 -36.26 -20.91 18.78
CA THR C 91 -35.66 -21.92 17.93
C THR C 91 -35.17 -21.20 16.70
N GLU C 92 -33.90 -21.34 16.39
CA GLU C 92 -33.32 -20.64 15.25
C GLU C 92 -32.52 -21.56 14.35
N GLU C 93 -32.79 -21.51 13.06
CA GLU C 93 -32.09 -22.34 12.08
C GLU C 93 -30.96 -21.64 11.38
N PHE C 94 -29.79 -22.28 11.38
CA PHE C 94 -28.68 -21.73 10.66
C PHE C 94 -27.71 -22.79 10.17
N ASN C 95 -26.90 -22.38 9.19
CA ASN C 95 -25.97 -23.25 8.48
C ASN C 95 -24.57 -23.50 8.95
N MET C 96 -24.09 -24.64 8.47
CA MET C 96 -22.70 -25.02 8.47
C MET C 96 -22.31 -25.08 7.03
N TRP C 97 -21.08 -24.74 6.72
CA TRP C 97 -20.51 -24.80 5.37
C TRP C 97 -21.01 -23.67 4.45
N LYS C 98 -22.11 -23.03 4.81
CA LYS C 98 -22.67 -21.89 4.09
C LYS C 98 -22.53 -20.66 4.95
N ASN C 99 -21.79 -20.82 6.03
CA ASN C 99 -21.56 -19.82 7.05
C ASN C 99 -20.41 -18.90 6.69
N ASN C 100 -20.69 -17.64 6.41
CA ASN C 100 -19.69 -16.70 5.92
C ASN C 100 -18.66 -16.28 6.94
N MET C 101 -18.82 -16.72 8.17
CA MET C 101 -17.84 -16.37 9.18
C MET C 101 -16.55 -17.09 8.84
N VAL C 102 -16.68 -18.21 8.13
CA VAL C 102 -15.55 -19.02 7.76
C VAL C 102 -14.79 -18.24 6.71
N GLU C 103 -15.52 -17.67 5.76
CA GLU C 103 -14.95 -16.91 4.68
C GLU C 103 -14.26 -15.69 5.19
N GLN C 104 -14.81 -15.08 6.23
CA GLN C 104 -14.18 -13.91 6.77
C GLN C 104 -12.83 -14.29 7.37
N MET C 105 -12.76 -15.41 8.09
CA MET C 105 -11.47 -15.77 8.64
C MET C 105 -10.48 -16.11 7.57
N HIS C 106 -10.97 -16.69 6.48
CA HIS C 106 -10.12 -17.09 5.39
C HIS C 106 -9.46 -15.90 4.77
N GLU C 107 -10.25 -14.89 4.43
CA GLU C 107 -9.64 -13.76 3.77
C GLU C 107 -8.70 -13.02 4.69
N ASP C 108 -9.05 -12.92 5.97
CA ASP C 108 -8.20 -12.20 6.87
C ASP C 108 -6.94 -12.93 7.23
N ILE C 109 -7.00 -14.25 7.34
CA ILE C 109 -5.80 -14.94 7.74
C ILE C 109 -4.80 -14.89 6.60
N ILE C 110 -5.29 -14.99 5.36
CA ILE C 110 -4.37 -14.98 4.25
C ILE C 110 -3.75 -13.62 4.08
N SER C 111 -4.59 -12.60 4.09
CA SER C 111 -4.09 -11.27 3.90
C SER C 111 -3.12 -10.89 4.99
N LEU C 112 -3.46 -11.24 6.23
CA LEU C 112 -2.62 -10.90 7.32
C LEU C 112 -1.32 -11.63 7.27
N TRP C 113 -1.34 -12.90 6.88
CA TRP C 113 -0.12 -13.67 6.78
C TRP C 113 0.88 -12.84 5.99
N ASP C 114 0.46 -12.33 4.83
CA ASP C 114 1.41 -11.56 4.05
C ASP C 114 1.77 -10.23 4.70
N GLN C 115 0.81 -9.54 5.31
CA GLN C 115 1.14 -8.23 5.87
C GLN C 115 2.14 -8.31 7.01
N SER C 116 2.02 -9.34 7.83
CA SER C 116 2.90 -9.54 8.96
C SER C 116 4.27 -10.04 8.53
N LEU C 117 4.29 -10.81 7.46
CA LEU C 117 5.49 -11.43 6.97
C LEU C 117 6.01 -10.78 5.69
N LYS C 118 5.56 -9.58 5.42
CA LYS C 118 6.02 -8.85 4.27
C LYS C 118 7.46 -8.31 4.40
N PRO C 119 7.84 -7.59 5.46
CA PRO C 119 9.13 -6.93 5.59
C PRO C 119 10.25 -7.88 6.00
N CYS C 120 10.53 -8.88 5.14
CA CYS C 120 11.50 -9.95 5.33
C CYS C 120 12.57 -9.88 4.25
N VAL C 121 13.72 -10.45 4.52
CA VAL C 121 14.80 -10.50 3.54
C VAL C 121 14.44 -11.45 2.41
N LYS C 122 14.62 -10.96 1.19
CA LYS C 122 14.36 -11.71 -0.03
C LYS C 122 15.49 -12.68 -0.22
N LEU C 123 15.20 -13.87 -0.73
CA LEU C 123 16.25 -14.84 -0.89
C LEU C 123 16.71 -14.96 -2.32
N THR C 124 16.27 -14.02 -3.13
CA THR C 124 16.63 -13.94 -4.53
C THR C 124 18.16 -14.03 -4.69
N PRO C 125 18.98 -13.31 -3.90
CA PRO C 125 20.42 -13.31 -3.99
C PRO C 125 21.06 -14.68 -3.88
N LEU C 126 20.35 -15.65 -3.35
CA LEU C 126 20.89 -17.00 -3.21
C LEU C 126 20.67 -17.93 -4.42
N CYS C 127 19.97 -17.45 -5.50
CA CYS C 127 19.67 -18.23 -6.69
C CYS C 127 20.87 -18.30 -7.64
N VAL C 128 21.78 -19.17 -7.24
CA VAL C 128 23.01 -19.52 -7.92
C VAL C 128 23.05 -21.05 -7.96
N THR C 129 23.91 -21.63 -8.76
CA THR C 129 24.02 -23.08 -8.80
C THR C 129 24.65 -23.60 -7.52
N LEU C 130 24.08 -24.68 -6.98
CA LEU C 130 24.59 -25.34 -5.79
C LEU C 130 25.35 -26.63 -6.14
N ASN C 131 26.62 -26.75 -5.72
CA ASN C 131 27.47 -27.92 -5.92
C ASN C 131 27.26 -28.86 -4.73
N CYS C 132 26.50 -29.95 -4.94
CA CYS C 132 25.99 -30.84 -3.90
C CYS C 132 26.74 -32.15 -3.71
N THR C 133 27.08 -32.40 -2.46
CA THR C 133 27.75 -33.58 -2.00
C THR C 133 26.99 -34.15 -0.79
N ASN C 134 27.55 -35.20 -0.15
CA ASN C 134 26.96 -35.90 0.99
C ASN C 134 27.27 -35.20 2.32
N VAL C 135 26.60 -35.68 3.39
CA VAL C 135 26.76 -35.20 4.76
C VAL C 135 27.71 -36.10 5.55
N THR C 136 28.75 -35.48 6.09
CA THR C 136 29.81 -36.19 6.81
C THR C 136 29.44 -36.54 8.24
N ASN C 137 28.54 -37.50 8.37
CA ASN C 137 28.03 -37.94 9.67
C ASN C 137 27.60 -39.41 9.60
N ASN C 138 27.13 -39.92 10.73
CA ASN C 138 26.60 -41.26 10.83
C ASN C 138 25.14 -41.18 10.47
N ILE C 139 24.82 -41.65 9.30
CA ILE C 139 23.48 -41.52 8.77
C ILE C 139 22.80 -42.86 8.75
N THR C 140 21.62 -42.88 9.34
CA THR C 140 20.79 -44.06 9.45
C THR C 140 20.14 -44.39 8.12
N ASP C 141 19.51 -45.56 8.04
CA ASP C 141 18.91 -46.00 6.80
C ASP C 141 17.66 -45.25 6.32
N ASP C 142 16.91 -44.62 7.23
CA ASP C 142 15.71 -43.89 6.86
C ASP C 142 16.09 -42.52 6.30
N MET C 143 17.22 -42.03 6.77
CA MET C 143 17.78 -40.74 6.38
C MET C 143 18.68 -40.74 5.17
N ARG C 144 18.88 -41.89 4.56
CA ARG C 144 19.74 -41.88 3.41
C ARG C 144 19.05 -41.10 2.31
N GLY C 145 19.76 -40.15 1.74
CA GLY C 145 19.24 -39.36 0.64
C GLY C 145 18.41 -38.14 1.06
N GLU C 146 18.14 -37.99 2.36
CA GLU C 146 17.31 -36.90 2.87
C GLU C 146 17.99 -35.55 2.96
N LEU C 147 19.30 -35.55 3.19
CA LEU C 147 20.02 -34.29 3.32
C LEU C 147 21.08 -34.16 2.28
N LYS C 148 21.34 -32.91 1.88
CA LYS C 148 22.44 -32.60 0.96
C LYS C 148 23.30 -31.45 1.50
N ASN C 149 24.62 -31.50 1.22
CA ASN C 149 25.59 -30.45 1.53
C ASN C 149 25.89 -29.64 0.26
N CYS C 150 25.34 -28.40 0.18
CA CYS C 150 25.41 -27.53 -0.99
C CYS C 150 26.45 -26.44 -0.88
N SER C 151 27.33 -26.34 -1.87
CA SER C 151 28.40 -25.34 -1.92
C SER C 151 28.23 -24.34 -3.07
N PHE C 152 28.40 -23.07 -2.78
CA PHE C 152 28.18 -22.02 -3.77
C PHE C 152 28.95 -20.70 -3.49
N ASN C 153 28.88 -19.82 -4.49
CA ASN C 153 29.51 -18.46 -4.39
C ASN C 153 28.42 -17.52 -3.90
N ALA C 154 28.54 -17.07 -2.66
CA ALA C 154 27.57 -16.22 -1.97
C ALA C 154 27.86 -14.76 -2.19
N THR C 155 26.82 -13.97 -2.21
CA THR C 155 26.93 -12.51 -2.30
C THR C 155 27.16 -11.96 -0.91
N THR C 156 28.11 -11.03 -0.79
CA THR C 156 28.39 -10.39 0.49
C THR C 156 27.79 -9.01 0.46
N GLU C 157 27.86 -8.31 1.58
CA GLU C 157 27.32 -6.99 1.70
C GLU C 157 27.99 -5.93 0.81
N LEU C 158 29.17 -6.21 0.27
CA LEU C 158 29.79 -5.26 -0.64
C LEU C 158 29.61 -5.76 -2.05
N ARG C 159 29.48 -4.83 -2.99
CA ARG C 159 29.23 -5.19 -4.38
C ARG C 159 30.47 -5.72 -5.08
N ASN C 160 31.60 -5.60 -4.42
CA ASN C 160 32.84 -6.07 -4.96
C ASN C 160 33.22 -7.44 -4.42
N LYS C 161 32.37 -8.09 -3.61
CA LYS C 161 32.82 -9.36 -3.07
C LYS C 161 31.80 -10.48 -3.00
N ARG C 162 32.34 -11.68 -3.22
CA ARG C 162 31.63 -12.95 -3.09
C ARG C 162 32.50 -13.90 -2.31
N VAL C 163 31.87 -14.83 -1.61
CA VAL C 163 32.58 -15.82 -0.80
C VAL C 163 32.13 -17.26 -0.94
N LYS C 164 33.02 -18.18 -0.58
CA LYS C 164 32.63 -19.58 -0.60
C LYS C 164 31.85 -19.94 0.63
N ARG C 165 30.65 -20.45 0.41
CA ARG C 165 29.75 -20.83 1.47
C ARG C 165 29.05 -22.12 1.17
N TYR C 166 28.56 -22.73 2.22
CA TYR C 166 27.81 -23.93 2.08
C TYR C 166 26.78 -24.01 3.16
N SER C 167 25.76 -24.80 2.89
CA SER C 167 24.65 -25.02 3.82
C SER C 167 24.02 -26.38 3.64
N LEU C 168 23.27 -26.82 4.65
CA LEU C 168 22.59 -28.09 4.45
C LEU C 168 21.14 -27.86 4.13
N PHE C 169 20.62 -28.69 3.25
CA PHE C 169 19.23 -28.66 2.84
C PHE C 169 18.55 -30.00 2.85
N TYR C 170 17.24 -29.96 2.98
CA TYR C 170 16.45 -31.16 2.87
C TYR C 170 16.22 -31.42 1.39
N ARG C 171 16.21 -32.68 1.03
CA ARG C 171 16.01 -33.13 -0.34
C ARG C 171 14.78 -32.59 -1.02
N LEU C 172 13.70 -32.42 -0.28
CA LEU C 172 12.43 -31.99 -0.84
C LEU C 172 12.47 -30.62 -1.49
N ASP C 173 13.42 -29.79 -1.09
CA ASP C 173 13.49 -28.44 -1.58
C ASP C 173 14.54 -28.23 -2.68
N ILE C 174 15.23 -29.29 -3.08
CA ILE C 174 16.33 -29.15 -4.03
C ILE C 174 16.11 -29.92 -5.33
N VAL C 175 16.36 -29.26 -6.47
CA VAL C 175 16.18 -29.90 -7.78
C VAL C 175 17.44 -29.93 -8.63
N GLN C 176 17.65 -31.01 -9.38
CA GLN C 176 18.86 -31.11 -10.20
C GLN C 176 18.80 -30.14 -11.35
N ILE C 177 19.91 -29.44 -11.60
CA ILE C 177 19.99 -28.48 -12.68
C ILE C 177 20.25 -29.15 -14.04
N ASP C 178 21.01 -30.25 -14.08
CA ASP C 178 21.32 -30.81 -15.43
C ASP C 178 21.88 -32.23 -15.41
N SER C 179 21.13 -33.19 -15.97
CA SER C 179 21.66 -34.56 -16.14
C SER C 179 22.81 -34.51 -17.15
N ASN C 180 22.68 -33.66 -18.19
CA ASN C 180 23.69 -33.53 -19.28
C ASN C 180 25.03 -33.13 -18.67
N ARG C 181 25.01 -32.17 -17.74
CA ARG C 181 26.26 -31.72 -17.05
C ARG C 181 26.50 -32.61 -15.82
N THR C 182 27.51 -32.28 -15.02
CA THR C 182 27.83 -33.15 -13.86
C THR C 182 26.57 -33.26 -13.01
N LYS C 183 26.21 -34.47 -12.63
CA LYS C 183 24.97 -34.68 -11.85
C LYS C 183 25.23 -34.32 -10.39
N SER C 184 25.88 -33.17 -10.14
CA SER C 184 26.11 -32.74 -8.78
C SER C 184 25.63 -31.31 -8.63
N HIS C 185 25.08 -30.72 -9.69
CA HIS C 185 24.63 -29.36 -9.58
C HIS C 185 23.12 -29.31 -9.48
N TYR C 186 22.65 -28.57 -8.49
CA TYR C 186 21.27 -28.39 -8.13
C TYR C 186 20.89 -26.94 -7.91
N ARG C 187 19.59 -26.68 -7.88
CA ARG C 187 19.04 -25.38 -7.60
C ARG C 187 17.96 -25.45 -6.54
N LEU C 188 17.64 -24.30 -5.98
CA LEU C 188 16.53 -24.28 -5.06
C LEU C 188 15.33 -24.52 -5.94
N ILE C 189 14.38 -25.27 -5.42
CA ILE C 189 13.20 -25.67 -6.18
C ILE C 189 12.42 -24.58 -6.88
N ASN C 190 12.35 -23.38 -6.34
CA ASN C 190 11.57 -22.36 -7.01
C ASN C 190 12.29 -21.11 -7.60
N CYS C 191 13.61 -21.17 -7.90
CA CYS C 191 14.36 -20.01 -8.46
C CYS C 191 13.96 -19.68 -9.91
N ASN C 192 13.28 -20.59 -10.57
CA ASN C 192 12.84 -20.33 -11.94
C ASN C 192 11.38 -19.80 -12.02
N THR C 193 10.76 -19.48 -10.87
CA THR C 193 9.42 -18.94 -10.70
C THR C 193 9.48 -17.85 -9.66
N SER C 194 8.35 -17.47 -9.10
CA SER C 194 8.31 -16.35 -8.17
C SER C 194 9.33 -16.50 -7.05
N ALA C 195 9.99 -15.39 -6.74
CA ALA C 195 11.04 -15.35 -5.73
C ALA C 195 10.55 -15.74 -4.35
N ILE C 196 11.41 -16.43 -3.64
CA ILE C 196 11.18 -16.88 -2.30
C ILE C 196 11.64 -15.78 -1.37
N THR C 197 10.80 -15.40 -0.42
CA THR C 197 11.17 -14.38 0.55
C THR C 197 10.91 -14.88 1.96
N GLN C 198 11.88 -14.75 2.86
CA GLN C 198 11.65 -15.16 4.24
C GLN C 198 12.84 -14.95 5.13
N ALA C 199 12.58 -14.27 6.20
CA ALA C 199 13.50 -14.06 7.28
C ALA C 199 12.60 -14.01 8.52
N CYS C 200 12.46 -12.82 9.15
CA CYS C 200 11.57 -12.52 10.26
C CYS C 200 11.56 -13.61 11.36
N PRO C 201 12.73 -14.00 11.92
CA PRO C 201 12.90 -15.01 12.95
C PRO C 201 12.26 -14.56 14.25
N LYS C 202 12.06 -13.25 14.31
CA LYS C 202 11.48 -12.52 15.39
C LYS C 202 9.97 -12.69 15.52
N VAL C 203 9.32 -13.16 14.45
CA VAL C 203 7.87 -13.27 14.46
C VAL C 203 7.39 -14.54 15.10
N SER C 204 6.40 -14.38 15.97
CA SER C 204 5.83 -15.55 16.66
C SER C 204 4.78 -16.23 15.79
N PHE C 205 4.84 -17.52 15.69
CA PHE C 205 3.89 -18.34 14.95
C PHE C 205 2.99 -19.14 15.86
N GLU C 206 3.00 -18.81 17.15
CA GLU C 206 2.13 -19.49 18.07
C GLU C 206 0.69 -19.24 17.62
N PRO C 207 -0.16 -20.25 17.52
CA PRO C 207 -1.55 -20.13 17.12
C PRO C 207 -2.40 -19.62 18.26
N ILE C 208 -2.20 -18.36 18.61
CA ILE C 208 -2.90 -17.69 19.68
C ILE C 208 -4.33 -17.46 19.22
N PRO C 209 -5.34 -17.89 19.99
CA PRO C 209 -6.73 -17.76 19.61
C PRO C 209 -7.15 -16.34 19.59
N ILE C 210 -7.94 -16.01 18.59
CA ILE C 210 -8.50 -14.67 18.44
C ILE C 210 -10.00 -14.70 18.55
N HIS C 211 -10.56 -13.78 19.34
CA HIS C 211 -11.99 -13.66 19.52
C HIS C 211 -12.54 -12.75 18.46
N TYR C 212 -13.77 -12.97 17.99
CA TYR C 212 -14.35 -12.02 17.06
C TYR C 212 -15.62 -11.37 17.61
N CYS C 213 -15.66 -10.02 17.57
CA CYS C 213 -16.75 -9.19 18.14
C CYS C 213 -17.56 -8.45 17.09
N ALA C 214 -18.87 -8.39 17.35
CA ALA C 214 -19.81 -7.68 16.48
C ALA C 214 -19.80 -6.18 16.72
N PRO C 215 -20.03 -5.36 15.70
CA PRO C 215 -20.23 -3.92 15.78
C PRO C 215 -21.60 -3.63 16.35
N ALA C 216 -21.78 -2.45 16.92
CA ALA C 216 -23.10 -2.09 17.43
C ALA C 216 -24.10 -2.16 16.30
N GLY C 217 -25.29 -2.66 16.61
CA GLY C 217 -26.34 -2.80 15.62
C GLY C 217 -26.41 -4.25 15.14
N PHE C 218 -25.44 -5.05 15.56
CA PHE C 218 -25.32 -6.46 15.25
C PHE C 218 -25.22 -7.32 16.48
N ALA C 219 -25.58 -8.58 16.32
CA ALA C 219 -25.50 -9.54 17.40
C ALA C 219 -25.08 -10.90 16.91
N ILE C 220 -24.44 -11.66 17.79
CA ILE C 220 -24.03 -12.99 17.41
C ILE C 220 -24.91 -13.99 18.14
N LEU C 221 -25.51 -14.86 17.39
CA LEU C 221 -26.38 -15.84 17.96
C LEU C 221 -25.53 -17.09 18.14
N LYS C 222 -25.77 -17.85 19.20
CA LYS C 222 -25.03 -19.09 19.42
C LYS C 222 -25.97 -20.30 19.67
N CYS C 223 -25.65 -21.46 19.04
CA CYS C 223 -26.38 -22.73 19.18
C CYS C 223 -25.68 -23.62 20.21
N LYS C 224 -26.45 -24.03 21.21
CA LYS C 224 -25.99 -24.89 22.28
C LYS C 224 -26.47 -26.33 22.11
N ASP C 225 -27.12 -26.64 21.00
CA ASP C 225 -27.61 -27.98 20.79
C ASP C 225 -26.49 -28.85 20.25
N LYS C 226 -25.97 -29.71 21.10
CA LYS C 226 -24.80 -30.49 20.76
C LYS C 226 -25.13 -31.62 19.82
N LYS C 227 -26.42 -31.89 19.67
CA LYS C 227 -26.86 -32.99 18.84
C LYS C 227 -27.20 -32.55 17.43
N PHE C 228 -27.02 -31.28 17.10
CA PHE C 228 -27.38 -30.85 15.77
C PHE C 228 -26.38 -31.56 14.80
N ASN C 229 -26.83 -31.92 13.58
CA ASN C 229 -26.05 -32.63 12.53
C ASN C 229 -25.61 -31.75 11.34
N GLY C 230 -25.64 -30.42 11.45
CA GLY C 230 -25.27 -29.50 10.35
C GLY C 230 -26.19 -28.30 10.28
N THR C 231 -27.10 -28.33 9.31
CA THR C 231 -28.02 -27.22 9.18
C THR C 231 -29.43 -27.64 9.50
N GLY C 232 -30.03 -26.93 10.43
CA GLY C 232 -31.41 -27.15 10.81
C GLY C 232 -31.70 -26.32 12.05
N PRO C 233 -32.96 -26.25 12.49
CA PRO C 233 -33.40 -25.50 13.64
C PRO C 233 -32.68 -25.95 14.89
N CYS C 234 -32.21 -24.98 15.71
CA CYS C 234 -31.53 -25.19 16.97
C CYS C 234 -32.46 -24.70 18.09
N PRO C 235 -33.03 -25.60 18.90
CA PRO C 235 -33.98 -25.34 19.96
C PRO C 235 -33.36 -24.79 21.23
N SER C 236 -32.04 -24.74 21.29
CA SER C 236 -31.38 -24.29 22.49
C SER C 236 -30.33 -23.28 22.10
N VAL C 237 -30.70 -22.02 22.23
CA VAL C 237 -29.84 -20.94 21.80
C VAL C 237 -29.69 -19.87 22.85
N SER C 238 -28.64 -19.08 22.68
CA SER C 238 -28.29 -17.95 23.51
C SER C 238 -27.61 -16.94 22.63
N THR C 239 -27.43 -15.73 23.11
CA THR C 239 -26.68 -14.80 22.28
C THR C 239 -25.46 -14.27 22.99
N VAL C 240 -24.50 -13.86 22.17
CA VAL C 240 -23.26 -13.31 22.66
C VAL C 240 -22.91 -12.03 21.92
N GLN C 241 -21.95 -11.29 22.48
CA GLN C 241 -21.45 -10.11 21.79
C GLN C 241 -20.18 -10.40 20.95
N CYS C 242 -19.39 -11.41 21.41
CA CYS C 242 -18.13 -11.86 20.87
C CYS C 242 -18.13 -13.38 20.92
N THR C 243 -17.41 -13.98 19.99
CA THR C 243 -17.22 -15.42 19.97
C THR C 243 -16.08 -15.75 20.91
N HIS C 244 -15.90 -17.03 21.18
CA HIS C 244 -14.76 -17.44 21.97
C HIS C 244 -13.56 -17.34 21.06
N GLY C 245 -12.35 -17.57 21.55
CA GLY C 245 -11.24 -17.41 20.65
C GLY C 245 -11.01 -18.67 19.83
N ILE C 246 -10.59 -18.51 18.58
CA ILE C 246 -10.26 -19.65 17.73
C ILE C 246 -8.81 -19.64 17.34
N LYS C 247 -8.13 -20.75 17.62
CA LYS C 247 -6.73 -20.92 17.30
C LYS C 247 -6.54 -21.16 15.80
N PRO C 248 -5.70 -20.40 15.09
CA PRO C 248 -5.44 -20.49 13.66
C PRO C 248 -4.51 -21.64 13.30
N VAL C 249 -4.97 -22.86 13.53
CA VAL C 249 -4.14 -24.02 13.25
C VAL C 249 -4.34 -24.54 11.84
N VAL C 250 -3.26 -24.54 11.08
CA VAL C 250 -3.28 -24.98 9.70
C VAL C 250 -2.96 -26.45 9.63
N SER C 251 -3.79 -27.21 8.93
CA SER C 251 -3.61 -28.64 8.77
C SER C 251 -4.21 -29.21 7.51
N THR C 252 -3.61 -30.30 7.04
CA THR C 252 -4.12 -31.01 5.85
C THR C 252 -4.84 -32.34 6.08
N GLN C 253 -4.92 -32.79 7.33
CA GLN C 253 -5.59 -34.08 7.58
C GLN C 253 -6.31 -34.16 8.92
N LEU C 254 -5.56 -33.97 9.99
CA LEU C 254 -6.13 -34.09 11.32
C LEU C 254 -6.27 -32.74 11.94
N LEU C 255 -7.28 -32.60 12.78
CA LEU C 255 -7.53 -31.34 13.43
C LEU C 255 -6.89 -31.36 14.78
N LEU C 256 -5.99 -30.43 14.97
CA LEU C 256 -5.25 -30.35 16.20
C LEU C 256 -5.66 -29.14 17.02
N ASN C 257 -5.69 -29.31 18.36
CA ASN C 257 -5.93 -28.29 19.40
C ASN C 257 -7.22 -27.46 19.14
N GLY C 258 -8.32 -28.10 18.67
CA GLY C 258 -9.60 -27.44 18.38
C GLY C 258 -10.63 -27.71 19.46
N SER C 259 -11.87 -27.45 19.11
CA SER C 259 -12.96 -27.68 20.04
C SER C 259 -13.24 -29.16 20.12
N LEU C 260 -13.36 -29.69 21.32
CA LEU C 260 -13.60 -31.11 21.50
C LEU C 260 -15.09 -31.31 21.77
N ALA C 261 -15.64 -32.42 21.28
CA ALA C 261 -17.03 -32.75 21.54
C ALA C 261 -17.17 -33.03 23.03
N GLU C 262 -18.30 -32.66 23.62
CA GLU C 262 -18.48 -32.90 25.05
C GLU C 262 -18.97 -34.29 25.41
N GLU C 263 -19.65 -34.97 24.49
CA GLU C 263 -20.22 -36.26 24.85
C GLU C 263 -19.75 -37.43 23.99
N GLU C 264 -19.93 -37.32 22.68
CA GLU C 264 -19.63 -38.41 21.77
C GLU C 264 -19.07 -37.85 20.49
N VAL C 265 -18.40 -38.71 19.74
CA VAL C 265 -17.84 -38.33 18.47
C VAL C 265 -18.94 -37.99 17.49
N ILE C 266 -18.84 -36.86 16.81
CA ILE C 266 -19.89 -36.49 15.87
C ILE C 266 -19.38 -36.36 14.47
N ILE C 267 -20.08 -36.97 13.54
CA ILE C 267 -19.68 -36.85 12.16
C ILE C 267 -20.69 -35.99 11.43
N ARG C 268 -20.20 -34.94 10.77
CA ARG C 268 -21.09 -34.05 10.04
C ARG C 268 -20.62 -33.82 8.61
N SER C 269 -21.56 -33.75 7.69
CA SER C 269 -21.24 -33.43 6.30
C SER C 269 -22.42 -32.75 5.66
N GLU C 270 -22.21 -32.05 4.56
CA GLU C 270 -23.33 -31.42 3.86
C GLU C 270 -24.36 -32.42 3.29
N ASN C 271 -23.87 -33.56 2.77
CA ASN C 271 -24.62 -34.63 2.14
C ASN C 271 -23.81 -35.92 2.28
N ILE C 272 -24.32 -36.91 3.05
CA ILE C 272 -23.60 -38.16 3.37
C ILE C 272 -23.36 -39.05 2.16
N THR C 273 -24.11 -38.83 1.07
CA THR C 273 -23.93 -39.62 -0.13
C THR C 273 -23.19 -38.84 -1.20
N ASN C 274 -22.75 -37.63 -0.88
CA ASN C 274 -22.06 -36.86 -1.90
C ASN C 274 -20.57 -36.90 -1.63
N ASN C 275 -19.85 -37.72 -2.38
CA ASN C 275 -18.45 -37.92 -2.08
C ASN C 275 -17.57 -36.78 -2.56
N ALA C 276 -18.17 -35.76 -3.14
CA ALA C 276 -17.42 -34.60 -3.56
C ALA C 276 -17.24 -33.66 -2.38
N LYS C 277 -17.89 -33.96 -1.25
CA LYS C 277 -17.81 -33.13 -0.06
C LYS C 277 -16.97 -33.85 0.97
N ASN C 278 -16.29 -33.12 1.83
CA ASN C 278 -15.52 -33.83 2.85
C ASN C 278 -16.34 -34.11 4.08
N ILE C 279 -15.72 -34.80 5.03
CA ILE C 279 -16.36 -35.20 6.26
C ILE C 279 -15.70 -34.62 7.48
N LEU C 280 -16.47 -33.96 8.31
CA LEU C 280 -15.91 -33.43 9.54
C LEU C 280 -16.16 -34.34 10.71
N VAL C 281 -15.09 -34.77 11.35
CA VAL C 281 -15.26 -35.63 12.50
C VAL C 281 -14.77 -34.93 13.75
N GLN C 282 -15.66 -34.73 14.70
CA GLN C 282 -15.28 -34.10 15.96
C GLN C 282 -15.16 -35.18 17.00
N LEU C 283 -14.03 -35.24 17.69
CA LEU C 283 -13.84 -36.27 18.68
C LEU C 283 -14.29 -35.83 20.04
N ASN C 284 -14.64 -36.76 20.93
CA ASN C 284 -15.00 -36.40 22.29
C ASN C 284 -13.87 -36.67 23.27
N THR C 285 -12.77 -37.15 22.74
CA THR C 285 -11.57 -37.40 23.52
C THR C 285 -10.43 -36.93 22.67
N PRO C 286 -9.39 -36.33 23.22
CA PRO C 286 -8.22 -35.95 22.49
C PRO C 286 -7.39 -37.19 22.25
N VAL C 287 -6.62 -37.19 21.19
CA VAL C 287 -5.63 -38.24 21.06
C VAL C 287 -4.30 -37.56 21.19
N GLN C 288 -3.50 -37.98 22.14
CA GLN C 288 -2.25 -37.27 22.27
C GLN C 288 -1.26 -37.78 21.26
N ILE C 289 -0.62 -36.85 20.59
CA ILE C 289 0.42 -37.12 19.62
C ILE C 289 1.71 -36.36 19.96
N ASN C 290 2.86 -37.09 20.03
CA ASN C 290 4.19 -36.56 20.33
C ASN C 290 5.08 -36.62 19.07
N CYS C 291 5.37 -35.45 18.46
CA CYS C 291 6.13 -35.30 17.20
C CYS C 291 7.53 -34.78 17.44
N THR C 292 8.48 -35.30 16.70
CA THR C 292 9.83 -34.83 16.85
C THR C 292 10.67 -34.81 15.60
N ARG C 293 11.68 -33.96 15.68
CA ARG C 293 12.72 -33.84 14.69
C ARG C 293 13.98 -34.08 15.51
N PRO C 294 14.34 -35.35 15.75
CA PRO C 294 15.28 -35.83 16.77
C PRO C 294 16.75 -35.65 16.44
N ASN C 295 17.14 -34.44 16.11
CA ASN C 295 18.50 -34.13 15.73
C ASN C 295 18.85 -32.79 16.35
N ASN C 296 20.03 -32.67 16.98
CA ASN C 296 20.48 -31.43 17.63
C ASN C 296 21.15 -30.54 16.57
N ASN C 297 20.41 -29.51 16.12
CA ASN C 297 20.82 -28.64 15.01
C ASN C 297 21.54 -27.39 15.43
N THR C 298 22.38 -26.93 14.53
CA THR C 298 23.05 -25.66 14.71
C THR C 298 22.62 -24.74 13.57
N VAL C 299 22.84 -23.45 13.76
CA VAL C 299 22.52 -22.44 12.76
C VAL C 299 23.68 -21.53 12.43
N LYS C 300 23.85 -21.32 11.15
CA LYS C 300 24.87 -20.46 10.62
C LYS C 300 24.19 -19.33 9.86
N SER C 301 24.89 -18.22 9.68
CA SER C 301 24.27 -17.14 8.95
C SER C 301 25.26 -16.33 8.14
N ILE C 302 24.72 -15.63 7.16
CA ILE C 302 25.47 -14.75 6.29
C ILE C 302 24.78 -13.42 6.07
N ARG C 303 25.59 -12.38 6.01
CA ARG C 303 25.08 -11.09 5.63
C ARG C 303 25.21 -11.03 4.12
N ILE C 304 24.10 -10.86 3.43
CA ILE C 304 24.06 -10.86 1.98
C ILE C 304 24.12 -9.45 1.45
N GLY C 305 23.40 -8.59 2.14
CA GLY C 305 23.24 -7.21 1.75
C GLY C 305 23.10 -6.32 2.98
N PRO C 306 22.60 -5.09 2.86
CA PRO C 306 22.54 -4.08 3.89
C PRO C 306 21.50 -4.39 4.98
N GLY C 307 21.89 -5.28 5.89
CA GLY C 307 21.03 -5.78 6.96
C GLY C 307 20.25 -6.96 6.47
N GLN C 308 20.59 -7.39 5.29
CA GLN C 308 19.91 -8.48 4.64
C GLN C 308 20.52 -9.78 5.05
N ALA C 309 20.16 -10.19 6.25
CA ALA C 309 20.69 -11.40 6.86
C ALA C 309 19.93 -12.63 6.40
N PHE C 310 20.66 -13.72 6.27
CA PHE C 310 20.11 -15.03 5.96
C PHE C 310 20.58 -16.08 6.92
N TYR C 311 19.64 -16.86 7.40
CA TYR C 311 19.96 -17.91 8.33
C TYR C 311 19.72 -19.24 7.68
N TYR C 312 20.60 -20.17 7.96
CA TYR C 312 20.50 -21.49 7.39
C TYR C 312 20.99 -22.61 8.26
N THR C 313 20.56 -23.81 7.89
CA THR C 313 20.93 -25.00 8.61
C THR C 313 22.44 -25.20 8.58
N GLY C 314 22.97 -25.40 9.78
CA GLY C 314 24.37 -25.63 10.02
C GLY C 314 24.56 -27.11 10.15
N ASP C 315 25.56 -27.54 10.87
CA ASP C 315 25.79 -28.97 10.97
C ASP C 315 24.90 -29.58 12.06
N ILE C 316 25.01 -30.89 12.22
CA ILE C 316 24.24 -31.64 13.19
C ILE C 316 25.11 -32.26 14.27
N ILE C 317 24.72 -32.03 15.50
CA ILE C 317 25.37 -32.55 16.66
C ILE C 317 24.74 -33.90 16.93
N GLY C 318 25.58 -34.92 17.03
CA GLY C 318 25.08 -36.27 17.21
C GLY C 318 24.82 -36.86 15.84
N ASP C 319 24.15 -38.01 15.80
CA ASP C 319 23.94 -38.72 14.54
C ASP C 319 22.71 -38.19 13.83
N ILE C 320 22.42 -38.73 12.65
CA ILE C 320 21.28 -38.26 11.89
C ILE C 320 20.16 -39.31 11.77
N ARG C 321 18.96 -38.95 12.27
CA ARG C 321 17.78 -39.83 12.32
C ARG C 321 16.52 -39.16 11.73
N GLN C 322 15.54 -39.94 11.24
CA GLN C 322 14.36 -39.28 10.66
C GLN C 322 13.33 -38.83 11.69
N ALA C 323 12.59 -37.79 11.30
CA ALA C 323 11.50 -37.22 12.08
C ALA C 323 10.36 -38.22 12.16
N HIS C 324 9.61 -38.15 13.25
CA HIS C 324 8.49 -39.06 13.46
C HIS C 324 7.47 -38.55 14.49
N CYS C 325 6.25 -39.16 14.55
CA CYS C 325 5.21 -38.88 15.54
C CYS C 325 4.71 -40.16 16.19
N ASN C 326 4.55 -40.12 17.50
CA ASN C 326 4.07 -41.22 18.31
C ASN C 326 2.62 -40.99 18.77
N VAL C 327 1.69 -41.81 18.23
CA VAL C 327 0.24 -41.77 18.52
C VAL C 327 -0.12 -43.00 19.33
N SER C 328 -0.80 -42.86 20.47
CA SER C 328 -1.12 -44.08 21.22
C SER C 328 -1.94 -45.05 20.39
N LYS C 329 -1.53 -46.33 20.31
CA LYS C 329 -2.29 -47.29 19.51
C LYS C 329 -3.64 -47.56 20.07
N ALA C 330 -3.73 -47.72 21.38
CA ALA C 330 -5.00 -48.05 21.97
C ALA C 330 -5.94 -46.89 21.83
N THR C 331 -5.42 -45.69 22.01
CA THR C 331 -6.30 -44.55 21.95
C THR C 331 -6.81 -44.41 20.54
N TRP C 332 -5.92 -44.55 19.58
CA TRP C 332 -6.27 -44.41 18.19
C TRP C 332 -7.27 -45.48 17.78
N ASN C 333 -7.06 -46.72 18.23
CA ASN C 333 -7.97 -47.78 17.87
C ASN C 333 -9.35 -47.44 18.38
N GLU C 334 -9.43 -46.92 19.61
CA GLU C 334 -10.72 -46.54 20.15
C GLU C 334 -11.31 -45.41 19.35
N THR C 335 -10.46 -44.49 18.91
CA THR C 335 -10.89 -43.34 18.15
C THR C 335 -11.57 -43.75 16.87
N LEU C 336 -10.96 -44.64 16.10
CA LEU C 336 -11.61 -44.99 14.87
C LEU C 336 -12.77 -45.94 15.10
N GLY C 337 -12.75 -46.71 16.18
CA GLY C 337 -13.86 -47.57 16.46
C GLY C 337 -15.10 -46.71 16.70
N LYS C 338 -14.91 -45.60 17.44
CA LYS C 338 -16.00 -44.67 17.70
C LYS C 338 -16.48 -44.03 16.42
N VAL C 339 -15.55 -43.72 15.51
CA VAL C 339 -15.94 -43.13 14.24
C VAL C 339 -16.86 -44.08 13.52
N VAL C 340 -16.52 -45.35 13.52
CA VAL C 340 -17.36 -46.34 12.87
C VAL C 340 -18.72 -46.45 13.54
N LYS C 341 -18.76 -46.43 14.86
CA LYS C 341 -20.06 -46.50 15.51
C LYS C 341 -20.94 -45.35 15.04
N GLN C 342 -20.33 -44.18 14.82
CA GLN C 342 -21.09 -43.04 14.35
C GLN C 342 -21.42 -43.17 12.85
N LEU C 343 -20.53 -43.77 12.06
CA LEU C 343 -20.81 -43.95 10.62
C LEU C 343 -22.01 -44.82 10.43
N ARG C 344 -22.17 -45.78 11.32
CA ARG C 344 -23.25 -46.72 11.30
C ARG C 344 -24.59 -46.10 11.69
N LYS C 345 -24.61 -44.86 12.17
CA LYS C 345 -25.90 -44.27 12.47
C LYS C 345 -26.60 -43.89 11.17
N HIS C 346 -25.86 -43.28 10.24
CA HIS C 346 -26.44 -42.91 8.97
C HIS C 346 -26.19 -43.93 7.85
N PHE C 347 -25.27 -44.84 8.06
CA PHE C 347 -25.00 -45.91 7.11
C PHE C 347 -25.39 -47.19 7.81
N GLY C 348 -25.69 -48.25 7.08
CA GLY C 348 -26.12 -49.46 7.77
C GLY C 348 -25.00 -50.38 8.27
N ASN C 349 -25.42 -51.56 8.75
CA ASN C 349 -24.59 -52.64 9.29
C ASN C 349 -24.22 -53.61 8.16
N ASN C 350 -23.46 -54.70 8.48
CA ASN C 350 -22.96 -55.75 7.54
C ASN C 350 -22.06 -55.13 6.47
N THR C 351 -21.43 -54.05 6.88
CA THR C 351 -20.50 -53.27 6.12
C THR C 351 -19.20 -53.26 6.85
N ILE C 352 -18.14 -53.54 6.13
CA ILE C 352 -16.84 -53.53 6.71
C ILE C 352 -16.25 -52.18 6.39
N ILE C 353 -15.84 -51.45 7.40
CA ILE C 353 -15.27 -50.15 7.16
C ILE C 353 -13.79 -50.20 7.15
N ARG C 354 -13.23 -49.87 6.02
CA ARG C 354 -11.81 -49.87 5.88
C ARG C 354 -11.25 -48.47 6.00
N PHE C 355 -10.20 -48.35 6.76
CA PHE C 355 -9.48 -47.12 6.83
C PHE C 355 -8.23 -47.34 6.05
N ALA C 356 -7.95 -46.39 5.17
CA ALA C 356 -6.82 -46.48 4.28
C ALA C 356 -6.10 -45.15 4.16
N GLN C 357 -4.86 -45.21 3.72
CA GLN C 357 -4.02 -44.07 3.43
C GLN C 357 -4.56 -43.37 2.20
N SER C 358 -4.24 -42.09 2.02
CA SER C 358 -4.78 -41.37 0.88
C SER C 358 -4.28 -41.95 -0.42
N SER C 359 -5.04 -41.70 -1.49
CA SER C 359 -4.73 -42.23 -2.80
C SER C 359 -3.59 -41.56 -3.54
N GLY C 360 -3.29 -40.31 -3.20
CA GLY C 360 -2.21 -39.63 -3.90
C GLY C 360 -2.47 -38.14 -4.00
N GLY C 361 -1.56 -37.44 -4.67
CA GLY C 361 -1.63 -35.99 -4.82
C GLY C 361 -0.25 -35.43 -4.48
N ASP C 362 -0.14 -34.12 -4.30
CA ASP C 362 1.16 -33.55 -3.99
C ASP C 362 1.39 -33.74 -2.52
N LEU C 363 2.53 -33.32 -2.02
CA LEU C 363 2.89 -33.54 -0.63
C LEU C 363 1.85 -33.02 0.35
N GLU C 364 1.31 -31.86 0.07
CA GLU C 364 0.38 -31.22 0.97
C GLU C 364 -0.91 -32.02 1.17
N VAL C 365 -1.20 -32.94 0.27
CA VAL C 365 -2.40 -33.73 0.41
C VAL C 365 -2.11 -35.22 0.57
N THR C 366 -0.84 -35.60 0.74
CA THR C 366 -0.54 -37.00 0.95
C THR C 366 -0.04 -37.20 2.35
N THR C 367 0.41 -36.12 2.97
CA THR C 367 0.90 -36.16 4.33
C THR C 367 0.10 -35.22 5.18
N HIS C 368 0.27 -35.40 6.48
CA HIS C 368 -0.33 -34.55 7.46
C HIS C 368 0.61 -33.43 7.72
N SER C 369 0.23 -32.25 7.26
CA SER C 369 1.07 -31.11 7.39
C SER C 369 0.64 -30.34 8.61
N PHE C 370 1.63 -29.91 9.36
CA PHE C 370 1.42 -29.05 10.53
C PHE C 370 2.69 -28.30 10.91
N ASN C 371 2.50 -27.24 11.67
CA ASN C 371 3.62 -26.44 12.15
C ASN C 371 3.85 -26.55 13.66
N CYS C 372 5.10 -26.89 14.05
CA CYS C 372 5.57 -27.04 15.43
C CYS C 372 6.62 -25.99 15.79
N GLY C 373 6.18 -24.86 16.31
CA GLY C 373 7.17 -23.85 16.72
C GLY C 373 7.93 -23.26 15.58
N GLY C 374 7.32 -23.19 14.41
CA GLY C 374 7.98 -22.69 13.23
C GLY C 374 8.50 -23.83 12.35
N GLU C 375 8.55 -25.06 12.87
CA GLU C 375 9.02 -26.18 12.06
C GLU C 375 7.89 -26.79 11.24
N PHE C 376 8.18 -27.16 10.00
CA PHE C 376 7.14 -27.72 9.16
C PHE C 376 7.28 -29.20 8.87
N PHE C 377 6.33 -29.92 9.43
CA PHE C 377 6.24 -31.37 9.38
C PHE C 377 5.30 -31.82 8.31
N TYR C 378 5.71 -32.87 7.61
CA TYR C 378 4.97 -33.57 6.57
C TYR C 378 4.97 -35.05 6.89
N CYS C 379 4.04 -35.50 7.77
CA CYS C 379 4.02 -36.83 8.36
C CYS C 379 3.17 -37.82 7.60
N ASN C 380 3.70 -39.03 7.54
CA ASN C 380 3.02 -40.14 6.90
C ASN C 380 2.13 -40.83 7.94
N THR C 381 0.81 -40.73 7.73
CA THR C 381 -0.26 -41.20 8.60
C THR C 381 -0.83 -42.51 8.13
N SER C 382 -0.15 -43.20 7.23
CA SER C 382 -0.70 -44.48 6.76
C SER C 382 -0.84 -45.45 7.92
N GLY C 383 0.02 -45.31 8.93
CA GLY C 383 0.00 -46.14 10.13
C GLY C 383 -1.26 -45.94 10.96
N LEU C 384 -1.98 -44.86 10.70
CA LEU C 384 -3.21 -44.58 11.40
C LEU C 384 -4.43 -45.08 10.65
N PHE C 385 -4.26 -45.37 9.38
CA PHE C 385 -5.39 -45.74 8.53
C PHE C 385 -5.03 -46.97 7.71
N ASN C 386 -4.91 -48.12 8.39
CA ASN C 386 -4.53 -49.42 7.82
C ASN C 386 -5.24 -50.56 8.58
N SER C 387 -6.60 -50.51 8.64
CA SER C 387 -7.41 -51.49 9.40
C SER C 387 -8.87 -51.51 9.00
N THR C 388 -9.58 -52.53 9.47
CA THR C 388 -11.00 -52.59 9.24
C THR C 388 -11.80 -52.77 10.50
N TRP C 389 -13.04 -52.32 10.45
CA TRP C 389 -14.00 -52.46 11.51
C TRP C 389 -15.25 -53.14 10.99
N ILE C 390 -15.88 -53.93 11.83
CA ILE C 390 -17.09 -54.61 11.39
C ILE C 390 -18.24 -54.29 12.32
N SER C 391 -19.47 -54.55 11.85
CA SER C 391 -20.66 -54.30 12.67
C SER C 391 -20.90 -55.21 13.90
N ASN C 392 -20.18 -56.37 13.96
CA ASN C 392 -20.24 -57.37 15.03
C ASN C 392 -19.04 -57.14 15.94
N ASN C 404 2.57 -47.89 27.59
CA ASN C 404 1.87 -47.60 26.35
C ASN C 404 2.55 -48.36 25.20
N ASP C 405 1.97 -48.23 23.99
CA ASP C 405 2.44 -48.77 22.72
C ASP C 405 1.99 -47.75 21.68
N SER C 406 2.92 -47.02 21.08
CA SER C 406 2.56 -45.96 20.14
C SER C 406 2.80 -46.33 18.69
N ILE C 407 2.24 -45.55 17.80
CA ILE C 407 2.44 -45.72 16.39
C ILE C 407 3.47 -44.71 16.00
N THR C 408 4.65 -45.18 15.66
CA THR C 408 5.78 -44.32 15.37
C THR C 408 5.78 -43.91 13.90
N LEU C 409 4.91 -42.98 13.56
CA LEU C 409 4.70 -42.56 12.19
C LEU C 409 5.94 -41.84 11.70
N PRO C 410 6.53 -42.15 10.55
CA PRO C 410 7.68 -41.47 10.01
C PRO C 410 7.21 -40.12 9.51
N CYS C 411 8.09 -39.10 9.53
CA CYS C 411 7.83 -37.75 9.03
C CYS C 411 8.98 -37.17 8.25
N ARG C 412 8.66 -36.29 7.33
CA ARG C 412 9.67 -35.52 6.61
C ARG C 412 9.59 -34.06 7.00
N ILE C 413 10.70 -33.37 6.81
CA ILE C 413 10.79 -31.95 7.11
C ILE C 413 11.05 -31.17 5.85
N LYS C 414 10.32 -30.08 5.66
CA LYS C 414 10.47 -29.26 4.45
C LYS C 414 10.66 -27.79 4.78
N GLN C 415 11.50 -27.08 4.02
CA GLN C 415 11.66 -25.66 4.26
C GLN C 415 11.13 -24.71 3.19
N ILE C 416 11.03 -25.09 1.91
CA ILE C 416 10.52 -24.08 0.98
C ILE C 416 9.08 -24.39 0.71
N ILE C 417 8.24 -23.55 1.27
CA ILE C 417 6.82 -23.76 1.31
C ILE C 417 6.01 -22.69 0.65
N ASN C 418 5.10 -23.13 -0.19
CA ASN C 418 4.23 -22.24 -0.92
C ASN C 418 3.08 -21.89 0.00
N MET C 419 2.44 -20.76 -0.23
CA MET C 419 1.27 -20.48 0.60
C MET C 419 0.22 -21.51 0.28
N TRP C 420 -0.52 -21.88 1.28
CA TRP C 420 -1.51 -22.93 1.16
C TRP C 420 -2.47 -22.71 0.00
N GLN C 421 -2.83 -21.47 -0.26
CA GLN C 421 -3.79 -21.17 -1.31
C GLN C 421 -3.22 -20.79 -2.69
N ARG C 422 -1.90 -20.68 -2.82
CA ARG C 422 -1.34 -20.20 -4.09
C ARG C 422 0.15 -20.45 -4.22
N ILE C 423 0.66 -20.37 -5.45
CA ILE C 423 2.10 -20.55 -5.64
C ILE C 423 2.82 -19.31 -6.15
N GLY C 424 2.19 -18.16 -6.04
CA GLY C 424 2.81 -16.92 -6.47
C GLY C 424 3.74 -16.36 -5.39
N GLN C 425 3.68 -16.98 -4.21
CA GLN C 425 4.46 -16.60 -3.05
C GLN C 425 4.97 -17.85 -2.36
N ALA C 426 6.19 -17.77 -1.86
CA ALA C 426 6.79 -18.87 -1.11
C ALA C 426 7.77 -18.33 -0.10
N MET C 427 8.00 -19.13 0.93
CA MET C 427 8.91 -18.78 1.98
C MET C 427 9.88 -19.91 2.32
N TYR C 428 11.06 -19.54 2.75
CA TYR C 428 12.02 -20.49 3.26
C TYR C 428 12.01 -20.48 4.76
N ALA C 429 11.55 -21.55 5.33
CA ALA C 429 11.48 -21.60 6.75
C ALA C 429 12.87 -21.45 7.29
N PRO C 430 13.06 -20.72 8.38
CA PRO C 430 14.33 -20.51 9.00
C PRO C 430 14.68 -21.82 9.61
N PRO C 431 15.94 -22.07 9.87
CA PRO C 431 16.40 -23.21 10.58
C PRO C 431 16.08 -22.99 12.03
N ILE C 432 15.92 -24.08 12.77
CA ILE C 432 15.73 -24.01 14.20
C ILE C 432 16.80 -24.83 14.93
N GLN C 433 17.42 -24.20 15.91
CA GLN C 433 18.47 -24.80 16.74
C GLN C 433 17.94 -25.84 17.69
N GLY C 434 18.78 -26.79 18.07
CA GLY C 434 18.41 -27.78 19.07
C GLY C 434 17.52 -28.87 18.49
N VAL C 435 16.73 -29.48 19.38
CA VAL C 435 15.86 -30.62 19.09
C VAL C 435 14.45 -30.25 19.48
N ILE C 436 13.49 -30.53 18.61
CA ILE C 436 12.11 -30.20 18.97
C ILE C 436 11.26 -31.40 19.31
N ARG C 437 10.55 -31.27 20.43
CA ARG C 437 9.54 -32.21 20.89
C ARG C 437 8.21 -31.44 20.98
N CYS C 438 7.33 -31.70 20.01
CA CYS C 438 6.06 -31.06 19.75
C CYS C 438 4.92 -31.93 20.27
N VAL C 439 4.14 -31.42 21.21
CA VAL C 439 3.06 -32.24 21.73
C VAL C 439 1.74 -31.53 21.53
N SER C 440 0.79 -32.25 20.94
CA SER C 440 -0.51 -31.70 20.65
C SER C 440 -1.64 -32.73 20.80
N ASN C 441 -2.90 -32.24 20.81
CA ASN C 441 -4.13 -33.03 20.89
C ASN C 441 -4.81 -33.12 19.53
N ILE C 442 -5.19 -34.35 19.10
CA ILE C 442 -6.00 -34.56 17.90
C ILE C 442 -7.41 -34.47 18.42
N THR C 443 -8.13 -33.48 17.95
CA THR C 443 -9.47 -33.18 18.38
C THR C 443 -10.47 -33.52 17.31
N GLY C 444 -9.96 -33.83 16.13
CA GLY C 444 -10.83 -34.18 15.02
C GLY C 444 -10.09 -34.63 13.79
N LEU C 445 -10.88 -34.98 12.79
CA LEU C 445 -10.37 -35.45 11.52
C LEU C 445 -11.10 -34.83 10.35
N ILE C 446 -10.42 -34.68 9.22
CA ILE C 446 -11.17 -34.42 8.01
C ILE C 446 -10.97 -35.64 7.13
N LEU C 447 -12.07 -36.29 6.81
CA LEU C 447 -12.04 -37.51 6.04
C LEU C 447 -12.70 -37.38 4.69
N THR C 448 -12.28 -38.22 3.78
CA THR C 448 -12.87 -38.31 2.47
C THR C 448 -13.40 -39.74 2.20
N ARG C 449 -14.65 -39.82 1.75
CA ARG C 449 -15.28 -41.11 1.49
C ARG C 449 -14.92 -41.61 0.12
N ASP C 450 -14.59 -42.89 0.02
CA ASP C 450 -14.29 -43.45 -1.28
C ASP C 450 -15.64 -43.81 -1.87
N GLY C 451 -16.30 -42.80 -2.43
CA GLY C 451 -17.65 -42.99 -2.89
C GLY C 451 -17.70 -43.87 -4.12
N GLY C 452 -18.76 -44.68 -4.18
CA GLY C 452 -19.03 -45.60 -5.28
C GLY C 452 -18.70 -47.01 -4.82
N SER C 453 -19.72 -47.86 -4.68
CA SER C 453 -19.48 -49.20 -4.19
C SER C 453 -20.52 -50.17 -4.69
N THR C 454 -20.17 -51.44 -4.73
CA THR C 454 -21.10 -52.48 -5.12
C THR C 454 -22.02 -52.75 -3.96
N ASN C 455 -23.32 -52.74 -4.23
CA ASN C 455 -24.39 -53.01 -3.28
C ASN C 455 -24.30 -52.17 -2.03
N SER C 456 -23.85 -50.93 -2.18
CA SER C 456 -23.73 -50.00 -1.06
C SER C 456 -23.04 -50.63 0.16
N THR C 457 -21.98 -51.43 -0.04
CA THR C 457 -21.31 -52.01 1.11
C THR C 457 -19.80 -51.87 1.06
N THR C 458 -19.17 -52.42 2.08
CA THR C 458 -17.73 -52.41 2.33
C THR C 458 -17.08 -51.10 1.90
N GLU C 459 -17.44 -50.04 2.61
CA GLU C 459 -16.97 -48.69 2.37
C GLU C 459 -15.55 -48.48 2.89
N THR C 460 -14.84 -47.57 2.24
CA THR C 460 -13.50 -47.18 2.64
C THR C 460 -13.40 -45.68 2.81
N PHE C 461 -12.71 -45.27 3.87
CA PHE C 461 -12.46 -43.88 4.15
C PHE C 461 -10.97 -43.61 4.24
N ARG C 462 -10.58 -42.44 3.77
CA ARG C 462 -9.20 -41.99 3.77
C ARG C 462 -9.12 -40.59 4.38
N PRO C 463 -8.01 -40.17 4.98
CA PRO C 463 -7.78 -38.83 5.49
C PRO C 463 -7.52 -37.85 4.36
N GLY C 464 -7.83 -36.56 4.57
CA GLY C 464 -7.42 -35.57 3.59
C GLY C 464 -8.23 -34.28 3.58
N GLY C 465 -7.86 -33.39 2.67
CA GLY C 465 -8.48 -32.08 2.48
C GLY C 465 -7.56 -30.97 2.98
N GLY C 466 -7.03 -30.16 2.04
CA GLY C 466 -6.09 -29.09 2.37
C GLY C 466 -6.72 -27.69 2.36
N ASP C 467 -8.03 -27.64 2.28
CA ASP C 467 -8.74 -26.37 2.20
C ASP C 467 -8.88 -25.80 3.60
N MET C 468 -8.25 -24.66 3.84
CA MET C 468 -8.20 -24.06 5.17
C MET C 468 -9.55 -23.71 5.73
N ARG C 469 -10.55 -23.55 4.88
CA ARG C 469 -11.84 -23.18 5.38
C ARG C 469 -12.46 -24.32 6.15
N ASP C 470 -11.97 -25.52 5.90
CA ASP C 470 -12.53 -26.66 6.53
C ASP C 470 -11.99 -26.82 7.94
N ASN C 471 -10.99 -26.02 8.29
CA ASN C 471 -10.42 -26.17 9.60
C ASN C 471 -11.09 -25.26 10.60
N TRP C 472 -12.09 -24.50 10.17
CA TRP C 472 -12.80 -23.64 11.09
C TRP C 472 -14.24 -24.02 11.19
N ARG C 473 -14.62 -25.06 10.48
CA ARG C 473 -16.02 -25.41 10.41
C ARG C 473 -16.55 -25.85 11.73
N SER C 474 -15.72 -26.53 12.51
CA SER C 474 -16.22 -27.01 13.77
C SER C 474 -16.39 -25.85 14.72
N GLU C 475 -15.37 -25.05 14.85
CA GLU C 475 -15.43 -23.97 15.80
C GLU C 475 -16.53 -22.98 15.51
N LEU C 476 -16.77 -22.71 14.26
CA LEU C 476 -17.78 -21.76 13.87
C LEU C 476 -19.17 -22.34 13.70
N TYR C 477 -19.41 -23.64 13.93
CA TYR C 477 -20.75 -24.13 13.66
C TYR C 477 -21.76 -23.57 14.61
N LYS C 478 -21.30 -23.17 15.75
CA LYS C 478 -22.20 -22.68 16.76
C LYS C 478 -22.65 -21.27 16.51
N TYR C 479 -22.00 -20.52 15.61
CA TYR C 479 -22.35 -19.11 15.51
C TYR C 479 -23.02 -18.63 14.23
N LYS C 480 -23.91 -17.64 14.42
CA LYS C 480 -24.58 -16.89 13.34
C LYS C 480 -24.57 -15.40 13.60
N VAL C 481 -24.50 -14.59 12.55
CA VAL C 481 -24.54 -13.15 12.77
C VAL C 481 -25.76 -12.49 12.16
N VAL C 482 -26.44 -11.68 12.98
CA VAL C 482 -27.61 -10.95 12.53
C VAL C 482 -27.57 -9.47 12.83
N LYS C 483 -28.34 -8.74 12.05
CA LYS C 483 -28.57 -7.33 12.22
C LYS C 483 -29.76 -7.16 13.14
N ILE C 484 -29.70 -6.13 13.94
CA ILE C 484 -30.78 -5.77 14.84
C ILE C 484 -31.73 -4.81 14.14
N GLU C 485 -33.02 -5.13 14.13
CA GLU C 485 -34.02 -4.28 13.49
C GLU C 485 -35.04 -3.74 14.49
N PRO C 486 -34.78 -2.58 15.13
CA PRO C 486 -35.51 -2.02 16.24
C PRO C 486 -36.92 -1.50 15.95
N LEU C 487 -37.32 -1.33 14.70
CA LEU C 487 -38.68 -0.84 14.51
C LEU C 487 -39.66 -1.91 14.12
N GLY C 488 -40.82 -1.89 14.76
CA GLY C 488 -41.87 -2.81 14.39
C GLY C 488 -43.25 -2.20 14.45
N VAL C 489 -44.09 -2.66 13.55
CA VAL C 489 -45.45 -2.18 13.45
C VAL C 489 -46.26 -2.79 14.56
N ALA C 490 -47.00 -1.94 15.25
CA ALA C 490 -47.77 -2.32 16.41
C ALA C 490 -49.25 -1.90 16.33
N PRO C 491 -50.13 -2.64 15.67
CA PRO C 491 -51.53 -2.31 15.52
C PRO C 491 -52.17 -2.22 16.92
N THR C 492 -52.96 -1.17 17.22
CA THR C 492 -53.63 -1.01 18.51
C THR C 492 -54.84 -0.02 18.47
N ARG C 493 -55.25 0.48 19.65
CA ARG C 493 -56.41 1.36 19.80
C ARG C 493 -56.26 2.88 20.04
N CYS C 494 -55.03 3.47 20.08
CA CYS C 494 -54.84 4.89 20.41
C CYS C 494 -54.86 5.81 19.19
N LYS C 495 -55.02 7.10 19.49
CA LYS C 495 -54.96 8.19 18.53
C LYS C 495 -54.15 9.31 19.21
N LEU D 9 -33.63 -8.93 33.18
CA LEU D 9 -33.30 -9.33 31.82
C LEU D 9 -32.33 -8.33 31.17
N GLY D 10 -31.48 -8.84 30.25
CA GLY D 10 -30.53 -8.09 29.45
C GLY D 10 -31.02 -8.05 28.00
N PHE D 11 -30.10 -7.82 27.08
CA PHE D 11 -30.41 -7.71 25.67
C PHE D 11 -30.99 -9.00 25.15
N LEU D 12 -32.13 -8.89 24.48
CA LEU D 12 -32.89 -9.99 23.93
C LEU D 12 -33.39 -10.97 24.96
N GLY D 13 -33.39 -10.58 26.23
CA GLY D 13 -33.89 -11.45 27.28
C GLY D 13 -35.35 -11.78 27.07
N ALA D 14 -36.09 -10.87 26.48
CA ALA D 14 -37.50 -11.04 26.21
C ALA D 14 -37.75 -11.43 24.77
N ALA D 15 -36.71 -11.83 24.04
CA ALA D 15 -36.90 -12.12 22.62
C ALA D 15 -37.95 -13.18 22.36
N GLY D 16 -38.09 -14.19 23.21
CA GLY D 16 -39.10 -15.22 22.95
C GLY D 16 -40.44 -14.95 23.62
N SER D 17 -40.56 -13.83 24.30
CA SER D 17 -41.78 -13.51 25.04
C SER D 17 -42.79 -12.93 24.08
N THR D 18 -44.01 -12.74 24.53
CA THR D 18 -45.00 -12.21 23.62
C THR D 18 -44.69 -10.76 23.34
N MET D 19 -45.29 -10.23 22.29
CA MET D 19 -44.98 -8.87 21.93
C MET D 19 -45.36 -7.90 23.00
N GLY D 20 -46.47 -8.19 23.67
CA GLY D 20 -46.93 -7.35 24.74
C GLY D 20 -45.89 -7.37 25.86
N ALA D 21 -45.49 -8.56 26.29
CA ALA D 21 -44.54 -8.65 27.39
C ALA D 21 -43.23 -7.96 27.11
N ALA D 22 -42.80 -8.07 25.87
CA ALA D 22 -41.53 -7.57 25.42
C ALA D 22 -41.52 -6.07 25.32
N SER D 23 -42.67 -5.43 25.43
CA SER D 23 -42.68 -4.01 25.29
C SER D 23 -41.97 -3.38 26.48
N MET D 24 -41.82 -4.15 27.55
CA MET D 24 -41.25 -3.59 28.74
C MET D 24 -39.74 -3.56 28.68
N THR D 25 -39.18 -4.12 27.60
CA THR D 25 -37.76 -4.16 27.40
C THR D 25 -37.36 -3.38 26.16
N LEU D 26 -38.23 -2.50 25.66
CA LEU D 26 -37.84 -1.77 24.46
C LEU D 26 -36.64 -0.88 24.74
N THR D 27 -36.58 -0.35 25.97
CA THR D 27 -35.48 0.51 26.35
C THR D 27 -34.19 -0.28 26.37
N VAL D 28 -34.28 -1.53 26.75
CA VAL D 28 -33.13 -2.38 26.86
C VAL D 28 -32.53 -2.61 25.49
N GLN D 29 -33.38 -2.86 24.52
CA GLN D 29 -32.88 -3.10 23.19
C GLN D 29 -32.27 -1.84 22.60
N ALA D 30 -32.85 -0.68 22.89
CA ALA D 30 -32.36 0.59 22.35
C ALA D 30 -30.92 0.85 22.78
N ARG D 31 -30.59 0.43 23.99
CA ARG D 31 -29.27 0.62 24.57
C ARG D 31 -28.17 -0.08 23.77
N ASN D 32 -28.54 -1.08 22.98
CA ASN D 32 -27.57 -1.88 22.25
C ASN D 32 -27.42 -1.48 20.78
N LEU D 33 -28.01 -0.35 20.40
CA LEU D 33 -27.87 0.10 19.03
C LEU D 33 -26.62 0.93 18.82
N LEU D 34 -26.14 1.60 19.85
CA LEU D 34 -24.97 2.44 19.76
C LEU D 34 -23.83 1.85 20.56
N SER D 35 -22.57 2.12 20.14
CA SER D 35 -21.34 1.67 20.83
C SER D 35 -21.34 2.09 22.32
N LYS D 56 -2.34 1.86 10.90
CA LYS D 56 -3.74 2.23 10.63
C LYS D 56 -4.14 2.14 9.13
N ASP D 57 -3.16 2.12 8.20
CA ASP D 57 -3.33 2.00 6.74
C ASP D 57 -3.17 0.56 6.27
N THR D 58 -3.15 -0.34 7.23
CA THR D 58 -3.08 -1.78 7.07
C THR D 58 -4.48 -2.32 7.34
N HIS D 59 -4.72 -3.63 7.20
CA HIS D 59 -6.11 -4.11 7.29
C HIS D 59 -6.75 -4.24 8.67
N TRP D 60 -7.01 -3.08 9.28
CA TRP D 60 -7.72 -2.99 10.54
C TRP D 60 -8.28 -1.58 10.73
N GLY D 61 -7.50 -0.54 10.41
CA GLY D 61 -7.94 0.84 10.66
C GLY D 61 -9.17 1.16 9.82
N ILE D 62 -9.07 0.88 8.54
CA ILE D 62 -10.13 1.14 7.60
C ILE D 62 -11.35 0.29 7.91
N LYS D 63 -11.13 -0.96 8.24
CA LYS D 63 -12.27 -1.81 8.51
C LYS D 63 -13.06 -1.29 9.69
N GLN D 64 -12.37 -0.80 10.73
CA GLN D 64 -13.06 -0.27 11.88
C GLN D 64 -13.85 0.95 11.51
N LEU D 65 -13.29 1.81 10.66
CA LEU D 65 -14.05 2.98 10.25
C LEU D 65 -15.26 2.58 9.46
N GLN D 66 -15.15 1.59 8.61
CA GLN D 66 -16.30 1.22 7.83
C GLN D 66 -17.41 0.72 8.73
N ALA D 67 -17.05 -0.08 9.73
CA ALA D 67 -18.07 -0.61 10.62
C ALA D 67 -18.74 0.48 11.44
N ARG D 68 -17.95 1.42 11.93
CA ARG D 68 -18.48 2.47 12.78
C ARG D 68 -19.38 3.39 12.00
N VAL D 69 -18.96 3.72 10.79
CA VAL D 69 -19.73 4.64 9.99
C VAL D 69 -21.04 4.04 9.59
N LEU D 70 -21.03 2.79 9.18
CA LEU D 70 -22.27 2.18 8.78
C LEU D 70 -23.19 2.04 9.98
N ALA D 71 -22.67 1.71 11.15
CA ALA D 71 -23.56 1.58 12.28
C ALA D 71 -24.28 2.90 12.50
N VAL D 72 -23.55 4.00 12.33
CA VAL D 72 -24.15 5.30 12.48
C VAL D 72 -25.20 5.53 11.41
N GLU D 73 -24.91 5.19 10.16
CA GLU D 73 -25.90 5.44 9.14
C GLU D 73 -27.18 4.68 9.38
N HIS D 74 -27.07 3.44 9.86
CA HIS D 74 -28.29 2.68 10.05
C HIS D 74 -29.10 3.33 11.14
N TYR D 75 -28.41 3.76 12.18
CA TYR D 75 -29.06 4.40 13.27
C TYR D 75 -29.80 5.63 12.82
N LEU D 76 -29.12 6.48 12.07
CA LEU D 76 -29.72 7.71 11.68
C LEU D 76 -30.88 7.52 10.73
N ARG D 77 -30.84 6.54 9.85
CA ARG D 77 -31.98 6.34 8.97
C ARG D 77 -33.23 6.02 9.77
N ASP D 78 -33.10 5.21 10.80
CA ASP D 78 -34.29 4.91 11.58
C ASP D 78 -34.73 6.14 12.33
N GLN D 79 -33.79 6.94 12.80
CA GLN D 79 -34.18 8.11 13.53
C GLN D 79 -34.89 9.09 12.62
N GLN D 80 -34.46 9.19 11.36
CA GLN D 80 -35.13 10.12 10.47
C GLN D 80 -36.54 9.68 10.21
N LEU D 81 -36.76 8.37 10.09
CA LEU D 81 -38.10 7.88 9.84
C LEU D 81 -38.99 8.18 11.03
N LEU D 82 -38.47 7.98 12.22
CA LEU D 82 -39.26 8.28 13.38
C LEU D 82 -39.55 9.77 13.43
N GLY D 83 -38.58 10.59 13.05
CA GLY D 83 -38.80 12.00 13.07
C GLY D 83 -39.86 12.46 12.08
N ILE D 84 -39.84 11.92 10.86
CA ILE D 84 -40.81 12.39 9.87
C ILE D 84 -42.21 11.97 10.27
N TRP D 85 -42.31 10.85 10.98
CA TRP D 85 -43.57 10.35 11.48
C TRP D 85 -44.08 11.09 12.71
N GLY D 86 -43.30 12.02 13.25
CA GLY D 86 -43.69 12.72 14.47
C GLY D 86 -43.46 11.90 15.76
N CYS D 87 -42.43 11.00 15.74
CA CYS D 87 -42.05 10.09 16.81
C CYS D 87 -40.72 10.51 17.43
N SER D 88 -40.30 11.74 17.22
CA SER D 88 -39.03 12.09 17.80
C SER D 88 -39.16 12.02 19.31
N GLY D 89 -38.22 11.34 19.95
CA GLY D 89 -38.23 11.26 21.41
C GLY D 89 -39.24 10.26 21.96
N LYS D 90 -39.90 9.51 21.11
CA LYS D 90 -40.90 8.59 21.62
C LYS D 90 -40.47 7.15 21.51
N LEU D 91 -40.75 6.39 22.55
CA LEU D 91 -40.45 4.97 22.53
C LEU D 91 -41.54 4.28 21.72
N ILE D 92 -42.75 4.81 21.88
CA ILE D 92 -43.91 4.32 21.18
C ILE D 92 -44.51 5.45 20.31
N CYS D 93 -44.69 5.21 18.98
CA CYS D 93 -45.32 6.15 18.05
C CYS D 93 -46.82 5.94 18.14
N CYS D 94 -47.60 6.99 18.01
CA CYS D 94 -49.02 6.77 17.93
C CYS D 94 -49.57 7.71 16.89
N THR D 95 -50.28 7.14 15.92
CA THR D 95 -50.83 7.92 14.84
C THR D 95 -52.28 7.64 14.65
N ASN D 96 -52.88 8.39 13.74
CA ASN D 96 -54.28 8.26 13.40
C ASN D 96 -54.46 7.45 12.12
N VAL D 97 -53.45 6.69 11.73
CA VAL D 97 -53.52 5.91 10.53
C VAL D 97 -53.92 4.46 10.81
N PRO D 98 -55.04 3.96 10.26
CA PRO D 98 -55.52 2.59 10.38
C PRO D 98 -54.68 1.74 9.47
N TRP D 99 -54.58 0.45 9.73
CA TRP D 99 -53.88 -0.39 8.79
C TRP D 99 -54.91 -1.10 7.92
N ASN D 100 -54.46 -1.89 6.93
CA ASN D 100 -55.33 -2.66 6.03
C ASN D 100 -55.81 -3.94 6.72
N SER D 101 -57.11 -4.25 6.60
CA SER D 101 -57.72 -5.47 7.12
C SER D 101 -57.21 -6.69 6.37
N SER D 102 -56.69 -6.48 5.16
CA SER D 102 -56.17 -7.57 4.35
C SER D 102 -54.84 -8.05 4.92
N TRP D 103 -54.25 -7.28 5.82
CA TRP D 103 -52.98 -7.63 6.39
C TRP D 103 -53.16 -8.45 7.64
N SER D 104 -54.41 -8.70 8.04
CA SER D 104 -54.55 -9.45 9.27
C SER D 104 -55.78 -10.33 9.36
N ASN D 105 -55.56 -11.50 9.90
CA ASN D 105 -56.59 -12.48 10.18
C ASN D 105 -56.64 -12.73 11.67
N ARG D 106 -56.15 -11.76 12.43
CA ARG D 106 -56.09 -11.83 13.86
C ARG D 106 -56.64 -10.58 14.52
N ASN D 107 -57.18 -10.73 15.75
CA ASN D 107 -57.60 -9.65 16.62
C ASN D 107 -56.40 -9.21 17.48
N LEU D 108 -56.52 -8.09 18.21
CA LEU D 108 -55.44 -7.54 19.03
C LEU D 108 -55.02 -8.44 20.18
N SER D 109 -55.95 -9.21 20.76
CA SER D 109 -55.51 -10.05 21.86
C SER D 109 -54.61 -11.15 21.36
N GLU D 110 -54.89 -11.71 20.19
CA GLU D 110 -54.00 -12.74 19.70
C GLU D 110 -52.67 -12.12 19.33
N ILE D 111 -52.72 -10.97 18.70
CA ILE D 111 -51.49 -10.35 18.25
C ILE D 111 -50.58 -10.01 19.41
N TRP D 112 -51.09 -9.42 20.46
CA TRP D 112 -50.21 -9.04 21.55
C TRP D 112 -49.88 -10.12 22.58
N ASP D 113 -50.82 -11.05 22.83
CA ASP D 113 -50.62 -12.08 23.84
C ASP D 113 -50.18 -13.46 23.32
N ASN D 114 -50.49 -13.81 22.07
CA ASN D 114 -50.17 -15.16 21.61
C ASN D 114 -49.05 -15.18 20.57
N MET D 115 -48.39 -14.06 20.36
CA MET D 115 -47.32 -13.95 19.38
C MET D 115 -46.14 -13.15 19.87
N THR D 116 -44.97 -13.45 19.31
CA THR D 116 -43.76 -12.67 19.57
C THR D 116 -43.42 -11.80 18.37
N TRP D 117 -42.37 -10.98 18.53
CA TRP D 117 -41.97 -10.02 17.51
C TRP D 117 -41.34 -10.66 16.31
N LEU D 118 -40.65 -11.76 16.49
CA LEU D 118 -40.03 -12.41 15.34
C LEU D 118 -41.13 -12.98 14.45
N GLN D 119 -42.16 -13.54 15.07
CA GLN D 119 -43.24 -14.15 14.33
C GLN D 119 -44.06 -13.11 13.62
N TRP D 120 -44.32 -12.03 14.32
CA TRP D 120 -45.11 -10.96 13.80
C TRP D 120 -44.45 -10.33 12.61
N ASP D 121 -43.15 -10.07 12.72
CA ASP D 121 -42.48 -9.45 11.61
C ASP D 121 -42.61 -10.31 10.38
N LYS D 122 -42.51 -11.63 10.53
CA LYS D 122 -42.65 -12.46 9.36
C LYS D 122 -44.06 -12.37 8.78
N GLU D 123 -45.06 -12.38 9.66
CA GLU D 123 -46.45 -12.36 9.21
C GLU D 123 -46.83 -11.13 8.43
N ILE D 124 -46.25 -9.99 8.76
CA ILE D 124 -46.58 -8.78 8.04
C ILE D 124 -45.42 -8.18 7.25
N SER D 125 -44.39 -8.96 6.95
CA SER D 125 -43.23 -8.33 6.31
C SER D 125 -43.46 -7.63 4.95
N ASN D 126 -44.44 -8.08 4.13
CA ASN D 126 -44.69 -7.53 2.79
C ASN D 126 -45.42 -6.18 2.79
N TYR D 127 -45.84 -5.68 3.98
CA TYR D 127 -46.62 -4.46 4.11
C TYR D 127 -45.81 -3.38 4.76
N THR D 128 -44.52 -3.63 4.96
CA THR D 128 -43.68 -2.66 5.66
C THR D 128 -43.58 -1.34 4.94
N GLN D 129 -43.36 -1.40 3.65
CA GLN D 129 -43.17 -0.19 2.89
C GLN D 129 -44.47 0.53 2.72
N ILE D 130 -45.54 -0.22 2.63
CA ILE D 130 -46.82 0.39 2.41
C ILE D 130 -47.19 1.17 3.62
N ILE D 131 -47.04 0.57 4.79
CA ILE D 131 -47.42 1.28 5.97
C ILE D 131 -46.49 2.43 6.23
N TYR D 132 -45.20 2.31 5.96
CA TYR D 132 -44.36 3.44 6.24
C TYR D 132 -44.77 4.62 5.39
N GLY D 133 -45.09 4.37 4.12
CA GLY D 133 -45.51 5.44 3.24
C GLY D 133 -46.80 6.07 3.71
N LEU D 134 -47.74 5.24 4.16
CA LEU D 134 -49.00 5.77 4.62
C LEU D 134 -48.82 6.60 5.87
N LEU D 135 -47.99 6.16 6.78
CA LEU D 135 -47.79 6.86 8.02
C LEU D 135 -47.18 8.21 7.77
N GLU D 136 -46.21 8.24 6.87
CA GLU D 136 -45.54 9.48 6.61
C GLU D 136 -46.41 10.46 5.89
N GLU D 137 -47.05 10.05 4.82
CA GLU D 137 -47.80 11.09 4.14
C GLU D 137 -49.00 11.51 4.93
N SER D 138 -49.72 10.56 5.51
CA SER D 138 -50.94 10.91 6.17
C SER D 138 -50.74 11.83 7.35
N GLN D 139 -49.77 11.54 8.18
CA GLN D 139 -49.66 12.31 9.38
C GLN D 139 -48.77 13.49 9.17
N ASN D 140 -47.81 13.43 8.27
CA ASN D 140 -46.97 14.58 8.15
C ASN D 140 -47.79 15.68 7.55
N GLN D 141 -48.60 15.38 6.52
CA GLN D 141 -49.31 16.49 5.96
C GLN D 141 -50.41 16.95 6.86
N GLN D 142 -51.07 16.05 7.59
CA GLN D 142 -52.16 16.54 8.36
C GLN D 142 -51.68 17.40 9.49
N GLU D 143 -50.58 17.00 10.12
CA GLU D 143 -50.11 17.75 11.25
C GLU D 143 -49.61 19.10 10.87
N LYS D 144 -48.90 19.21 9.74
CA LYS D 144 -48.38 20.52 9.41
C LYS D 144 -49.49 21.40 8.84
N ASN D 145 -50.48 20.82 8.19
CA ASN D 145 -51.52 21.66 7.66
C ASN D 145 -52.31 22.23 8.82
N GLU D 146 -52.54 21.43 9.86
CA GLU D 146 -53.25 21.92 11.02
C GLU D 146 -52.43 22.97 11.72
N GLN D 147 -51.10 22.78 11.79
CA GLN D 147 -50.27 23.75 12.45
C GLN D 147 -50.41 25.12 11.84
N ASP D 148 -50.48 25.20 10.51
CA ASP D 148 -50.64 26.49 9.89
C ASP D 148 -52.05 27.03 10.08
N LEU D 149 -53.06 26.17 9.98
CA LEU D 149 -54.45 26.59 10.11
C LEU D 149 -54.75 27.13 11.49
N LEU D 150 -54.10 26.53 12.48
CA LEU D 150 -54.27 26.84 13.88
C LEU D 150 -53.14 27.71 14.40
N ALA D 151 -52.36 28.30 13.51
CA ALA D 151 -51.22 29.13 13.92
C ALA D 151 -51.58 30.31 14.85
N LEU D 152 -52.77 30.94 14.64
CA LEU D 152 -53.28 32.12 15.36
C LEU D 152 -54.63 31.83 16.05
N GLU E 33 -50.34 41.30 15.24
CA GLU E 33 -50.49 41.95 13.94
C GLU E 33 -49.20 41.94 13.08
N ASN E 34 -48.02 41.89 13.74
CA ASN E 34 -46.70 41.92 13.11
C ASN E 34 -46.26 40.55 12.66
N LEU E 35 -45.08 40.50 12.05
CA LEU E 35 -44.59 39.24 11.54
C LEU E 35 -43.58 38.65 12.47
N TRP E 36 -43.47 37.34 12.42
CA TRP E 36 -42.62 36.51 13.24
C TRP E 36 -41.65 35.70 12.40
N VAL E 37 -40.52 35.36 12.99
CA VAL E 37 -39.51 34.60 12.27
C VAL E 37 -39.76 33.12 12.22
N THR E 38 -39.93 32.55 11.05
CA THR E 38 -40.17 31.13 11.04
C THR E 38 -39.18 30.35 10.22
N VAL E 39 -38.72 29.30 10.85
CA VAL E 39 -37.82 28.35 10.27
C VAL E 39 -38.58 27.26 9.56
N TYR E 40 -38.14 27.00 8.36
CA TYR E 40 -38.71 25.96 7.54
C TYR E 40 -37.63 24.96 7.21
N TYR E 41 -37.94 23.68 7.39
CA TYR E 41 -36.98 22.64 7.11
C TYR E 41 -37.43 21.72 6.02
N GLY E 42 -36.54 21.51 5.06
CA GLY E 42 -36.83 20.71 3.88
C GLY E 42 -37.02 21.66 2.71
N VAL E 43 -36.45 22.85 2.84
CA VAL E 43 -36.52 23.89 1.84
C VAL E 43 -35.66 23.55 0.61
N PRO E 44 -36.16 23.63 -0.61
CA PRO E 44 -35.45 23.29 -1.83
C PRO E 44 -34.46 24.35 -2.30
N VAL E 45 -33.39 24.54 -1.55
CA VAL E 45 -32.35 25.54 -1.88
C VAL E 45 -30.95 25.00 -2.13
N TRP E 46 -30.38 25.47 -3.23
CA TRP E 46 -29.07 25.11 -3.72
C TRP E 46 -27.94 25.98 -3.24
N LYS E 47 -26.79 25.37 -2.99
CA LYS E 47 -25.58 26.13 -2.72
C LYS E 47 -24.43 25.63 -3.56
N ASP E 48 -23.65 26.52 -4.15
CA ASP E 48 -22.51 26.04 -4.94
C ASP E 48 -21.64 25.23 -4.02
N ALA E 49 -21.16 24.07 -4.45
CA ALA E 49 -20.33 23.31 -3.54
C ALA E 49 -19.38 22.37 -4.22
N GLU E 50 -18.34 21.97 -3.50
CA GLU E 50 -17.46 20.97 -4.05
C GLU E 50 -17.28 19.80 -3.10
N THR E 51 -17.35 18.62 -3.69
CA THR E 51 -17.13 17.35 -3.04
C THR E 51 -16.74 16.40 -4.12
N THR E 52 -16.60 15.14 -3.80
CA THR E 52 -16.23 14.19 -4.81
C THR E 52 -17.39 13.35 -5.23
N LEU E 53 -17.25 12.72 -6.37
CA LEU E 53 -18.28 11.80 -6.84
C LEU E 53 -17.76 10.40 -6.77
N PHE E 54 -18.67 9.47 -6.63
CA PHE E 54 -18.33 8.07 -6.54
C PHE E 54 -18.26 7.42 -7.89
N CYS E 55 -17.38 6.39 -8.03
CA CYS E 55 -17.26 5.56 -9.22
C CYS E 55 -18.43 4.59 -9.25
N ALA E 56 -19.22 4.67 -10.34
CA ALA E 56 -20.41 3.80 -10.48
C ALA E 56 -20.30 2.96 -11.75
N SER E 57 -19.94 1.68 -11.63
CA SER E 57 -19.80 0.78 -12.80
C SER E 57 -21.17 0.37 -13.36
N ASP E 58 -21.24 0.00 -14.63
CA ASP E 58 -22.51 -0.50 -15.22
C ASP E 58 -22.20 -1.77 -16.02
N ALA E 59 -22.90 -2.88 -15.74
CA ALA E 59 -22.61 -4.18 -16.38
C ALA E 59 -21.10 -4.38 -16.55
N GLU E 65 -9.07 -9.09 -17.51
CA GLU E 65 -10.33 -8.56 -18.08
C GLU E 65 -11.21 -8.09 -16.93
N LYS E 66 -11.02 -8.73 -15.78
CA LYS E 66 -11.85 -8.38 -14.60
C LYS E 66 -11.59 -6.92 -14.19
N HIS E 67 -10.33 -6.46 -14.24
CA HIS E 67 -10.03 -5.10 -13.73
C HIS E 67 -9.27 -4.23 -14.74
N ASN E 68 -9.68 -2.98 -14.93
CA ASN E 68 -8.92 -2.06 -15.80
C ASN E 68 -8.72 -0.74 -15.06
N VAL E 69 -7.84 0.12 -15.59
CA VAL E 69 -7.58 1.38 -14.96
C VAL E 69 -8.89 1.94 -14.46
N TRP E 70 -9.92 1.94 -15.29
CA TRP E 70 -11.17 2.53 -14.85
C TRP E 70 -12.11 1.49 -14.31
N ALA E 71 -12.08 0.30 -14.92
CA ALA E 71 -12.94 -0.81 -14.43
C ALA E 71 -12.39 -1.20 -13.08
N THR E 72 -12.18 -0.23 -12.22
CA THR E 72 -11.49 -0.46 -10.94
C THR E 72 -12.22 -1.49 -10.09
N HIS E 73 -11.43 -2.22 -9.32
CA HIS E 73 -12.05 -3.18 -8.38
C HIS E 73 -12.80 -2.40 -7.31
N ALA E 74 -12.33 -1.19 -6.91
CA ALA E 74 -13.33 -0.53 -6.10
C ALA E 74 -14.16 0.44 -6.94
N CYS E 75 -15.41 0.06 -7.25
CA CYS E 75 -16.35 0.82 -8.07
C CYS E 75 -17.68 0.13 -7.77
N VAL E 76 -18.74 0.89 -7.57
CA VAL E 76 -19.99 0.27 -7.17
C VAL E 76 -21.03 0.24 -8.28
N PRO E 77 -21.56 -0.91 -8.70
CA PRO E 77 -22.56 -0.98 -9.73
C PRO E 77 -23.71 -0.11 -9.31
N THR E 78 -24.25 0.66 -10.24
CA THR E 78 -25.34 1.54 -9.88
C THR E 78 -26.66 1.19 -10.51
N ASP E 79 -27.66 1.97 -10.14
CA ASP E 79 -29.02 1.88 -10.60
C ASP E 79 -29.12 2.51 -11.98
N PRO E 80 -29.44 1.75 -13.05
CA PRO E 80 -29.50 2.22 -14.41
C PRO E 80 -30.64 3.21 -14.66
N ASN E 81 -31.57 3.32 -13.72
CA ASN E 81 -32.72 4.20 -13.85
C ASN E 81 -32.37 5.66 -13.52
N PRO E 82 -32.50 6.61 -14.48
CA PRO E 82 -32.21 8.03 -14.35
C PRO E 82 -33.06 8.65 -13.26
N GLN E 83 -32.51 9.65 -12.61
CA GLN E 83 -33.27 10.33 -11.57
C GLN E 83 -33.53 11.72 -12.05
N GLU E 84 -34.65 11.94 -12.70
CA GLU E 84 -34.90 13.23 -13.32
C GLU E 84 -35.79 14.09 -12.46
N ILE E 85 -35.75 15.40 -12.67
CA ILE E 85 -36.67 16.27 -11.94
C ILE E 85 -37.64 16.88 -12.93
N HIS E 86 -37.64 16.30 -14.11
CA HIS E 86 -38.50 16.63 -15.21
C HIS E 86 -38.45 18.06 -15.69
N LEU E 87 -37.24 18.57 -15.89
CA LEU E 87 -37.05 19.91 -16.41
C LEU E 87 -37.73 20.95 -15.57
N GLU E 88 -37.52 20.87 -14.29
CA GLU E 88 -38.10 21.81 -13.35
C GLU E 88 -37.61 23.18 -13.85
N ASN E 89 -38.51 24.19 -13.91
CA ASN E 89 -38.25 25.48 -14.56
C ASN E 89 -37.43 26.47 -13.71
N VAL E 90 -36.14 26.15 -13.56
CA VAL E 90 -35.12 26.96 -12.88
C VAL E 90 -33.99 27.28 -13.83
N THR E 91 -33.66 28.55 -13.92
CA THR E 91 -32.57 28.97 -14.79
C THR E 91 -31.31 29.11 -13.96
N GLU E 92 -30.23 28.51 -14.43
CA GLU E 92 -28.96 28.53 -13.70
C GLU E 92 -27.77 28.77 -14.63
N GLU E 93 -26.87 29.66 -14.25
CA GLU E 93 -25.72 29.90 -15.09
C GLU E 93 -24.47 29.25 -14.53
N PHE E 94 -23.84 28.45 -15.37
CA PHE E 94 -22.63 27.76 -15.01
C PHE E 94 -21.82 27.48 -16.25
N ASN E 95 -20.53 27.17 -16.06
CA ASN E 95 -19.70 26.95 -17.23
C ASN E 95 -18.57 25.95 -17.04
N MET E 96 -17.87 25.78 -18.14
CA MET E 96 -16.68 25.01 -18.27
C MET E 96 -15.55 25.82 -17.71
N TRP E 97 -14.45 25.16 -17.40
CA TRP E 97 -13.24 25.82 -16.92
C TRP E 97 -13.45 26.44 -15.54
N LYS E 98 -14.53 26.03 -14.90
CA LYS E 98 -14.92 26.43 -13.57
C LYS E 98 -15.28 25.17 -12.86
N ASN E 99 -15.46 24.16 -13.68
CA ASN E 99 -15.99 22.88 -13.27
C ASN E 99 -14.90 21.98 -12.70
N ASN E 100 -14.92 21.82 -11.39
CA ASN E 100 -13.88 21.10 -10.69
C ASN E 100 -13.98 19.61 -10.86
N MET E 101 -15.06 19.16 -11.48
CA MET E 101 -15.23 17.76 -11.71
C MET E 101 -14.23 17.31 -12.72
N VAL E 102 -13.78 18.23 -13.57
CA VAL E 102 -12.83 17.88 -14.58
C VAL E 102 -11.55 17.51 -13.90
N GLU E 103 -11.19 18.30 -12.89
CA GLU E 103 -9.97 18.09 -12.19
C GLU E 103 -10.03 16.75 -11.49
N GLN E 104 -11.19 16.42 -10.95
CA GLN E 104 -11.25 15.14 -10.31
C GLN E 104 -11.12 14.02 -11.30
N MET E 105 -11.75 14.12 -12.47
CA MET E 105 -11.63 12.98 -13.36
C MET E 105 -10.18 12.78 -13.71
N HIS E 106 -9.50 13.88 -13.91
CA HIS E 106 -8.11 13.86 -14.28
C HIS E 106 -7.25 13.21 -13.22
N GLU E 107 -7.42 13.63 -11.98
CA GLU E 107 -6.60 13.09 -10.91
C GLU E 107 -6.94 11.63 -10.66
N ASP E 108 -8.21 11.26 -10.75
CA ASP E 108 -8.60 9.91 -10.48
C ASP E 108 -8.00 8.99 -11.49
N ILE E 109 -7.98 9.40 -12.73
CA ILE E 109 -7.43 8.57 -13.76
C ILE E 109 -5.95 8.36 -13.55
N ILE E 110 -5.22 9.41 -13.20
CA ILE E 110 -3.81 9.20 -12.99
C ILE E 110 -3.58 8.27 -11.81
N SER E 111 -4.36 8.43 -10.73
CA SER E 111 -4.19 7.56 -9.59
C SER E 111 -4.45 6.12 -9.99
N LEU E 112 -5.48 5.91 -10.77
CA LEU E 112 -5.84 4.59 -11.24
C LEU E 112 -4.76 3.99 -12.11
N TRP E 113 -4.13 4.81 -12.96
CA TRP E 113 -3.05 4.28 -13.75
C TRP E 113 -1.99 3.73 -12.84
N ASP E 114 -1.60 4.50 -11.83
CA ASP E 114 -0.54 4.00 -10.98
C ASP E 114 -0.95 2.73 -10.27
N GLN E 115 -2.20 2.63 -9.90
CA GLN E 115 -2.64 1.43 -9.23
C GLN E 115 -2.55 0.20 -10.10
N SER E 116 -2.86 0.31 -11.39
CA SER E 116 -2.76 -0.87 -12.23
C SER E 116 -1.35 -1.10 -12.75
N LEU E 117 -0.55 -0.04 -12.83
CA LEU E 117 0.82 -0.11 -13.33
C LEU E 117 1.82 -0.60 -12.30
N LYS E 118 1.55 -0.31 -11.04
CA LYS E 118 2.46 -0.65 -9.98
C LYS E 118 2.84 -2.13 -9.82
N PRO E 119 1.90 -3.10 -9.69
CA PRO E 119 2.24 -4.49 -9.44
C PRO E 119 2.64 -5.24 -10.70
N CYS E 120 3.72 -4.80 -11.35
CA CYS E 120 4.19 -5.27 -12.66
C CYS E 120 5.71 -5.37 -12.67
N VAL E 121 6.28 -5.98 -13.71
CA VAL E 121 7.72 -6.17 -13.82
C VAL E 121 8.45 -4.92 -14.27
N LYS E 122 9.50 -4.57 -13.55
CA LYS E 122 10.30 -3.41 -13.91
C LYS E 122 11.18 -3.81 -15.07
N LEU E 123 11.46 -2.90 -15.98
CA LEU E 123 12.29 -3.29 -17.11
C LEU E 123 13.72 -2.84 -16.96
N THR E 124 14.07 -2.38 -15.76
CA THR E 124 15.40 -1.89 -15.45
C THR E 124 16.50 -2.86 -15.90
N PRO E 125 16.39 -4.20 -15.71
CA PRO E 125 17.38 -5.16 -16.12
C PRO E 125 17.73 -5.08 -17.60
N LEU E 126 16.89 -4.45 -18.41
CA LEU E 126 17.16 -4.34 -19.83
C LEU E 126 17.99 -3.10 -20.24
N CYS E 127 18.38 -2.22 -19.29
CA CYS E 127 19.17 -1.01 -19.56
C CYS E 127 20.66 -1.36 -19.62
N VAL E 128 20.98 -1.91 -20.76
CA VAL E 128 22.28 -2.39 -21.14
C VAL E 128 22.64 -1.80 -22.48
N THR E 129 23.88 -1.91 -22.87
CA THR E 129 24.26 -1.47 -24.18
C THR E 129 23.53 -2.32 -25.19
N LEU E 130 22.92 -1.66 -26.18
CA LEU E 130 22.06 -2.32 -27.18
C LEU E 130 22.73 -2.22 -28.55
N ASN E 131 22.86 -3.38 -29.23
CA ASN E 131 23.71 -3.52 -30.43
C ASN E 131 22.83 -3.57 -31.67
N CYS E 132 22.86 -2.51 -32.47
CA CYS E 132 21.79 -2.45 -33.50
C CYS E 132 22.36 -2.43 -34.92
N THR E 133 21.62 -3.05 -35.83
CA THR E 133 21.81 -3.08 -37.26
C THR E 133 20.43 -2.91 -37.94
N ASN E 134 20.38 -2.99 -39.30
CA ASN E 134 19.16 -2.86 -40.08
C ASN E 134 18.39 -4.18 -40.15
N VAL E 135 17.06 -4.06 -40.18
CA VAL E 135 16.11 -5.13 -40.44
C VAL E 135 16.12 -5.23 -41.95
N THR E 136 16.20 -6.45 -42.48
CA THR E 136 16.30 -6.60 -43.96
C THR E 136 15.22 -7.56 -44.45
N ASN E 137 13.96 -7.12 -44.41
CA ASN E 137 12.85 -8.03 -44.79
C ASN E 137 11.94 -7.34 -45.81
N ASN E 138 12.40 -7.19 -47.04
CA ASN E 138 11.57 -6.60 -48.11
C ASN E 138 11.03 -5.25 -47.64
N ILE E 139 11.90 -4.45 -47.01
CA ILE E 139 11.43 -3.16 -46.43
C ILE E 139 10.98 -2.22 -47.54
N THR E 140 9.81 -1.61 -47.41
CA THR E 140 9.37 -0.57 -48.38
C THR E 140 10.24 0.67 -48.14
N ASP E 141 10.50 1.47 -49.17
CA ASP E 141 11.43 2.58 -49.01
C ASP E 141 11.08 3.59 -47.93
N ASP E 142 9.81 3.85 -47.70
CA ASP E 142 9.47 4.87 -46.71
C ASP E 142 9.48 4.33 -45.28
N MET E 143 9.84 3.06 -45.13
CA MET E 143 9.97 2.42 -43.85
C MET E 143 11.42 2.14 -43.55
N ARG E 144 12.32 2.62 -44.39
CA ARG E 144 13.69 2.32 -44.09
C ARG E 144 14.11 3.19 -42.95
N GLY E 145 14.74 2.58 -41.96
CA GLY E 145 15.20 3.30 -40.79
C GLY E 145 14.17 3.27 -39.66
N GLU E 146 12.97 2.77 -39.92
CA GLU E 146 11.94 2.71 -38.88
C GLU E 146 12.14 1.60 -37.88
N LEU E 147 12.71 0.50 -38.34
CA LEU E 147 12.88 -0.63 -37.46
C LEU E 147 14.32 -0.98 -37.27
N LYS E 148 14.65 -1.38 -36.05
CA LYS E 148 16.00 -1.81 -35.75
C LYS E 148 16.10 -3.22 -35.17
N ASN E 149 17.02 -3.98 -35.78
CA ASN E 149 17.31 -5.33 -35.27
C ASN E 149 18.44 -5.11 -34.28
N CYS E 150 18.22 -5.48 -33.04
CA CYS E 150 19.19 -5.20 -31.95
C CYS E 150 19.42 -6.34 -30.96
N SER E 151 20.69 -6.54 -30.64
CA SER E 151 21.10 -7.56 -29.69
C SER E 151 21.59 -6.96 -28.40
N PHE E 152 21.48 -7.73 -27.36
CA PHE E 152 21.90 -7.31 -26.05
C PHE E 152 22.16 -8.48 -25.12
N ASN E 153 22.79 -8.16 -24.01
CA ASN E 153 22.98 -9.18 -22.97
C ASN E 153 21.78 -9.03 -22.06
N ALA E 154 21.43 -10.06 -21.31
CA ALA E 154 20.28 -10.07 -20.41
C ALA E 154 20.51 -10.95 -19.21
N THR E 155 19.76 -10.63 -18.18
CA THR E 155 19.78 -11.38 -16.97
C THR E 155 18.93 -12.60 -17.17
N THR E 156 19.03 -13.53 -16.24
CA THR E 156 18.25 -14.75 -16.34
C THR E 156 17.91 -15.29 -14.95
N GLU E 157 17.58 -16.57 -14.89
CA GLU E 157 17.15 -17.22 -13.66
C GLU E 157 18.24 -17.21 -12.58
N LEU E 158 19.51 -17.35 -12.97
CA LEU E 158 20.56 -17.33 -11.96
C LEU E 158 21.27 -16.01 -11.96
N ARG E 159 21.69 -15.62 -10.79
CA ARG E 159 22.30 -14.31 -10.59
C ARG E 159 23.74 -14.17 -10.94
N ASN E 160 24.35 -15.26 -11.32
CA ASN E 160 25.72 -15.25 -11.73
C ASN E 160 25.81 -15.63 -13.20
N LYS E 161 24.69 -15.50 -13.91
CA LYS E 161 24.67 -15.85 -15.32
C LYS E 161 24.01 -14.79 -16.20
N ARG E 162 24.61 -14.57 -17.36
CA ARG E 162 24.11 -13.63 -18.36
C ARG E 162 24.09 -14.26 -19.73
N VAL E 163 23.04 -13.97 -20.45
CA VAL E 163 22.83 -14.59 -21.74
C VAL E 163 22.61 -13.59 -22.85
N LYS E 164 22.77 -14.05 -24.08
CA LYS E 164 22.58 -13.20 -25.24
C LYS E 164 21.17 -13.35 -25.77
N ARG E 165 20.51 -12.23 -25.94
CA ARG E 165 19.14 -12.13 -26.41
C ARG E 165 18.98 -11.04 -27.45
N TYR E 166 17.92 -11.19 -28.25
CA TYR E 166 17.65 -10.30 -29.41
C TYR E 166 16.19 -9.86 -29.33
N SER E 167 15.90 -8.71 -29.94
CA SER E 167 14.49 -8.30 -30.19
C SER E 167 14.45 -7.25 -31.31
N LEU E 168 13.22 -6.94 -31.74
CA LEU E 168 12.98 -5.90 -32.71
C LEU E 168 12.43 -4.65 -32.04
N PHE E 169 12.99 -3.49 -32.38
CA PHE E 169 12.57 -2.23 -31.80
C PHE E 169 12.16 -1.18 -32.81
N TYR E 170 11.28 -0.29 -32.40
CA TYR E 170 10.94 0.84 -33.24
C TYR E 170 11.96 1.94 -33.00
N ARG E 171 12.42 2.52 -34.10
CA ARG E 171 13.45 3.55 -34.14
C ARG E 171 13.26 4.72 -33.21
N LEU E 172 12.02 5.13 -33.02
CA LEU E 172 11.77 6.32 -32.24
C LEU E 172 12.26 6.22 -30.82
N ASP E 173 12.30 5.02 -30.25
CA ASP E 173 12.68 4.88 -28.86
C ASP E 173 14.12 4.49 -28.65
N ILE E 174 14.90 4.44 -29.71
CA ILE E 174 16.28 3.99 -29.56
C ILE E 174 17.26 5.09 -29.85
N VAL E 175 18.17 5.34 -28.93
CA VAL E 175 19.13 6.41 -29.15
C VAL E 175 20.57 5.96 -29.15
N GLN E 176 21.32 6.51 -30.09
CA GLN E 176 22.72 6.20 -30.28
C GLN E 176 23.54 6.72 -29.13
N ILE E 177 24.51 5.92 -28.66
CA ILE E 177 25.30 6.37 -27.51
C ILE E 177 26.71 6.86 -27.83
N ASP E 178 27.29 6.53 -28.98
CA ASP E 178 28.71 6.97 -29.15
C ASP E 178 29.15 7.02 -30.61
N SER E 179 29.22 8.22 -31.19
CA SER E 179 29.75 8.35 -32.56
C SER E 179 31.23 7.94 -32.55
N ASN E 180 31.96 8.28 -31.48
CA ASN E 180 33.42 7.98 -31.36
C ASN E 180 33.66 6.48 -31.43
N ARG E 181 32.74 5.70 -30.85
CA ARG E 181 32.81 4.21 -30.89
C ARG E 181 31.97 3.66 -32.04
N THR E 182 31.62 2.38 -31.98
CA THR E 182 30.88 1.73 -33.09
C THR E 182 29.57 2.46 -33.37
N LYS E 183 29.24 2.62 -34.65
CA LYS E 183 27.98 3.31 -35.03
C LYS E 183 26.81 2.37 -34.76
N SER E 184 27.08 1.26 -34.05
CA SER E 184 25.98 0.31 -33.72
C SER E 184 25.58 0.39 -32.24
N HIS E 185 26.16 1.29 -31.45
CA HIS E 185 25.83 1.29 -30.00
C HIS E 185 24.65 2.20 -29.64
N TYR E 186 23.58 1.66 -29.07
CA TYR E 186 22.39 2.36 -28.64
C TYR E 186 21.95 2.03 -27.22
N ARG E 187 21.10 2.88 -26.68
CA ARG E 187 20.43 2.64 -25.41
C ARG E 187 18.95 2.94 -25.58
N LEU E 188 18.15 2.52 -24.63
CA LEU E 188 16.76 2.85 -24.73
C LEU E 188 16.65 4.30 -24.32
N ILE E 189 15.72 5.00 -24.93
CA ILE E 189 15.51 6.41 -24.68
C ILE E 189 15.38 6.86 -23.25
N ASN E 190 14.74 6.09 -22.39
CA ASN E 190 14.59 6.56 -21.02
C ASN E 190 15.39 5.87 -19.90
N CYS E 191 16.49 5.16 -20.21
CA CYS E 191 17.32 4.47 -19.19
C CYS E 191 18.07 5.41 -18.24
N ASN E 192 18.22 6.67 -18.62
CA ASN E 192 18.92 7.63 -17.76
C ASN E 192 17.97 8.44 -16.85
N THR E 193 16.66 8.11 -16.84
CA THR E 193 15.60 8.74 -16.06
C THR E 193 14.79 7.66 -15.42
N SER E 194 13.65 8.02 -14.89
CA SER E 194 12.85 7.08 -14.15
C SER E 194 12.61 5.82 -14.93
N ALA E 195 12.71 4.70 -14.22
CA ALA E 195 12.60 3.39 -14.79
C ALA E 195 11.32 3.21 -15.54
N ILE E 196 11.47 2.50 -16.63
CA ILE E 196 10.41 2.16 -17.52
C ILE E 196 9.89 0.84 -17.03
N THR E 197 8.60 0.72 -16.80
CA THR E 197 8.10 -0.56 -16.34
C THR E 197 6.92 -1.06 -17.15
N GLN E 198 6.71 -2.38 -17.16
CA GLN E 198 5.52 -2.98 -17.77
C GLN E 198 5.46 -4.47 -17.68
N ALA E 199 4.27 -4.93 -17.38
CA ALA E 199 3.89 -6.31 -17.44
C ALA E 199 2.36 -6.26 -17.46
N CYS E 200 1.67 -7.18 -16.74
CA CYS E 200 0.23 -7.22 -16.58
C CYS E 200 -0.49 -7.19 -17.96
N PRO E 201 -0.10 -8.05 -18.94
CA PRO E 201 -0.60 -8.10 -20.32
C PRO E 201 -2.07 -8.45 -20.38
N LYS E 202 -2.51 -9.13 -19.34
CA LYS E 202 -3.94 -9.50 -19.27
C LYS E 202 -4.70 -8.18 -19.24
N VAL E 203 -4.28 -7.28 -18.35
CA VAL E 203 -5.06 -6.03 -18.19
C VAL E 203 -5.08 -5.31 -19.53
N SER E 204 -6.20 -4.69 -19.86
CA SER E 204 -6.31 -3.94 -21.12
C SER E 204 -6.35 -2.46 -20.84
N PHE E 205 -6.68 -1.69 -21.87
CA PHE E 205 -6.82 -0.25 -21.67
C PHE E 205 -8.16 0.19 -22.19
N GLU E 206 -9.09 -0.73 -22.24
CA GLU E 206 -10.41 -0.44 -22.75
C GLU E 206 -11.01 0.73 -21.96
N PRO E 207 -11.38 1.84 -22.60
CA PRO E 207 -11.93 3.01 -21.98
C PRO E 207 -13.39 2.82 -21.65
N ILE E 208 -13.63 1.96 -20.68
CA ILE E 208 -14.95 1.61 -20.20
C ILE E 208 -15.58 2.79 -19.52
N PRO E 209 -16.82 3.19 -19.88
CA PRO E 209 -17.47 4.33 -19.31
C PRO E 209 -17.77 4.15 -17.86
N ILE E 210 -17.52 5.20 -17.10
CA ILE E 210 -17.80 5.21 -15.68
C ILE E 210 -18.82 6.29 -15.41
N HIS E 211 -19.80 5.97 -14.59
CA HIS E 211 -20.85 6.91 -14.22
C HIS E 211 -20.41 7.57 -12.94
N TYR E 212 -20.79 8.82 -12.68
CA TYR E 212 -20.43 9.38 -11.40
C TYR E 212 -21.64 9.81 -10.59
N CYS E 213 -21.64 9.47 -9.28
CA CYS E 213 -22.76 9.70 -8.36
C CYS E 213 -22.41 10.63 -7.19
N ALA E 214 -23.37 11.48 -6.84
CA ALA E 214 -23.25 12.39 -5.73
C ALA E 214 -23.58 11.71 -4.40
N PRO E 215 -22.97 12.12 -3.30
CA PRO E 215 -23.30 11.71 -1.96
C PRO E 215 -24.58 12.35 -1.53
N ALA E 216 -25.24 11.74 -0.57
CA ALA E 216 -26.45 12.35 -0.06
C ALA E 216 -26.10 13.72 0.45
N GLY E 217 -27.00 14.66 0.21
CA GLY E 217 -26.78 16.03 0.60
C GLY E 217 -26.32 16.88 -0.58
N PHE E 218 -26.04 16.22 -1.70
CA PHE E 218 -25.60 16.85 -2.94
C PHE E 218 -26.43 16.46 -4.17
N ALA E 219 -26.39 17.34 -5.18
CA ALA E 219 -27.09 17.09 -6.43
C ALA E 219 -26.31 17.58 -7.63
N ILE E 220 -26.52 16.91 -8.76
CA ILE E 220 -25.83 17.28 -9.98
C ILE E 220 -26.81 17.88 -10.96
N LEU E 221 -26.52 19.04 -11.46
CA LEU E 221 -27.37 19.78 -12.38
C LEU E 221 -26.99 19.59 -13.82
N LYS E 222 -27.86 18.95 -14.61
CA LYS E 222 -27.56 18.71 -16.01
C LYS E 222 -28.28 19.75 -16.89
N CYS E 223 -27.53 20.41 -17.81
CA CYS E 223 -28.10 21.38 -18.74
C CYS E 223 -28.69 20.65 -19.95
N LYS E 224 -29.96 20.87 -20.17
CA LYS E 224 -30.72 20.24 -21.24
C LYS E 224 -30.84 21.12 -22.46
N ASP E 225 -30.17 22.26 -22.42
CA ASP E 225 -30.16 23.16 -23.54
C ASP E 225 -29.25 22.54 -24.58
N LYS E 226 -29.75 22.28 -25.76
CA LYS E 226 -28.90 21.62 -26.73
C LYS E 226 -28.09 22.62 -27.55
N LYS E 227 -28.36 23.91 -27.33
CA LYS E 227 -27.66 24.95 -28.06
C LYS E 227 -27.12 26.04 -27.16
N PHE E 228 -26.30 25.67 -26.19
CA PHE E 228 -25.78 26.70 -25.30
C PHE E 228 -24.30 26.83 -25.48
N ASN E 229 -23.77 27.78 -24.74
CA ASN E 229 -22.38 28.09 -24.69
C ASN E 229 -22.20 28.66 -23.32
N GLY E 230 -20.99 29.06 -22.98
CA GLY E 230 -20.72 29.64 -21.68
C GLY E 230 -21.14 31.10 -21.61
N THR E 231 -21.56 31.65 -22.75
CA THR E 231 -21.95 33.05 -22.86
C THR E 231 -23.41 33.26 -22.44
N GLY E 232 -23.74 32.89 -21.19
CA GLY E 232 -25.09 33.06 -20.65
C GLY E 232 -25.63 31.82 -19.88
N PRO E 233 -26.78 31.98 -19.20
CA PRO E 233 -27.48 31.01 -18.37
C PRO E 233 -28.13 29.89 -19.16
N CYS E 234 -28.33 28.71 -18.51
CA CYS E 234 -29.03 27.55 -19.06
C CYS E 234 -30.48 27.57 -18.53
N PRO E 235 -31.48 27.77 -19.41
CA PRO E 235 -32.89 27.89 -19.10
C PRO E 235 -33.55 26.58 -18.69
N SER E 236 -32.90 25.45 -18.96
CA SER E 236 -33.53 24.19 -18.65
C SER E 236 -32.56 23.21 -18.04
N VAL E 237 -32.75 22.96 -16.75
CA VAL E 237 -31.88 22.08 -15.98
C VAL E 237 -32.64 21.00 -15.25
N SER E 238 -32.14 19.79 -15.33
CA SER E 238 -32.73 18.69 -14.61
C SER E 238 -31.64 18.08 -13.78
N THR E 239 -31.80 18.04 -12.47
CA THR E 239 -30.74 17.47 -11.69
C THR E 239 -30.87 15.98 -11.66
N VAL E 240 -29.76 15.33 -11.35
CA VAL E 240 -29.68 13.90 -11.18
C VAL E 240 -28.88 13.56 -9.94
N GLN E 241 -28.97 12.31 -9.51
CA GLN E 241 -28.06 11.84 -8.47
C GLN E 241 -26.78 11.25 -9.09
N CYS E 242 -26.90 10.58 -10.28
CA CYS E 242 -25.85 9.94 -11.04
C CYS E 242 -25.90 10.41 -12.49
N THR E 243 -24.73 10.62 -13.07
CA THR E 243 -24.58 11.00 -14.47
C THR E 243 -24.52 9.76 -15.32
N HIS E 244 -24.57 9.97 -16.63
CA HIS E 244 -24.40 8.89 -17.57
C HIS E 244 -22.93 8.53 -17.56
N GLY E 245 -22.55 7.48 -18.28
CA GLY E 245 -21.16 7.11 -18.24
C GLY E 245 -20.34 7.93 -19.20
N ILE E 246 -19.10 8.19 -18.83
CA ILE E 246 -18.15 8.87 -19.70
C ILE E 246 -16.97 7.98 -19.97
N LYS E 247 -16.65 7.80 -21.24
CA LYS E 247 -15.53 6.96 -21.61
C LYS E 247 -14.24 7.77 -21.56
N PRO E 248 -13.22 7.34 -20.82
CA PRO E 248 -11.95 7.99 -20.61
C PRO E 248 -11.03 7.80 -21.79
N VAL E 249 -11.45 8.30 -22.91
CA VAL E 249 -10.67 8.18 -24.11
C VAL E 249 -9.72 9.34 -24.11
N VAL E 250 -8.44 9.09 -24.29
CA VAL E 250 -7.51 10.20 -24.28
C VAL E 250 -6.86 10.40 -25.60
N SER E 251 -7.01 11.61 -26.12
CA SER E 251 -6.49 12.04 -27.40
C SER E 251 -5.85 13.39 -27.36
N THR E 252 -4.90 13.56 -28.27
CA THR E 252 -4.17 14.81 -28.36
C THR E 252 -4.70 15.87 -29.33
N GLN E 253 -5.53 15.50 -30.29
CA GLN E 253 -5.94 16.49 -31.31
C GLN E 253 -7.40 16.35 -31.74
N LEU E 254 -7.77 15.15 -32.10
CA LEU E 254 -9.14 14.88 -32.52
C LEU E 254 -9.74 13.98 -31.48
N LEU E 255 -10.78 14.45 -30.83
CA LEU E 255 -11.41 13.70 -29.77
C LEU E 255 -12.25 12.63 -30.39
N LEU E 256 -12.04 11.42 -29.90
CA LEU E 256 -12.74 10.26 -30.38
C LEU E 256 -13.71 9.71 -29.35
N ASN E 257 -14.78 9.05 -29.84
CA ASN E 257 -15.79 8.27 -29.12
C ASN E 257 -16.45 9.03 -27.95
N GLY E 258 -16.71 10.35 -28.11
CA GLY E 258 -17.32 11.21 -27.10
C GLY E 258 -18.77 11.53 -27.42
N SER E 259 -19.27 12.56 -26.76
CA SER E 259 -20.64 12.98 -26.98
C SER E 259 -20.67 13.85 -28.21
N LEU E 260 -21.57 13.55 -29.11
CA LEU E 260 -21.68 14.32 -30.33
C LEU E 260 -22.77 15.34 -30.11
N ALA E 261 -22.64 16.53 -30.69
CA ALA E 261 -23.69 17.53 -30.60
C ALA E 261 -24.89 17.03 -31.39
N GLU E 262 -26.10 17.39 -30.98
CA GLU E 262 -27.25 16.90 -31.74
C GLU E 262 -27.87 17.86 -32.73
N GLU E 263 -27.82 19.15 -32.46
CA GLU E 263 -28.53 20.09 -33.33
C GLU E 263 -27.63 20.90 -34.25
N GLU E 264 -26.45 21.27 -33.75
CA GLU E 264 -25.53 22.10 -34.52
C GLU E 264 -24.12 21.89 -34.00
N VAL E 265 -23.15 22.50 -34.67
CA VAL E 265 -21.76 22.49 -34.25
C VAL E 265 -21.53 23.62 -33.27
N ILE E 266 -20.93 23.31 -32.13
CA ILE E 266 -20.71 24.35 -31.15
C ILE E 266 -19.27 24.55 -30.83
N ILE E 267 -18.82 25.78 -30.93
CA ILE E 267 -17.45 26.07 -30.62
C ILE E 267 -17.37 26.82 -29.31
N ARG E 268 -16.59 26.26 -28.38
CA ARG E 268 -16.46 26.81 -27.05
C ARG E 268 -15.02 27.20 -26.70
N SER E 269 -14.87 28.29 -25.95
CA SER E 269 -13.58 28.75 -25.46
C SER E 269 -13.70 29.52 -24.19
N GLU E 270 -12.72 29.36 -23.32
CA GLU E 270 -12.68 30.15 -22.09
C GLU E 270 -12.69 31.66 -22.37
N ASN E 271 -11.96 32.10 -23.43
CA ASN E 271 -11.85 33.47 -23.91
C ASN E 271 -11.69 33.40 -25.42
N ILE E 272 -12.74 33.75 -26.15
CA ILE E 272 -12.86 33.65 -27.61
C ILE E 272 -11.87 34.53 -28.36
N THR E 273 -11.32 35.54 -27.70
CA THR E 273 -10.38 36.43 -28.35
C THR E 273 -8.96 36.20 -27.85
N ASN E 274 -8.75 35.20 -27.02
CA ASN E 274 -7.45 34.96 -26.44
C ASN E 274 -6.66 33.91 -27.22
N ASN E 275 -5.55 34.34 -27.80
CA ASN E 275 -4.72 33.49 -28.64
C ASN E 275 -4.03 32.40 -27.83
N ALA E 276 -4.00 32.57 -26.52
CA ALA E 276 -3.38 31.63 -25.60
C ALA E 276 -4.32 30.51 -25.17
N LYS E 277 -5.57 30.56 -25.60
CA LYS E 277 -6.53 29.54 -25.20
C LYS E 277 -6.78 28.58 -26.34
N ASN E 278 -7.22 27.38 -26.02
CA ASN E 278 -7.53 26.45 -27.10
C ASN E 278 -8.96 26.64 -27.52
N ILE E 279 -9.35 25.91 -28.55
CA ILE E 279 -10.69 25.95 -29.07
C ILE E 279 -11.31 24.58 -29.06
N LEU E 280 -12.46 24.42 -28.43
CA LEU E 280 -13.11 23.12 -28.48
C LEU E 280 -14.22 23.13 -29.49
N VAL E 281 -14.14 22.25 -30.46
CA VAL E 281 -15.18 22.18 -31.45
C VAL E 281 -15.96 20.91 -31.29
N GLN E 282 -17.24 21.03 -30.93
CA GLN E 282 -18.06 19.86 -30.79
C GLN E 282 -18.89 19.72 -32.04
N LEU E 283 -18.64 18.66 -32.76
CA LEU E 283 -19.27 18.44 -34.03
C LEU E 283 -20.60 17.79 -33.81
N ASN E 284 -21.55 17.97 -34.74
CA ASN E 284 -22.84 17.30 -34.68
C ASN E 284 -22.91 16.23 -35.75
N THR E 285 -21.78 15.99 -36.37
CA THR E 285 -21.63 15.03 -37.43
C THR E 285 -20.47 14.13 -37.07
N PRO E 286 -20.64 12.82 -36.94
CA PRO E 286 -19.57 11.95 -36.57
C PRO E 286 -18.70 11.79 -37.79
N VAL E 287 -17.40 11.63 -37.61
CA VAL E 287 -16.58 11.28 -38.76
C VAL E 287 -15.88 9.96 -38.51
N GLN E 288 -16.09 9.00 -39.39
CA GLN E 288 -15.49 7.71 -39.17
C GLN E 288 -14.07 7.66 -39.63
N ILE E 289 -13.21 7.14 -38.77
CA ILE E 289 -11.81 6.96 -39.11
C ILE E 289 -11.37 5.49 -38.92
N ASN E 290 -10.74 4.91 -39.97
CA ASN E 290 -10.26 3.52 -40.02
C ASN E 290 -8.73 3.47 -39.96
N CYS E 291 -8.16 2.98 -38.84
CA CYS E 291 -6.72 2.92 -38.56
C CYS E 291 -6.18 1.51 -38.62
N THR E 292 -4.93 1.40 -39.05
CA THR E 292 -4.28 0.10 -39.10
C THR E 292 -2.77 0.10 -39.00
N ARG E 293 -2.27 -1.03 -38.51
CA ARG E 293 -0.86 -1.33 -38.51
C ARG E 293 -0.72 -2.65 -39.26
N PRO E 294 -0.62 -2.61 -40.58
CA PRO E 294 -0.72 -3.74 -41.49
C PRO E 294 0.56 -4.54 -41.55
N ASN E 295 1.02 -5.00 -40.41
CA ASN E 295 2.26 -5.74 -40.29
C ASN E 295 2.04 -6.90 -39.35
N ASN E 296 2.16 -8.15 -39.85
CA ASN E 296 1.87 -9.36 -39.07
C ASN E 296 3.03 -9.70 -38.12
N ASN E 297 2.80 -9.41 -36.82
CA ASN E 297 3.76 -9.56 -35.73
C ASN E 297 3.73 -10.89 -35.00
N THR E 298 4.87 -11.17 -34.38
CA THR E 298 5.09 -12.31 -33.52
C THR E 298 5.41 -11.80 -32.14
N VAL E 299 4.81 -12.39 -31.12
CA VAL E 299 5.20 -11.97 -29.80
C VAL E 299 5.96 -13.08 -29.15
N LYS E 300 7.17 -12.76 -28.74
CA LYS E 300 8.06 -13.69 -28.10
C LYS E 300 8.26 -13.27 -26.67
N SER E 301 8.67 -14.19 -25.83
CA SER E 301 8.93 -13.79 -24.46
C SER E 301 10.07 -14.55 -23.86
N ILE E 302 10.70 -13.88 -22.90
CA ILE E 302 11.79 -14.43 -22.14
C ILE E 302 11.66 -14.20 -20.66
N ARG E 303 12.38 -14.99 -19.91
CA ARG E 303 12.46 -14.76 -18.49
C ARG E 303 13.64 -13.85 -18.21
N ILE E 304 13.37 -12.81 -17.46
CA ILE E 304 14.36 -11.84 -17.05
C ILE E 304 14.90 -12.25 -15.70
N GLY E 305 14.01 -12.75 -14.89
CA GLY E 305 14.36 -13.10 -13.53
C GLY E 305 13.36 -14.06 -12.89
N PRO E 306 13.27 -14.10 -11.57
CA PRO E 306 12.51 -15.06 -10.79
C PRO E 306 11.01 -14.86 -10.91
N GLY E 307 10.45 -15.38 -12.01
CA GLY E 307 9.03 -15.25 -12.32
C GLY E 307 8.78 -13.92 -12.98
N GLN E 308 9.84 -13.31 -13.46
CA GLN E 308 9.75 -12.01 -14.07
C GLN E 308 9.79 -12.17 -15.58
N ALA E 309 8.62 -12.10 -16.21
CA ALA E 309 8.51 -12.28 -17.66
C ALA E 309 8.54 -10.96 -18.40
N PHE E 310 9.11 -10.99 -19.61
CA PHE E 310 9.15 -9.88 -20.54
C PHE E 310 8.70 -10.27 -21.93
N TYR E 311 7.87 -9.45 -22.54
CA TYR E 311 7.37 -9.72 -23.87
C TYR E 311 7.92 -8.73 -24.86
N TYR E 312 8.23 -9.21 -26.06
CA TYR E 312 8.77 -8.37 -27.08
C TYR E 312 8.47 -8.75 -28.50
N THR E 313 8.66 -7.77 -29.36
CA THR E 313 8.45 -7.94 -30.78
C THR E 313 9.44 -8.92 -31.36
N GLY E 314 8.88 -9.86 -32.11
CA GLY E 314 9.60 -10.92 -32.79
C GLY E 314 9.64 -10.70 -34.29
N ASP E 315 9.47 -11.80 -35.01
CA ASP E 315 9.58 -11.83 -36.44
C ASP E 315 8.37 -11.26 -37.11
N ILE E 316 8.60 -10.31 -38.00
CA ILE E 316 7.50 -9.74 -38.72
C ILE E 316 7.49 -10.45 -40.03
N ILE E 317 6.34 -10.92 -40.44
CA ILE E 317 6.28 -11.66 -41.66
C ILE E 317 5.48 -10.85 -42.65
N GLY E 318 5.71 -11.09 -43.94
CA GLY E 318 5.07 -10.22 -44.94
C GLY E 318 5.85 -8.92 -45.10
N ASP E 319 5.41 -8.04 -46.00
CA ASP E 319 6.19 -6.80 -46.28
C ASP E 319 6.15 -5.83 -45.09
N ILE E 320 7.11 -4.91 -45.03
CA ILE E 320 7.08 -3.87 -43.97
C ILE E 320 6.36 -2.64 -44.52
N ARG E 321 5.27 -2.22 -43.89
CA ARG E 321 4.46 -1.11 -44.34
C ARG E 321 4.15 -0.10 -43.25
N GLN E 322 3.98 1.14 -43.66
CA GLN E 322 3.67 2.20 -42.73
C GLN E 322 2.25 2.11 -42.22
N ALA E 323 2.09 2.35 -40.91
CA ALA E 323 0.80 2.41 -40.26
C ALA E 323 0.07 3.62 -40.79
N HIS E 324 -1.23 3.56 -40.87
CA HIS E 324 -1.97 4.69 -41.40
C HIS E 324 -3.45 4.71 -40.98
N CYS E 325 -4.12 5.88 -41.15
CA CYS E 325 -5.56 6.06 -40.88
C CYS E 325 -6.30 6.74 -42.05
N ASN E 326 -7.49 6.25 -42.35
CA ASN E 326 -8.32 6.83 -43.40
C ASN E 326 -9.60 7.48 -42.87
N VAL E 327 -9.99 8.59 -43.54
CA VAL E 327 -11.31 9.26 -43.46
C VAL E 327 -11.70 9.49 -44.92
N SER E 328 -12.96 9.69 -45.24
CA SER E 328 -13.25 10.03 -46.63
C SER E 328 -13.03 11.51 -46.79
N LYS E 329 -12.85 12.00 -48.01
CA LYS E 329 -12.73 13.44 -48.13
C LYS E 329 -14.02 14.15 -47.80
N ALA E 330 -15.15 13.61 -48.25
CA ALA E 330 -16.40 14.31 -48.00
C ALA E 330 -16.69 14.51 -46.53
N THR E 331 -16.37 13.54 -45.71
CA THR E 331 -16.74 13.64 -44.32
C THR E 331 -15.76 14.44 -43.51
N TRP E 332 -14.73 14.93 -44.15
CA TRP E 332 -13.79 15.75 -43.47
C TRP E 332 -13.88 17.14 -44.04
N ASN E 333 -13.71 17.23 -45.34
CA ASN E 333 -13.64 18.50 -46.01
C ASN E 333 -14.94 19.23 -45.97
N GLU E 334 -16.07 18.54 -46.07
CA GLU E 334 -17.29 19.30 -46.06
C GLU E 334 -17.69 19.56 -44.63
N THR E 335 -17.30 18.66 -43.73
CA THR E 335 -17.63 18.79 -42.33
C THR E 335 -16.97 20.04 -41.77
N LEU E 336 -15.74 20.30 -42.19
CA LEU E 336 -15.07 21.49 -41.73
C LEU E 336 -15.76 22.75 -42.17
N GLY E 337 -16.61 22.70 -43.18
CA GLY E 337 -17.29 23.89 -43.62
C GLY E 337 -18.33 24.29 -42.59
N LYS E 338 -18.75 23.34 -41.75
CA LYS E 338 -19.76 23.61 -40.75
C LYS E 338 -19.03 24.28 -39.63
N VAL E 339 -17.80 23.83 -39.43
CA VAL E 339 -16.95 24.37 -38.40
C VAL E 339 -16.68 25.82 -38.74
N VAL E 340 -16.40 26.06 -40.01
CA VAL E 340 -16.15 27.40 -40.48
C VAL E 340 -17.36 28.29 -40.34
N LYS E 341 -18.54 27.81 -40.68
CA LYS E 341 -19.69 28.66 -40.48
C LYS E 341 -19.79 29.07 -39.03
N GLN E 342 -19.50 28.15 -38.11
CA GLN E 342 -19.55 28.52 -36.71
C GLN E 342 -18.39 29.43 -36.32
N LEU E 343 -17.21 29.25 -36.90
CA LEU E 343 -16.10 30.13 -36.55
C LEU E 343 -16.45 31.56 -36.92
N ARG E 344 -17.13 31.70 -38.03
CA ARG E 344 -17.52 33.00 -38.54
C ARG E 344 -18.50 33.74 -37.64
N LYS E 345 -19.05 33.07 -36.63
CA LYS E 345 -19.96 33.73 -35.70
C LYS E 345 -19.19 34.43 -34.60
N HIS E 346 -17.90 34.11 -34.50
CA HIS E 346 -17.04 34.67 -33.49
C HIS E 346 -16.13 35.66 -34.16
N PHE E 347 -16.01 35.50 -35.46
CA PHE E 347 -15.22 36.36 -36.29
C PHE E 347 -16.20 37.17 -37.12
N GLY E 348 -15.72 38.06 -37.96
CA GLY E 348 -16.65 38.89 -38.72
C GLY E 348 -17.08 38.24 -40.03
N ASN E 349 -17.83 39.00 -40.86
CA ASN E 349 -18.32 38.55 -42.17
C ASN E 349 -17.22 38.79 -43.20
N ASN E 350 -17.27 38.02 -44.32
CA ASN E 350 -16.32 38.07 -45.44
C ASN E 350 -14.90 37.85 -44.96
N THR E 351 -14.78 36.93 -44.03
CA THR E 351 -13.51 36.60 -43.43
C THR E 351 -13.03 35.29 -44.01
N ILE E 352 -11.75 35.28 -44.34
CA ILE E 352 -11.09 34.10 -44.89
C ILE E 352 -10.49 33.31 -43.75
N ILE E 353 -10.71 31.99 -43.79
CA ILE E 353 -10.23 31.06 -42.77
C ILE E 353 -9.34 29.97 -43.32
N ARG E 354 -8.20 29.78 -42.71
CA ARG E 354 -7.25 28.78 -43.18
C ARG E 354 -6.92 27.73 -42.16
N PHE E 355 -6.71 26.52 -42.64
CA PHE E 355 -6.25 25.47 -41.77
C PHE E 355 -4.83 25.13 -42.14
N ALA E 356 -4.05 24.78 -41.15
CA ALA E 356 -2.64 24.49 -41.34
C ALA E 356 -2.14 23.49 -40.32
N GLN E 357 -0.94 23.02 -40.53
CA GLN E 357 -0.31 22.09 -39.62
C GLN E 357 0.27 22.83 -38.46
N SER E 358 0.46 22.12 -37.36
CA SER E 358 0.99 22.66 -36.13
C SER E 358 2.43 23.08 -36.29
N SER E 359 2.88 23.91 -35.36
CA SER E 359 4.24 24.43 -35.32
C SER E 359 5.26 23.42 -34.85
N GLY E 360 4.79 22.30 -34.33
CA GLY E 360 5.66 21.27 -33.83
C GLY E 360 5.82 21.35 -32.33
N GLY E 361 6.87 20.73 -31.83
CA GLY E 361 7.07 20.58 -30.40
C GLY E 361 7.27 19.11 -30.18
N ASP E 362 7.02 18.65 -28.98
CA ASP E 362 7.20 17.24 -28.73
C ASP E 362 6.22 16.46 -29.58
N LEU E 363 6.53 15.21 -29.86
CA LEU E 363 5.65 14.35 -30.62
C LEU E 363 4.26 14.29 -29.98
N GLU E 364 4.21 14.36 -28.64
CA GLU E 364 2.96 14.26 -27.91
C GLU E 364 1.97 15.36 -28.26
N VAL E 365 2.47 16.50 -28.73
CA VAL E 365 1.56 17.56 -29.07
C VAL E 365 1.51 17.78 -30.58
N THR E 366 2.59 17.43 -31.26
CA THR E 366 2.69 17.63 -32.69
C THR E 366 1.72 16.78 -33.47
N THR E 367 1.60 15.51 -33.11
CA THR E 367 0.73 14.64 -33.88
C THR E 367 -0.50 14.17 -33.15
N HIS E 368 -1.41 13.63 -33.94
CA HIS E 368 -2.59 13.04 -33.39
C HIS E 368 -2.14 11.82 -32.68
N SER E 369 -2.72 11.54 -31.55
CA SER E 369 -2.36 10.35 -30.84
C SER E 369 -3.51 9.73 -30.14
N PHE E 370 -3.52 8.42 -30.23
CA PHE E 370 -4.52 7.58 -29.60
C PHE E 370 -3.95 6.22 -29.29
N ASN E 371 -4.64 5.51 -28.44
CA ASN E 371 -4.24 4.16 -28.13
C ASN E 371 -5.31 3.20 -28.62
N CYS E 372 -4.91 2.03 -29.16
CA CYS E 372 -5.83 0.98 -29.57
C CYS E 372 -5.13 -0.37 -29.46
N GLY E 373 -5.76 -1.27 -28.71
CA GLY E 373 -5.23 -2.62 -28.53
C GLY E 373 -4.12 -2.58 -27.50
N GLY E 374 -3.93 -1.41 -26.92
CA GLY E 374 -2.88 -1.14 -25.97
C GLY E 374 -1.70 -0.46 -26.67
N GLU E 375 -1.73 -0.40 -28.00
CA GLU E 375 -0.66 0.21 -28.77
C GLU E 375 -0.85 1.70 -28.99
N PHE E 376 0.25 2.43 -28.93
CA PHE E 376 0.22 3.87 -29.11
C PHE E 376 0.63 4.34 -30.49
N PHE E 377 -0.32 4.98 -31.13
CA PHE E 377 -0.20 5.43 -32.50
C PHE E 377 -0.08 6.93 -32.58
N TYR E 378 0.85 7.40 -33.40
CA TYR E 378 1.03 8.83 -33.63
C TYR E 378 0.83 9.10 -35.11
N CYS E 379 -0.09 10.03 -35.50
CA CYS E 379 -0.45 10.27 -36.90
C CYS E 379 -0.30 11.74 -37.30
N ASN E 380 0.27 11.93 -38.47
CA ASN E 380 0.49 13.27 -38.99
C ASN E 380 -0.71 13.70 -39.82
N THR E 381 -1.52 14.67 -39.31
CA THR E 381 -2.77 15.16 -39.89
C THR E 381 -2.58 16.15 -41.01
N SER E 382 -1.60 15.84 -41.87
CA SER E 382 -1.18 16.66 -42.99
C SER E 382 -2.25 16.77 -44.04
N GLY E 383 -3.06 15.74 -44.17
CA GLY E 383 -4.12 15.77 -45.15
C GLY E 383 -5.39 16.35 -44.58
N LEU E 384 -5.39 16.72 -43.29
CA LEU E 384 -6.61 17.23 -42.73
C LEU E 384 -6.61 18.73 -42.57
N PHE E 385 -5.46 19.31 -42.27
CA PHE E 385 -5.41 20.75 -42.03
C PHE E 385 -4.43 21.40 -43.01
N ASN E 386 -4.97 21.87 -44.16
CA ASN E 386 -4.20 22.37 -45.31
C ASN E 386 -4.95 23.47 -46.08
N SER E 387 -6.26 23.24 -46.38
CA SER E 387 -7.10 24.11 -47.24
C SER E 387 -7.51 25.43 -46.61
N THR E 388 -7.95 26.33 -47.49
CA THR E 388 -8.45 27.63 -47.09
C THR E 388 -9.88 27.80 -47.55
N TRP E 389 -10.69 28.24 -46.62
CA TRP E 389 -12.09 28.49 -46.80
C TRP E 389 -12.28 29.95 -47.11
N ILE E 390 -13.18 30.24 -48.01
CA ILE E 390 -13.40 31.61 -48.40
C ILE E 390 -14.83 31.99 -48.19
N SER E 391 -15.10 33.28 -48.21
CA SER E 391 -16.47 33.76 -48.03
C SER E 391 -17.45 33.21 -49.09
N ASN E 392 -17.03 33.19 -50.38
CA ASN E 392 -17.81 32.73 -51.52
C ASN E 392 -17.70 31.20 -51.60
N ASN E 404 -15.85 7.48 -54.37
CA ASN E 404 -14.98 7.00 -53.32
C ASN E 404 -13.58 7.64 -53.49
N ASP E 405 -13.26 8.64 -52.62
CA ASP E 405 -12.00 9.39 -52.63
C ASP E 405 -11.65 9.70 -51.16
N SER E 406 -10.60 9.06 -50.66
CA SER E 406 -10.19 9.14 -49.26
C SER E 406 -8.94 9.96 -48.96
N ILE E 407 -8.76 10.24 -47.67
CA ILE E 407 -7.59 10.89 -47.14
C ILE E 407 -6.86 9.92 -46.24
N THR E 408 -5.60 9.68 -46.52
CA THR E 408 -4.83 8.76 -45.69
C THR E 408 -3.72 9.49 -44.95
N LEU E 409 -3.64 9.29 -43.65
CA LEU E 409 -2.57 9.89 -42.91
C LEU E 409 -1.55 8.83 -42.57
N PRO E 410 -0.25 9.12 -42.66
CA PRO E 410 0.81 8.23 -42.25
C PRO E 410 0.84 8.27 -40.73
N CYS E 411 1.23 7.15 -40.09
CA CYS E 411 1.37 7.01 -38.64
C CYS E 411 2.67 6.26 -38.27
N ARG E 412 3.10 6.45 -37.03
CA ARG E 412 4.24 5.77 -36.45
C ARG E 412 3.90 5.13 -35.12
N ILE E 413 4.71 4.16 -34.75
CA ILE E 413 4.52 3.41 -33.52
C ILE E 413 5.55 3.69 -32.47
N LYS E 414 5.10 3.90 -31.25
CA LYS E 414 6.02 4.17 -30.14
C LYS E 414 5.76 3.21 -28.99
N GLN E 415 6.82 2.76 -28.30
CA GLN E 415 6.61 1.89 -27.15
C GLN E 415 7.09 2.42 -25.82
N ILE E 416 8.09 3.27 -25.76
CA ILE E 416 8.50 3.75 -24.44
C ILE E 416 7.88 5.11 -24.25
N ILE E 417 6.88 5.13 -23.38
CA ILE E 417 5.99 6.24 -23.23
C ILE E 417 5.84 6.88 -21.85
N ASN E 418 5.95 8.20 -21.81
CA ASN E 418 5.75 8.92 -20.57
C ASN E 418 4.27 9.23 -20.45
N MET E 419 3.86 9.87 -19.38
CA MET E 419 2.46 10.22 -19.28
C MET E 419 2.37 11.58 -19.89
N TRP E 420 1.25 11.91 -20.47
CA TRP E 420 1.11 13.21 -21.11
C TRP E 420 1.66 14.33 -20.23
N GLN E 421 1.31 14.34 -18.95
CA GLN E 421 1.74 15.42 -18.09
C GLN E 421 2.91 15.17 -17.15
N ARG E 422 3.58 14.03 -17.23
CA ARG E 422 4.67 13.83 -16.29
C ARG E 422 5.76 12.90 -16.79
N ILE E 423 6.99 13.19 -16.35
CA ILE E 423 8.14 12.39 -16.71
C ILE E 423 8.86 11.74 -15.55
N GLY E 424 8.20 11.62 -14.40
CA GLY E 424 8.82 10.98 -13.25
C GLY E 424 8.62 9.47 -13.28
N GLN E 425 7.88 9.02 -14.28
CA GLN E 425 7.52 7.64 -14.54
C GLN E 425 7.56 7.35 -16.02
N ALA E 426 7.77 6.10 -16.38
CA ALA E 426 7.64 5.71 -17.78
C ALA E 426 7.08 4.32 -17.88
N MET E 427 6.32 4.08 -18.93
CA MET E 427 5.76 2.75 -19.14
C MET E 427 6.12 2.25 -20.50
N TYR E 428 6.22 0.95 -20.59
CA TYR E 428 6.47 0.33 -21.87
C TYR E 428 5.22 -0.26 -22.46
N ALA E 429 4.99 -0.05 -23.73
CA ALA E 429 3.85 -0.63 -24.37
C ALA E 429 4.19 -1.99 -24.97
N PRO E 430 3.54 -3.09 -24.57
CA PRO E 430 3.81 -4.41 -25.03
C PRO E 430 3.39 -4.49 -26.47
N PRO E 431 3.93 -5.43 -27.23
CA PRO E 431 3.61 -5.71 -28.60
C PRO E 431 2.27 -6.41 -28.75
N ILE E 432 1.70 -6.29 -29.94
CA ILE E 432 0.48 -6.98 -30.32
C ILE E 432 0.79 -7.89 -31.50
N GLN E 433 0.44 -9.16 -31.40
CA GLN E 433 0.67 -10.18 -32.43
C GLN E 433 -0.33 -10.07 -33.56
N GLY E 434 0.04 -10.55 -34.73
CA GLY E 434 -0.86 -10.52 -35.87
C GLY E 434 -0.99 -9.11 -36.37
N VAL E 435 -2.16 -8.77 -36.88
CA VAL E 435 -2.40 -7.45 -37.48
C VAL E 435 -3.56 -6.76 -36.79
N ILE E 436 -3.36 -5.51 -36.44
CA ILE E 436 -4.40 -4.75 -35.76
C ILE E 436 -5.08 -3.70 -36.64
N ARG E 437 -6.40 -3.71 -36.58
CA ARG E 437 -7.26 -2.76 -37.28
C ARG E 437 -8.23 -2.18 -36.25
N CYS E 438 -8.48 -0.85 -36.31
CA CYS E 438 -9.33 -0.11 -35.37
C CYS E 438 -10.24 0.87 -36.10
N VAL E 439 -11.49 0.96 -35.68
CA VAL E 439 -12.37 1.98 -36.26
C VAL E 439 -12.96 2.83 -35.14
N SER E 440 -12.78 4.13 -35.26
CA SER E 440 -13.26 5.08 -34.24
C SER E 440 -14.13 6.20 -34.83
N ASN E 441 -14.89 6.88 -33.94
CA ASN E 441 -15.76 8.03 -34.25
C ASN E 441 -15.13 9.36 -33.80
N ILE E 442 -14.88 10.29 -34.73
CA ILE E 442 -14.37 11.63 -34.41
C ILE E 442 -15.58 12.44 -33.99
N THR E 443 -15.53 12.98 -32.79
CA THR E 443 -16.64 13.75 -32.25
C THR E 443 -16.29 15.21 -32.08
N GLY E 444 -15.00 15.51 -32.06
CA GLY E 444 -14.64 16.91 -31.91
C GLY E 444 -13.20 17.19 -32.19
N LEU E 445 -12.91 18.47 -32.32
CA LEU E 445 -11.58 18.92 -32.64
C LEU E 445 -11.02 19.78 -31.54
N ILE E 446 -9.72 19.72 -31.32
CA ILE E 446 -9.16 20.73 -30.47
C ILE E 446 -8.23 21.52 -31.35
N LEU E 447 -8.56 22.78 -31.50
CA LEU E 447 -7.83 23.66 -32.40
C LEU E 447 -7.14 24.77 -31.67
N THR E 448 -6.11 25.27 -32.30
CA THR E 448 -5.41 26.42 -31.80
C THR E 448 -5.36 27.50 -32.88
N ARG E 449 -5.72 28.70 -32.50
CA ARG E 449 -5.68 29.81 -33.42
C ARG E 449 -4.29 30.37 -33.44
N ASP E 450 -3.93 31.05 -34.51
CA ASP E 450 -2.62 31.66 -34.56
C ASP E 450 -2.68 32.94 -33.73
N GLY E 451 -1.57 33.64 -33.63
CA GLY E 451 -1.44 34.86 -32.81
C GLY E 451 -2.07 36.10 -33.44
N GLY E 452 -3.36 36.00 -33.73
CA GLY E 452 -4.12 37.04 -34.35
C GLY E 452 -4.00 36.95 -35.87
N SER E 453 -4.54 37.94 -36.54
CA SER E 453 -4.54 37.95 -37.98
C SER E 453 -4.58 39.39 -38.43
N THR E 454 -4.23 39.65 -39.67
CA THR E 454 -4.26 41.03 -40.13
C THR E 454 -5.65 41.40 -40.61
N ASN E 455 -6.22 42.51 -40.04
CA ASN E 455 -7.51 43.13 -40.36
C ASN E 455 -8.68 42.13 -40.42
N SER E 456 -8.72 41.21 -39.42
CA SER E 456 -9.72 40.15 -39.19
C SER E 456 -9.96 39.20 -40.36
N THR E 457 -8.93 38.89 -41.15
CA THR E 457 -9.09 37.93 -42.22
C THR E 457 -7.99 36.92 -42.17
N THR E 458 -8.02 35.97 -43.09
CA THR E 458 -7.09 34.85 -43.16
C THR E 458 -6.69 34.39 -41.77
N GLU E 459 -7.71 34.06 -40.98
CA GLU E 459 -7.51 33.58 -39.63
C GLU E 459 -7.08 32.14 -39.75
N THR E 460 -5.93 31.81 -39.21
CA THR E 460 -5.41 30.46 -39.37
C THR E 460 -5.50 29.63 -38.11
N PHE E 461 -5.96 28.40 -38.29
CA PHE E 461 -6.08 27.44 -37.22
C PHE E 461 -5.24 26.21 -37.49
N ARG E 462 -4.70 25.67 -36.43
CA ARG E 462 -3.87 24.49 -36.46
C ARG E 462 -4.39 23.51 -35.44
N PRO E 463 -4.10 22.22 -35.56
CA PRO E 463 -4.40 21.24 -34.54
C PRO E 463 -3.71 21.68 -33.28
N GLY E 464 -4.34 21.49 -32.15
CA GLY E 464 -3.73 21.89 -30.90
C GLY E 464 -4.33 21.17 -29.72
N GLY E 465 -4.03 21.69 -28.53
CA GLY E 465 -4.48 21.09 -27.29
C GLY E 465 -3.32 20.40 -26.61
N GLY E 466 -2.82 21.00 -25.54
CA GLY E 466 -1.69 20.43 -24.81
C GLY E 466 -2.09 20.03 -23.41
N ASP E 467 -3.38 20.09 -23.11
CA ASP E 467 -3.87 19.81 -21.77
C ASP E 467 -4.66 18.52 -21.71
N MET E 468 -4.16 17.54 -21.01
CA MET E 468 -4.81 16.24 -20.96
C MET E 468 -6.26 16.37 -20.50
N ARG E 469 -6.56 17.39 -19.69
CA ARG E 469 -7.86 17.64 -19.11
C ARG E 469 -8.95 17.91 -20.13
N ASP E 470 -8.57 18.30 -21.34
CA ASP E 470 -9.50 18.65 -22.40
C ASP E 470 -10.41 17.49 -22.73
N ASN E 471 -9.92 16.29 -22.46
CA ASN E 471 -10.62 15.05 -22.71
C ASN E 471 -11.83 14.89 -21.83
N TRP E 472 -11.89 15.57 -20.69
CA TRP E 472 -13.05 15.44 -19.84
C TRP E 472 -13.82 16.74 -19.85
N ARG E 473 -13.16 17.85 -20.17
CA ARG E 473 -13.87 19.11 -20.21
C ARG E 473 -14.97 19.03 -21.23
N SER E 474 -14.68 18.33 -22.31
CA SER E 474 -15.57 18.13 -23.42
C SER E 474 -16.79 17.27 -23.11
N GLU E 475 -16.77 16.56 -21.99
CA GLU E 475 -17.88 15.70 -21.62
C GLU E 475 -18.68 16.24 -20.44
N LEU E 476 -18.00 16.92 -19.53
CA LEU E 476 -18.62 17.44 -18.32
C LEU E 476 -19.19 18.83 -18.44
N TYR E 477 -19.16 19.36 -19.63
CA TYR E 477 -19.63 20.71 -19.94
C TYR E 477 -21.09 20.93 -19.60
N LYS E 478 -21.85 19.85 -19.51
CA LYS E 478 -23.26 19.92 -19.20
C LYS E 478 -23.56 19.88 -17.71
N TYR E 479 -22.56 19.71 -16.84
CA TYR E 479 -22.91 19.51 -15.43
C TYR E 479 -22.34 20.47 -14.38
N LYS E 480 -23.15 20.73 -13.35
CA LYS E 480 -22.76 21.49 -12.15
C LYS E 480 -23.13 20.79 -10.84
N VAL E 481 -22.36 21.01 -9.78
CA VAL E 481 -22.72 20.39 -8.51
C VAL E 481 -22.98 21.37 -7.38
N VAL E 482 -24.10 21.12 -6.71
CA VAL E 482 -24.51 21.92 -5.57
C VAL E 482 -24.80 21.06 -4.37
N LYS E 483 -24.79 21.69 -3.22
CA LYS E 483 -25.16 21.12 -1.96
C LYS E 483 -26.60 21.48 -1.67
N ILE E 484 -27.26 20.64 -0.90
CA ILE E 484 -28.62 20.86 -0.47
C ILE E 484 -28.63 21.58 0.86
N GLU E 485 -29.33 22.70 0.93
CA GLU E 485 -29.39 23.46 2.17
C GLU E 485 -30.84 23.53 2.64
N PRO E 486 -31.32 22.54 3.44
CA PRO E 486 -32.70 22.35 3.81
C PRO E 486 -33.25 23.37 4.80
N LEU E 487 -32.41 24.16 5.44
CA LEU E 487 -32.96 25.12 6.37
C LEU E 487 -33.02 26.50 5.80
N GLY E 488 -34.09 27.20 6.16
CA GLY E 488 -34.22 28.59 5.79
C GLY E 488 -35.25 29.29 6.64
N VAL E 489 -35.32 30.60 6.47
CA VAL E 489 -36.20 31.45 7.24
C VAL E 489 -37.00 32.39 6.39
N ALA E 490 -38.25 32.62 6.78
CA ALA E 490 -39.15 33.56 6.13
C ALA E 490 -40.11 34.12 7.21
N PRO E 491 -40.69 35.33 7.03
CA PRO E 491 -41.66 35.91 7.92
C PRO E 491 -43.00 35.23 7.81
N THR E 492 -43.73 35.18 8.89
CA THR E 492 -45.10 34.67 8.89
C THR E 492 -45.84 35.13 10.11
N ARG E 493 -47.00 34.56 10.37
CA ARG E 493 -47.70 34.87 11.60
C ARG E 493 -48.15 33.57 12.29
N CYS E 494 -47.81 33.43 13.59
CA CYS E 494 -48.17 32.33 14.46
C CYS E 494 -48.00 32.80 15.91
N LYS E 495 -48.49 31.99 16.85
CA LYS E 495 -48.35 32.19 18.31
C LYS E 495 -47.42 33.39 18.67
N LEU F 9 -45.10 15.31 -7.25
CA LEU F 9 -43.78 15.90 -7.27
C LEU F 9 -42.75 14.98 -6.62
N GLY F 10 -41.49 15.05 -7.12
CA GLY F 10 -40.32 14.35 -6.59
C GLY F 10 -39.39 15.34 -5.92
N PHE F 11 -38.13 14.96 -5.83
CA PHE F 11 -37.11 15.77 -5.19
C PHE F 11 -36.91 17.03 -5.98
N LEU F 12 -36.92 18.18 -5.28
CA LEU F 12 -36.81 19.50 -5.85
C LEU F 12 -37.91 19.83 -6.82
N GLY F 13 -39.03 19.14 -6.69
CA GLY F 13 -40.16 19.31 -7.59
C GLY F 13 -40.70 20.73 -7.65
N ALA F 14 -40.59 21.46 -6.56
CA ALA F 14 -41.08 22.82 -6.55
C ALA F 14 -39.96 23.79 -6.27
N ALA F 15 -38.73 23.43 -6.60
CA ALA F 15 -37.62 24.32 -6.27
C ALA F 15 -37.76 25.71 -6.91
N GLY F 16 -38.32 25.78 -8.11
CA GLY F 16 -38.49 27.03 -8.84
C GLY F 16 -39.87 27.63 -8.65
N SER F 17 -40.65 27.06 -7.74
CA SER F 17 -42.01 27.53 -7.59
C SER F 17 -42.19 28.44 -6.41
N THR F 18 -43.42 28.86 -6.25
CA THR F 18 -43.85 29.74 -5.19
C THR F 18 -43.48 29.14 -3.85
N MET F 19 -42.90 29.96 -2.98
CA MET F 19 -42.48 29.48 -1.65
C MET F 19 -43.58 28.78 -0.88
N GLY F 20 -44.79 29.31 -0.95
CA GLY F 20 -45.93 28.71 -0.28
C GLY F 20 -46.20 27.34 -0.88
N ALA F 21 -46.32 27.26 -2.20
CA ALA F 21 -46.59 25.99 -2.87
C ALA F 21 -45.50 24.98 -2.62
N ALA F 22 -44.29 25.45 -2.51
CA ALA F 22 -43.13 24.62 -2.33
C ALA F 22 -43.05 24.08 -0.92
N SER F 23 -43.87 24.58 -0.02
CA SER F 23 -43.85 24.15 1.35
C SER F 23 -44.79 22.99 1.53
N MET F 24 -45.50 22.63 0.46
CA MET F 24 -46.48 21.59 0.58
C MET F 24 -45.88 20.19 0.67
N THR F 25 -44.71 19.98 0.06
CA THR F 25 -44.11 18.66 0.04
C THR F 25 -42.67 18.64 0.52
N LEU F 26 -42.45 18.93 1.78
CA LEU F 26 -41.08 19.06 2.30
C LEU F 26 -40.47 17.72 2.68
N THR F 27 -41.29 16.69 2.67
CA THR F 27 -40.88 15.38 3.11
C THR F 27 -39.85 14.75 2.18
N VAL F 28 -39.93 15.05 0.90
CA VAL F 28 -38.98 14.48 -0.03
C VAL F 28 -37.63 15.09 0.16
N GLN F 29 -37.62 16.37 0.48
CA GLN F 29 -36.37 17.05 0.63
C GLN F 29 -35.66 16.48 1.83
N ALA F 30 -36.41 16.16 2.88
CA ALA F 30 -35.80 15.58 4.05
C ALA F 30 -35.23 14.20 3.77
N ARG F 31 -35.94 13.40 3.00
CA ARG F 31 -35.47 12.05 2.74
C ARG F 31 -34.14 12.02 2.00
N ASN F 32 -33.92 12.99 1.12
CA ASN F 32 -32.71 12.99 0.31
C ASN F 32 -31.49 13.57 1.01
N LEU F 33 -31.62 13.82 2.31
CA LEU F 33 -30.48 14.26 3.05
C LEU F 33 -29.65 13.07 3.49
N LEU F 34 -30.25 11.88 3.59
CA LEU F 34 -29.49 10.70 4.03
C LEU F 34 -29.39 9.68 2.91
N SER F 35 -28.31 8.85 2.92
CA SER F 35 -28.09 7.75 1.97
C SER F 35 -29.25 6.73 2.03
N LYS F 56 -10.52 -2.75 -1.30
CA LYS F 56 -10.98 -1.36 -1.22
C LYS F 56 -9.92 -0.42 -0.52
N ASP F 57 -8.63 -0.62 -0.90
CA ASP F 57 -7.45 0.13 -0.41
C ASP F 57 -7.07 1.26 -1.35
N THR F 58 -7.93 1.46 -2.34
CA THR F 58 -7.78 2.47 -3.35
C THR F 58 -8.33 3.77 -2.78
N HIS F 59 -8.14 4.86 -3.51
CA HIS F 59 -8.64 6.15 -3.08
C HIS F 59 -10.15 6.18 -3.05
N TRP F 60 -10.79 5.23 -3.72
CA TRP F 60 -12.23 5.20 -3.72
C TRP F 60 -12.71 4.78 -2.32
N GLY F 61 -11.95 3.94 -1.61
CA GLY F 61 -12.35 3.50 -0.29
C GLY F 61 -12.25 4.70 0.64
N ILE F 62 -11.22 5.50 0.41
CA ILE F 62 -10.98 6.68 1.23
C ILE F 62 -12.07 7.70 1.00
N LYS F 63 -12.39 7.96 -0.26
CA LYS F 63 -13.43 8.91 -0.59
C LYS F 63 -14.76 8.50 -0.04
N GLN F 64 -15.09 7.21 -0.08
CA GLN F 64 -16.36 6.80 0.44
C GLN F 64 -16.44 7.03 1.93
N LEU F 65 -15.37 6.76 2.68
CA LEU F 65 -15.50 7.06 4.09
C LEU F 65 -15.61 8.54 4.34
N GLN F 66 -14.86 9.35 3.60
CA GLN F 66 -14.90 10.77 3.84
C GLN F 66 -16.25 11.35 3.51
N ALA F 67 -16.85 10.90 2.42
CA ALA F 67 -18.14 11.39 2.01
C ALA F 67 -19.21 11.01 2.98
N ARG F 68 -19.13 9.80 3.52
CA ARG F 68 -20.15 9.37 4.45
C ARG F 68 -20.06 10.21 5.70
N VAL F 69 -18.84 10.49 6.15
CA VAL F 69 -18.67 11.29 7.34
C VAL F 69 -19.19 12.68 7.11
N LEU F 70 -18.90 13.26 5.95
CA LEU F 70 -19.38 14.58 5.65
C LEU F 70 -20.88 14.65 5.71
N ALA F 71 -21.54 13.69 5.08
CA ALA F 71 -22.99 13.72 5.07
C ALA F 71 -23.54 13.64 6.47
N VAL F 72 -22.91 12.83 7.30
CA VAL F 72 -23.37 12.70 8.66
C VAL F 72 -23.16 13.94 9.46
N GLU F 73 -21.99 14.57 9.38
CA GLU F 73 -21.80 15.75 10.18
C GLU F 73 -22.72 16.86 9.76
N HIS F 74 -22.96 17.01 8.47
CA HIS F 74 -23.82 18.08 8.06
C HIS F 74 -25.22 17.84 8.61
N TYR F 75 -25.71 16.62 8.46
CA TYR F 75 -27.03 16.28 8.91
C TYR F 75 -27.17 16.58 10.37
N LEU F 76 -26.20 16.15 11.15
CA LEU F 76 -26.29 16.36 12.56
C LEU F 76 -26.22 17.81 12.95
N ARG F 77 -25.45 18.64 12.25
CA ARG F 77 -25.45 20.04 12.61
C ARG F 77 -26.83 20.64 12.47
N ASP F 78 -27.56 20.27 11.42
CA ASP F 78 -28.88 20.82 11.28
C ASP F 78 -29.80 20.32 12.37
N GLN F 79 -29.65 19.06 12.73
CA GLN F 79 -30.51 18.54 13.76
C GLN F 79 -30.21 19.19 15.10
N GLN F 80 -28.95 19.48 15.35
CA GLN F 80 -28.56 20.07 16.61
C GLN F 80 -29.14 21.46 16.69
N LEU F 81 -29.12 22.17 15.58
CA LEU F 81 -29.62 23.52 15.53
C LEU F 81 -31.12 23.57 15.73
N LEU F 82 -31.84 22.62 15.12
CA LEU F 82 -33.28 22.54 15.28
C LEU F 82 -33.58 22.25 16.74
N GLY F 83 -32.73 21.47 17.37
CA GLY F 83 -32.89 21.18 18.78
C GLY F 83 -32.81 22.48 19.58
N ILE F 84 -31.80 23.29 19.32
CA ILE F 84 -31.61 24.56 20.01
C ILE F 84 -32.78 25.49 19.82
N TRP F 85 -33.33 25.51 18.65
CA TRP F 85 -34.46 26.34 18.36
C TRP F 85 -35.80 25.83 18.85
N GLY F 86 -35.84 24.61 19.40
CA GLY F 86 -37.10 24.02 19.84
C GLY F 86 -37.98 23.46 18.70
N CYS F 87 -37.34 23.03 17.59
CA CYS F 87 -37.96 22.51 16.37
C CYS F 87 -37.64 21.04 16.20
N SER F 88 -37.34 20.35 17.28
CA SER F 88 -37.05 18.96 17.08
C SER F 88 -38.31 18.31 16.56
N GLY F 89 -38.18 17.51 15.51
CA GLY F 89 -39.31 16.77 14.99
C GLY F 89 -40.25 17.60 14.12
N LYS F 90 -39.91 18.85 13.83
CA LYS F 90 -40.82 19.67 13.07
C LYS F 90 -40.29 20.01 11.69
N LEU F 91 -41.18 20.11 10.73
CA LEU F 91 -40.77 20.66 9.44
C LEU F 91 -41.08 22.13 9.46
N ILE F 92 -42.11 22.48 10.21
CA ILE F 92 -42.54 23.84 10.33
C ILE F 92 -42.38 24.31 11.78
N CYS F 93 -41.66 25.42 12.00
CA CYS F 93 -41.41 26.04 13.31
C CYS F 93 -42.37 27.20 13.61
N CYS F 94 -42.30 27.67 14.85
CA CYS F 94 -43.00 28.83 15.32
C CYS F 94 -42.15 29.40 16.44
N THR F 95 -42.03 30.71 16.49
CA THR F 95 -41.21 31.32 17.52
C THR F 95 -41.76 32.55 18.17
N ASN F 96 -41.12 32.92 19.26
CA ASN F 96 -41.40 34.17 19.95
C ASN F 96 -40.49 35.31 19.52
N VAL F 97 -39.70 35.09 18.49
CA VAL F 97 -38.84 36.13 17.93
C VAL F 97 -39.54 36.81 16.77
N PRO F 98 -39.77 38.14 16.83
CA PRO F 98 -40.42 38.96 15.84
C PRO F 98 -39.52 39.15 14.66
N TRP F 99 -40.12 39.45 13.53
CA TRP F 99 -39.40 39.74 12.31
C TRP F 99 -38.94 41.21 12.29
N ASN F 100 -37.67 41.45 11.91
CA ASN F 100 -37.07 42.77 11.76
C ASN F 100 -37.39 43.32 10.35
N SER F 101 -37.70 44.63 10.26
CA SER F 101 -37.97 45.33 9.01
C SER F 101 -36.74 45.42 8.11
N SER F 102 -35.54 45.31 8.68
CA SER F 102 -34.33 45.37 7.88
C SER F 102 -34.16 44.11 7.06
N TRP F 103 -34.91 43.07 7.41
CA TRP F 103 -34.82 41.79 6.77
C TRP F 103 -35.78 41.67 5.60
N SER F 104 -36.65 42.67 5.39
CA SER F 104 -37.61 42.54 4.30
C SER F 104 -38.16 43.85 3.77
N ASN F 105 -38.32 43.88 2.45
CA ASN F 105 -38.91 45.00 1.75
C ASN F 105 -40.22 44.59 1.09
N ARG F 106 -40.78 43.49 1.56
CA ARG F 106 -42.00 42.89 1.02
C ARG F 106 -43.01 42.47 2.08
N ASN F 107 -44.29 42.35 1.67
CA ASN F 107 -45.40 41.83 2.47
C ASN F 107 -45.44 40.29 2.29
N LEU F 108 -46.26 39.57 3.11
CA LEU F 108 -46.38 38.10 3.01
C LEU F 108 -47.02 37.69 1.69
N SER F 109 -47.87 38.56 1.19
CA SER F 109 -48.57 38.39 -0.08
C SER F 109 -47.62 38.46 -1.27
N GLU F 110 -46.40 38.93 -1.02
CA GLU F 110 -45.42 38.99 -2.07
C GLU F 110 -44.40 37.88 -1.84
N ILE F 111 -44.04 37.66 -0.58
CA ILE F 111 -43.03 36.68 -0.27
C ILE F 111 -43.47 35.26 -0.45
N TRP F 112 -44.62 34.92 0.08
CA TRP F 112 -45.06 33.56 -0.01
C TRP F 112 -45.73 33.22 -1.30
N ASP F 113 -46.34 34.22 -1.92
CA ASP F 113 -47.10 34.02 -3.14
C ASP F 113 -46.41 34.35 -4.46
N ASN F 114 -45.48 35.31 -4.47
CA ASN F 114 -44.90 35.76 -5.74
C ASN F 114 -43.40 35.53 -5.96
N MET F 115 -42.76 34.67 -5.18
CA MET F 115 -41.34 34.42 -5.41
C MET F 115 -40.95 33.05 -4.91
N THR F 116 -39.76 32.59 -5.33
CA THR F 116 -39.18 31.30 -4.97
C THR F 116 -38.29 31.36 -3.75
N TRP F 117 -37.96 30.16 -3.20
CA TRP F 117 -37.07 30.04 -2.05
C TRP F 117 -35.64 30.36 -2.41
N LEU F 118 -35.27 30.08 -3.66
CA LEU F 118 -33.90 30.35 -4.03
C LEU F 118 -33.71 31.84 -4.02
N GLN F 119 -34.67 32.58 -4.56
CA GLN F 119 -34.50 34.01 -4.59
C GLN F 119 -34.57 34.61 -3.22
N TRP F 120 -35.46 34.08 -2.41
CA TRP F 120 -35.62 34.60 -1.08
C TRP F 120 -34.35 34.46 -0.29
N ASP F 121 -33.74 33.29 -0.35
CA ASP F 121 -32.55 33.06 0.41
C ASP F 121 -31.43 33.95 -0.08
N LYS F 122 -31.35 34.18 -1.39
CA LYS F 122 -30.30 35.04 -1.90
C LYS F 122 -30.40 36.44 -1.33
N GLU F 123 -31.63 36.92 -1.22
CA GLU F 123 -31.88 38.26 -0.77
C GLU F 123 -31.67 38.52 0.71
N ILE F 124 -31.87 37.51 1.55
CA ILE F 124 -31.72 37.76 2.98
C ILE F 124 -30.55 37.04 3.59
N SER F 125 -29.62 36.59 2.76
CA SER F 125 -28.49 35.79 3.24
C SER F 125 -27.59 36.47 4.28
N ASN F 126 -27.54 37.82 4.31
CA ASN F 126 -26.74 38.64 5.23
C ASN F 126 -27.19 38.49 6.69
N TYR F 127 -28.44 38.02 6.94
CA TYR F 127 -29.04 37.91 8.24
C TYR F 127 -29.06 36.51 8.77
N THR F 128 -28.39 35.58 8.10
CA THR F 128 -28.47 34.22 8.58
C THR F 128 -28.03 34.09 10.02
N GLN F 129 -26.92 34.71 10.36
CA GLN F 129 -26.39 34.55 11.69
C GLN F 129 -27.14 35.33 12.73
N ILE F 130 -27.65 36.50 12.37
CA ILE F 130 -28.34 37.24 13.40
C ILE F 130 -29.64 36.56 13.71
N ILE F 131 -30.29 36.01 12.70
CA ILE F 131 -31.53 35.37 12.96
C ILE F 131 -31.32 34.16 13.80
N TYR F 132 -30.33 33.36 13.47
CA TYR F 132 -30.14 32.15 14.21
C TYR F 132 -29.79 32.45 15.66
N GLY F 133 -28.96 33.48 15.88
CA GLY F 133 -28.58 33.86 17.22
C GLY F 133 -29.78 34.31 18.04
N LEU F 134 -30.65 35.10 17.43
CA LEU F 134 -31.82 35.57 18.13
C LEU F 134 -32.71 34.43 18.48
N LEU F 135 -32.85 33.46 17.59
CA LEU F 135 -33.70 32.35 17.90
C LEU F 135 -33.13 31.60 19.08
N GLU F 136 -31.84 31.39 19.10
CA GLU F 136 -31.26 30.66 20.21
C GLU F 136 -31.44 31.31 21.57
N GLU F 137 -31.15 32.60 21.62
CA GLU F 137 -31.18 33.34 22.85
C GLU F 137 -32.55 33.67 23.33
N SER F 138 -33.46 33.97 22.42
CA SER F 138 -34.78 34.38 22.81
C SER F 138 -35.78 33.25 22.91
N GLN F 139 -35.55 32.12 22.25
CA GLN F 139 -36.53 31.07 22.25
C GLN F 139 -36.27 30.06 23.34
N ASN F 140 -35.47 29.03 23.06
CA ASN F 140 -35.34 28.06 24.13
C ASN F 140 -34.61 28.57 25.33
N GLN F 141 -33.63 29.46 25.19
CA GLN F 141 -32.97 29.82 26.43
C GLN F 141 -33.94 30.50 27.39
N GLN F 142 -34.86 31.30 26.85
CA GLN F 142 -35.76 32.01 27.73
C GLN F 142 -36.93 31.18 28.14
N GLU F 143 -37.44 30.34 27.26
CA GLU F 143 -38.57 29.56 27.65
C GLU F 143 -38.18 28.55 28.66
N LYS F 144 -36.97 28.03 28.57
CA LYS F 144 -36.60 27.03 29.50
C LYS F 144 -36.48 27.65 30.88
N ASN F 145 -35.94 28.88 30.96
CA ASN F 145 -35.86 29.53 32.25
C ASN F 145 -37.26 29.73 32.80
N GLU F 146 -38.20 30.12 31.93
CA GLU F 146 -39.53 30.36 32.41
C GLU F 146 -40.17 29.08 32.87
N GLN F 147 -39.92 27.97 32.21
CA GLN F 147 -40.52 26.73 32.64
C GLN F 147 -40.01 26.33 34.01
N ASP F 148 -38.73 26.52 34.29
CA ASP F 148 -38.22 26.14 35.61
C ASP F 148 -38.92 26.95 36.69
N LEU F 149 -39.21 28.19 36.38
CA LEU F 149 -39.81 29.12 37.31
C LEU F 149 -41.31 28.87 37.50
N LEU F 150 -41.88 27.99 36.69
CA LEU F 150 -43.29 27.64 36.75
C LEU F 150 -43.44 26.26 37.33
N ALA F 151 -42.35 25.71 37.87
CA ALA F 151 -42.33 24.38 38.43
C ALA F 151 -43.28 24.12 39.62
N LEU F 152 -43.52 25.13 40.50
CA LEU F 152 -44.33 25.00 41.72
C LEU F 152 -45.50 26.00 41.73
N ARG G 2 32.88 -37.97 -26.10
CA ARG G 2 32.98 -39.26 -26.74
C ARG G 2 32.58 -39.06 -28.22
N LEU G 3 33.58 -39.06 -29.14
CA LEU G 3 33.38 -38.84 -30.59
C LEU G 3 33.69 -40.07 -31.39
N VAL G 4 32.71 -40.55 -32.15
CA VAL G 4 32.91 -41.75 -32.94
C VAL G 4 32.69 -41.57 -34.43
N GLU G 5 33.78 -41.56 -35.18
CA GLU G 5 33.72 -41.38 -36.62
C GLU G 5 33.21 -42.63 -37.32
N SER G 6 32.44 -42.43 -38.38
CA SER G 6 31.93 -43.50 -39.21
C SER G 6 31.75 -43.06 -40.66
N GLY G 7 31.80 -44.03 -41.59
CA GLY G 7 31.57 -43.73 -43.01
C GLY G 7 32.84 -43.81 -43.84
N GLY G 8 33.97 -44.02 -43.18
CA GLY G 8 35.22 -44.12 -43.91
C GLY G 8 35.19 -45.40 -44.71
N GLY G 9 35.93 -45.42 -45.82
CA GLY G 9 36.02 -46.57 -46.70
C GLY G 9 36.96 -46.24 -47.84
N VAL G 10 36.98 -47.10 -48.86
CA VAL G 10 37.88 -46.91 -49.99
C VAL G 10 37.06 -46.62 -51.24
N VAL G 11 37.34 -45.50 -51.86
CA VAL G 11 36.61 -45.08 -53.04
C VAL G 11 37.54 -44.71 -54.19
N GLN G 12 36.99 -44.59 -55.37
CA GLN G 12 37.78 -44.21 -56.52
C GLN G 12 37.75 -42.70 -56.74
N PRO G 13 38.75 -42.11 -57.40
CA PRO G 13 38.79 -40.70 -57.72
C PRO G 13 37.53 -40.27 -58.45
N GLY G 14 37.01 -39.12 -58.03
CA GLY G 14 35.81 -38.52 -58.58
C GLY G 14 34.54 -38.88 -57.79
N SER G 15 34.66 -39.84 -56.89
CA SER G 15 33.53 -40.31 -56.08
C SER G 15 33.17 -39.41 -54.92
N SER G 16 32.05 -39.71 -54.29
CA SER G 16 31.68 -38.98 -53.09
C SER G 16 31.56 -39.94 -51.93
N LEU G 17 31.82 -39.42 -50.74
CA LEU G 17 31.73 -40.15 -49.50
C LEU G 17 31.10 -39.27 -48.43
N ARG G 18 30.33 -39.86 -47.52
CA ARG G 18 29.80 -39.04 -46.45
C ARG G 18 30.17 -39.60 -45.09
N LEU G 19 30.78 -38.76 -44.28
CA LEU G 19 31.14 -39.12 -42.93
C LEU G 19 30.15 -38.58 -41.95
N SER G 20 30.08 -39.25 -40.83
CA SER G 20 29.28 -38.83 -39.71
C SER G 20 30.10 -39.10 -38.46
N CYS G 21 29.78 -38.42 -37.36
CA CYS G 21 30.40 -38.60 -36.05
C CYS G 21 29.35 -38.62 -34.96
N ALA G 22 29.18 -39.81 -34.39
CA ALA G 22 28.22 -39.97 -33.33
C ALA G 22 28.85 -39.31 -32.14
N ALA G 23 28.06 -38.74 -31.25
CA ALA G 23 28.71 -38.14 -30.11
C ALA G 23 27.87 -38.19 -28.86
N SER G 24 28.56 -38.21 -27.74
CA SER G 24 27.90 -38.18 -26.43
C SER G 24 28.79 -37.63 -25.32
N GLY G 25 28.16 -37.32 -24.19
CA GLY G 25 28.92 -36.79 -23.05
C GLY G 25 28.82 -35.27 -22.99
N PHE G 26 28.25 -34.63 -24.02
CA PHE G 26 28.24 -33.14 -24.03
C PHE G 26 26.99 -32.58 -24.72
N ASP G 27 26.60 -31.36 -24.37
CA ASP G 27 25.43 -30.69 -25.03
C ASP G 27 25.87 -30.29 -26.43
N PHE G 28 26.01 -31.27 -27.31
CA PHE G 28 26.45 -31.06 -28.67
C PHE G 28 25.83 -29.81 -29.23
N SER G 29 24.57 -29.59 -28.96
CA SER G 29 23.83 -28.49 -29.55
C SER G 29 24.32 -27.10 -29.17
N ARG G 30 25.15 -26.98 -28.14
CA ARG G 30 25.65 -25.69 -27.70
C ARG G 30 27.14 -25.52 -27.93
N GLN G 31 27.76 -26.51 -28.58
CA GLN G 31 29.20 -26.45 -28.79
C GLN G 31 29.58 -26.61 -30.26
N GLY G 32 30.64 -25.91 -30.67
CA GLY G 32 31.13 -25.99 -32.03
C GLY G 32 31.98 -27.22 -32.24
N MET G 33 32.19 -27.55 -33.51
CA MET G 33 32.97 -28.72 -33.89
C MET G 33 33.90 -28.47 -35.06
N HIS G 34 34.94 -29.28 -35.13
CA HIS G 34 35.89 -29.24 -36.22
C HIS G 34 36.14 -30.57 -36.91
N TRP G 35 36.47 -30.49 -38.20
CA TRP G 35 37.02 -31.64 -38.88
C TRP G 35 38.48 -31.33 -39.12
N VAL G 36 39.32 -32.30 -38.83
CA VAL G 36 40.76 -32.23 -39.04
C VAL G 36 41.18 -33.46 -39.80
N ARG G 37 42.14 -33.36 -40.69
CA ARG G 37 42.57 -34.57 -41.34
C ARG G 37 44.08 -34.70 -41.28
N GLN G 38 44.57 -35.92 -41.35
CA GLN G 38 45.99 -36.13 -41.41
C GLN G 38 46.35 -37.25 -42.37
N ALA G 39 46.99 -36.88 -43.47
CA ALA G 39 47.38 -37.87 -44.46
C ALA G 39 48.49 -38.69 -43.85
N PRO G 40 48.65 -39.97 -44.17
CA PRO G 40 49.71 -40.77 -43.64
C PRO G 40 51.04 -40.10 -43.94
N GLY G 41 51.88 -40.00 -42.92
CA GLY G 41 53.20 -39.40 -43.06
C GLY G 41 53.19 -37.88 -42.99
N GLN G 42 52.01 -37.29 -42.85
CA GLN G 42 51.86 -35.84 -42.84
C GLN G 42 51.45 -35.30 -41.50
N GLY G 43 51.37 -33.96 -41.40
CA GLY G 43 50.95 -33.28 -40.20
C GLY G 43 49.46 -33.04 -40.18
N LEU G 44 48.99 -32.22 -39.26
CA LEU G 44 47.57 -31.98 -39.14
C LEU G 44 47.10 -30.89 -40.06
N GLU G 45 45.99 -31.11 -40.73
CA GLU G 45 45.42 -30.10 -41.60
C GLU G 45 44.02 -29.76 -41.14
N TRP G 46 43.77 -28.50 -40.90
CA TRP G 46 42.43 -28.15 -40.50
C TRP G 46 41.55 -28.18 -41.71
N VAL G 47 40.36 -28.72 -41.58
CA VAL G 47 39.47 -28.76 -42.71
C VAL G 47 38.33 -27.79 -42.57
N ALA G 48 37.60 -27.90 -41.49
CA ALA G 48 36.43 -27.05 -41.37
C ALA G 48 35.95 -26.89 -39.95
N PHE G 49 35.23 -25.80 -39.74
CA PHE G 49 34.60 -25.50 -38.45
C PHE G 49 33.16 -25.10 -38.59
N ILE G 50 32.35 -25.62 -37.70
CA ILE G 50 30.97 -25.25 -37.70
C ILE G 50 30.56 -24.75 -36.34
N LYS G 51 29.83 -23.65 -36.32
CA LYS G 51 29.33 -23.09 -35.08
C LYS G 51 28.18 -23.93 -34.59
N TYR G 52 27.99 -23.99 -33.30
CA TYR G 52 26.93 -24.80 -32.73
C TYR G 52 25.53 -24.60 -33.30
N ASP G 53 25.18 -23.39 -33.72
CA ASP G 53 23.85 -23.20 -34.22
C ASP G 53 23.75 -23.27 -35.73
N GLY G 54 24.86 -23.58 -36.38
CA GLY G 54 24.92 -23.70 -37.82
C GLY G 54 24.94 -22.34 -38.53
N SER G 55 25.07 -21.25 -37.78
CA SER G 55 25.04 -19.93 -38.38
C SER G 55 26.29 -19.54 -39.14
N GLU G 56 27.43 -20.07 -38.71
CA GLU G 56 28.67 -19.77 -39.47
C GLU G 56 29.50 -21.02 -39.73
N LYS G 57 30.03 -21.15 -40.93
CA LYS G 57 30.86 -22.27 -41.33
C LYS G 57 32.11 -21.77 -41.96
N TYR G 58 33.21 -22.44 -41.66
CA TYR G 58 34.51 -21.99 -42.19
C TYR G 58 35.23 -23.21 -42.76
N HIS G 59 35.78 -23.07 -43.96
CA HIS G 59 36.47 -24.17 -44.59
C HIS G 59 37.84 -23.72 -45.04
N ALA G 60 38.79 -24.64 -45.03
CA ALA G 60 40.13 -24.41 -45.52
C ALA G 60 40.08 -24.14 -47.02
N ASP G 61 40.97 -23.30 -47.50
CA ASP G 61 41.00 -23.01 -48.93
C ASP G 61 41.27 -24.27 -49.74
N SER G 62 42.10 -25.12 -49.18
CA SER G 62 42.54 -26.35 -49.80
C SER G 62 41.45 -27.38 -50.03
N VAL G 63 40.31 -27.21 -49.37
CA VAL G 63 39.22 -28.15 -49.49
C VAL G 63 37.98 -27.49 -50.04
N TRP G 64 38.09 -26.25 -50.48
CA TRP G 64 36.90 -25.56 -50.87
C TRP G 64 36.19 -26.21 -52.04
N GLY G 65 34.87 -26.22 -51.97
CA GLY G 65 34.01 -26.76 -53.00
C GLY G 65 33.75 -28.24 -52.78
N ARG G 66 34.83 -29.00 -52.70
CA ARG G 66 34.73 -30.43 -52.46
C ARG G 66 34.27 -30.82 -51.06
N LEU G 67 34.73 -30.11 -50.02
CA LEU G 67 34.28 -30.51 -48.70
C LEU G 67 33.27 -29.52 -48.14
N SER G 68 32.28 -30.07 -47.43
CA SER G 68 31.26 -29.28 -46.76
C SER G 68 30.88 -29.80 -45.36
N ILE G 69 31.02 -28.92 -44.36
CA ILE G 69 30.71 -29.28 -42.97
C ILE G 69 29.23 -29.02 -42.63
N SER G 70 28.60 -29.96 -41.92
CA SER G 70 27.22 -29.80 -41.49
C SER G 70 26.96 -30.55 -40.19
N ARG G 71 25.80 -30.29 -39.58
CA ARG G 71 25.55 -30.91 -38.26
C ARG G 71 24.07 -31.18 -38.07
N ASP G 72 23.71 -32.06 -37.13
CA ASP G 72 22.28 -32.30 -36.79
C ASP G 72 22.17 -32.27 -35.27
N ASN G 73 21.57 -31.21 -34.72
CA ASN G 73 21.51 -31.07 -33.24
C ASN G 73 20.73 -32.22 -32.63
N SER G 74 19.64 -32.64 -33.28
CA SER G 74 18.82 -33.74 -32.74
C SER G 74 19.63 -35.04 -32.75
N LYS G 75 20.32 -35.32 -33.85
CA LYS G 75 21.09 -36.58 -33.98
C LYS G 75 22.31 -36.54 -33.07
N ASP G 76 22.68 -35.36 -32.56
CA ASP G 76 23.94 -35.26 -31.78
C ASP G 76 25.03 -35.76 -32.73
N THR G 77 25.00 -35.30 -33.97
CA THR G 77 25.91 -35.83 -34.97
C THR G 77 26.55 -34.79 -35.88
N LEU G 78 27.85 -34.94 -36.06
CA LEU G 78 28.62 -34.07 -36.95
C LEU G 78 28.82 -34.77 -38.28
N TYR G 79 28.71 -34.05 -39.38
CA TYR G 79 28.90 -34.66 -40.70
C TYR G 79 29.91 -33.95 -41.57
N LEU G 80 30.48 -34.73 -42.49
CA LEU G 80 31.32 -34.18 -43.53
C LEU G 80 30.94 -34.75 -44.88
N GLN G 81 30.53 -33.88 -45.77
CA GLN G 81 30.14 -34.30 -47.09
C GLN G 81 31.31 -34.05 -48.01
N MET G 82 31.83 -35.10 -48.61
CA MET G 82 32.98 -34.94 -49.46
C MET G 82 32.75 -35.41 -50.89
N ASN G 83 32.81 -34.47 -51.82
CA ASN G 83 32.50 -34.73 -53.21
C ASN G 83 33.70 -34.66 -54.15
N SER G 84 33.59 -35.32 -55.31
CA SER G 84 34.60 -35.26 -56.36
C SER G 84 35.98 -35.49 -55.79
N LEU G 85 36.09 -36.53 -55.00
CA LEU G 85 37.28 -36.83 -54.26
C LEU G 85 38.55 -37.02 -55.04
N ARG G 86 39.61 -36.41 -54.54
CA ARG G 86 40.93 -36.46 -55.14
C ARG G 86 41.83 -37.42 -54.38
N VAL G 87 42.87 -37.91 -55.01
CA VAL G 87 43.78 -38.78 -54.26
C VAL G 87 44.49 -38.03 -53.13
N GLU G 88 44.64 -36.73 -53.30
CA GLU G 88 45.22 -35.83 -52.32
C GLU G 88 44.38 -35.73 -51.04
N ASP G 89 43.12 -36.17 -51.11
CA ASP G 89 42.23 -36.10 -49.98
C ASP G 89 42.32 -37.37 -49.13
N THR G 90 43.19 -38.32 -49.49
CA THR G 90 43.32 -39.49 -48.64
C THR G 90 43.92 -39.05 -47.33
N ALA G 91 43.25 -39.39 -46.25
CA ALA G 91 43.68 -38.99 -44.93
C ALA G 91 42.88 -39.66 -43.86
N THR G 92 43.38 -39.62 -42.64
CA THR G 92 42.52 -40.03 -41.55
C THR G 92 41.74 -38.79 -41.19
N TYR G 93 40.45 -38.90 -41.12
CA TYR G 93 39.61 -37.77 -40.78
C TYR G 93 39.19 -37.88 -39.35
N PHE G 94 39.21 -36.75 -38.68
CA PHE G 94 38.86 -36.71 -37.29
C PHE G 94 37.77 -35.73 -36.95
N CYS G 95 36.92 -36.15 -36.02
CA CYS G 95 35.86 -35.40 -35.39
C CYS G 95 36.47 -34.82 -34.13
N VAL G 96 36.47 -33.50 -34.05
CA VAL G 96 37.07 -32.83 -32.93
C VAL G 96 36.11 -31.83 -32.28
N ARG G 97 35.97 -31.91 -30.97
CA ARG G 97 35.11 -30.96 -30.29
C ARG G 97 35.90 -29.71 -30.00
N GLU G 98 35.30 -28.56 -30.23
CA GLU G 98 36.06 -27.36 -29.93
C GLU G 98 35.95 -27.04 -28.45
N ALA G 99 37.08 -26.69 -27.85
CA ALA G 99 37.11 -26.28 -26.45
C ALA G 99 36.30 -25.02 -26.32
N GLY G 100 35.59 -24.86 -25.23
CA GLY G 100 34.79 -23.68 -25.05
C GLY G 100 34.10 -23.69 -23.72
N GLY G 101 33.28 -22.67 -23.49
CA GLY G 101 32.55 -22.54 -22.22
C GLY G 101 32.03 -21.12 -22.08
N PRO G 102 31.85 -20.54 -20.87
CA PRO G 102 31.43 -19.14 -20.77
C PRO G 102 32.57 -18.13 -20.52
N ASP G 103 32.54 -17.00 -21.22
CA ASP G 103 33.55 -15.96 -20.93
C ASP G 103 33.29 -15.50 -19.50
N TYR G 104 34.35 -15.32 -18.71
CA TYR G 104 34.13 -14.78 -17.35
C TYR G 104 34.53 -13.31 -17.37
N ARG G 105 33.56 -12.40 -17.18
CA ARG G 105 33.89 -10.96 -17.11
C ARG G 105 33.06 -10.27 -16.03
N ASN G 106 33.70 -9.40 -15.23
CA ASN G 106 32.97 -8.60 -14.21
C ASN G 106 32.17 -9.50 -13.27
N GLY G 107 32.74 -10.63 -12.86
CA GLY G 107 32.05 -11.53 -11.92
C GLY G 107 30.77 -12.10 -12.48
N TYR G 108 30.74 -12.36 -13.79
CA TYR G 108 29.55 -13.02 -14.39
C TYR G 108 30.01 -13.95 -15.50
N ASN G 109 29.17 -14.93 -15.88
CA ASN G 109 29.51 -15.81 -17.02
C ASN G 109 28.74 -15.28 -18.23
N ASP G 112 26.33 -17.19 -25.55
CA ASP G 112 25.98 -16.82 -26.93
C ASP G 112 24.49 -17.10 -27.13
N PHE G 113 23.94 -16.85 -28.31
CA PHE G 113 22.52 -17.04 -28.49
C PHE G 113 22.09 -18.46 -28.18
N TYR G 114 20.87 -18.55 -27.62
CA TYR G 114 20.17 -19.78 -27.13
C TYR G 114 21.15 -20.53 -26.22
N ASP G 115 21.81 -19.76 -25.32
CA ASP G 115 22.69 -20.15 -24.25
C ASP G 115 23.87 -20.95 -24.77
N GLY G 116 24.44 -20.50 -25.86
CA GLY G 116 25.55 -21.21 -26.47
C GLY G 116 26.86 -20.99 -25.75
N TYR G 117 27.84 -21.91 -25.91
CA TYR G 117 29.19 -21.80 -25.26
C TYR G 117 30.16 -21.10 -26.21
N TYR G 118 30.98 -20.16 -25.73
CA TYR G 118 31.92 -19.39 -26.59
C TYR G 118 33.12 -20.28 -26.91
N ASN G 119 33.86 -19.94 -27.97
CA ASN G 119 35.01 -20.77 -28.42
C ASN G 119 36.27 -20.42 -27.61
N TYR G 120 36.72 -21.33 -26.73
CA TYR G 120 37.93 -21.10 -25.89
C TYR G 120 39.15 -21.09 -26.81
N HIS G 121 38.98 -21.52 -28.07
CA HIS G 121 40.06 -21.46 -29.10
C HIS G 121 41.13 -22.52 -28.95
N TYR G 122 40.79 -23.83 -28.96
CA TYR G 122 41.71 -24.93 -28.94
C TYR G 122 40.88 -26.16 -29.00
N MET G 123 41.51 -27.28 -29.33
CA MET G 123 40.79 -28.53 -29.43
C MET G 123 40.81 -29.23 -28.10
N ASP G 124 39.72 -29.89 -27.73
CA ASP G 124 39.74 -30.63 -26.48
C ASP G 124 39.58 -32.15 -26.69
N VAL G 125 38.51 -32.57 -27.32
CA VAL G 125 38.22 -33.98 -27.51
C VAL G 125 38.35 -34.44 -28.94
N TRP G 126 39.14 -35.45 -29.11
CA TRP G 126 39.32 -36.05 -30.42
C TRP G 126 38.70 -37.41 -30.45
N GLY G 127 38.13 -37.78 -31.60
CA GLY G 127 37.66 -39.13 -31.77
C GLY G 127 38.84 -40.00 -32.20
N LYS G 128 38.58 -41.26 -32.49
CA LYS G 128 39.64 -42.16 -32.90
C LYS G 128 40.12 -41.82 -34.30
N GLY G 129 39.17 -41.42 -35.13
CA GLY G 129 39.42 -41.07 -36.52
C GLY G 129 39.06 -42.22 -37.44
N THR G 130 38.75 -41.90 -38.69
CA THR G 130 38.42 -42.94 -39.65
C THR G 130 39.16 -42.69 -40.93
N THR G 131 39.58 -43.75 -41.60
CA THR G 131 40.36 -43.53 -42.79
C THR G 131 39.55 -43.44 -44.05
N VAL G 132 39.84 -42.40 -44.80
CA VAL G 132 39.25 -42.21 -46.09
C VAL G 132 40.32 -42.36 -47.12
N THR G 133 40.16 -43.34 -47.99
CA THR G 133 41.14 -43.60 -49.04
C THR G 133 40.44 -43.44 -50.37
N VAL G 134 41.05 -42.68 -51.30
CA VAL G 134 40.48 -42.38 -52.61
C VAL G 134 41.27 -43.18 -53.66
N GLN H 1 45.41 -20.42 -47.77
CA GLN H 1 45.90 -20.37 -46.39
C GLN H 1 47.04 -21.40 -46.19
N SER H 2 48.28 -20.88 -46.00
CA SER H 2 49.52 -21.63 -45.78
C SER H 2 49.66 -22.16 -44.36
N ALA H 3 50.56 -23.14 -44.20
CA ALA H 3 50.92 -23.73 -42.91
C ALA H 3 51.86 -22.84 -42.14
N LEU H 4 51.89 -23.04 -40.84
CA LEU H 4 52.82 -22.30 -39.98
C LEU H 4 54.14 -23.06 -40.08
N THR H 5 55.25 -22.36 -40.08
CA THR H 5 56.50 -23.12 -40.22
C THR H 5 57.06 -23.61 -38.90
N GLN H 6 57.37 -24.90 -38.87
CA GLN H 6 57.98 -25.51 -37.70
C GLN H 6 59.29 -26.17 -38.13
N PRO H 7 60.26 -26.34 -37.23
CA PRO H 7 61.48 -27.05 -37.52
C PRO H 7 61.13 -28.47 -37.81
N ALA H 8 61.81 -29.10 -38.77
CA ALA H 8 61.45 -30.47 -39.08
C ALA H 8 61.59 -31.38 -37.88
N SER H 9 62.62 -31.14 -37.08
CA SER H 9 62.84 -31.95 -35.90
C SER H 9 63.67 -31.22 -34.88
N VAL H 10 63.54 -31.67 -33.66
CA VAL H 10 64.35 -31.23 -32.53
C VAL H 10 64.79 -32.45 -31.76
N SER H 11 65.84 -32.30 -30.99
CA SER H 11 66.26 -33.38 -30.15
C SER H 11 67.08 -32.91 -28.98
N GLY H 12 67.29 -33.81 -28.05
CA GLY H 12 68.17 -33.56 -26.93
C GLY H 12 68.21 -34.74 -25.99
N SER H 13 69.15 -34.71 -25.06
CA SER H 13 69.33 -35.78 -24.09
C SER H 13 68.25 -35.70 -23.02
N PRO H 14 68.00 -36.78 -22.26
CA PRO H 14 67.10 -36.74 -21.15
C PRO H 14 67.55 -35.68 -20.17
N GLY H 15 66.61 -34.88 -19.72
CA GLY H 15 66.84 -33.81 -18.78
C GLY H 15 67.15 -32.47 -19.46
N GLN H 16 67.40 -32.51 -20.76
CA GLN H 16 67.74 -31.34 -21.54
C GLN H 16 66.57 -30.41 -21.79
N SER H 17 66.83 -29.12 -21.80
CA SER H 17 65.77 -28.18 -22.17
C SER H 17 65.87 -27.90 -23.65
N ILE H 18 64.75 -28.09 -24.35
CA ILE H 18 64.72 -27.84 -25.78
C ILE H 18 63.58 -26.89 -26.16
N THR H 19 63.69 -26.28 -27.33
CA THR H 19 62.62 -25.41 -27.80
C THR H 19 62.14 -25.74 -29.20
N ILE H 20 60.82 -25.79 -29.37
CA ILE H 20 60.22 -26.01 -30.67
C ILE H 20 59.57 -24.71 -31.11
N SER H 21 60.10 -24.12 -32.16
CA SER H 21 59.58 -22.86 -32.65
C SER H 21 58.42 -23.05 -33.64
N CYS H 22 57.68 -21.96 -33.90
CA CYS H 22 56.59 -21.84 -34.86
C CYS H 22 56.58 -20.43 -35.46
N GLN H 23 56.69 -20.34 -36.77
CA GLN H 23 56.73 -19.06 -37.44
C GLN H 23 55.45 -18.77 -38.22
N GLY H 24 54.73 -17.75 -37.78
CA GLY H 24 53.49 -17.36 -38.42
C GLY H 24 53.60 -15.97 -39.02
N THR H 25 52.45 -15.31 -39.13
CA THR H 25 52.32 -13.98 -39.71
C THR H 25 51.49 -13.02 -38.84
N SER H 26 51.27 -11.82 -39.35
CA SER H 26 50.55 -10.74 -38.66
C SER H 26 49.07 -11.02 -38.56
N ASN H 27 48.62 -11.95 -39.35
CA ASN H 27 47.24 -12.34 -39.40
C ASN H 27 46.94 -13.48 -38.46
N ASP H 28 47.94 -13.95 -37.70
CA ASP H 28 47.64 -15.02 -36.77
C ASP H 28 48.54 -14.97 -35.52
N VAL H 29 49.81 -15.31 -35.64
CA VAL H 29 50.63 -15.37 -34.44
C VAL H 29 50.77 -13.96 -33.86
N GLY H 30 50.96 -12.98 -34.73
CA GLY H 30 51.07 -11.59 -34.31
C GLY H 30 49.70 -10.91 -34.32
N GLY H 31 48.65 -11.72 -34.47
CA GLY H 31 47.30 -11.14 -34.56
C GLY H 31 46.54 -11.25 -33.25
N TYR H 32 46.67 -12.38 -32.55
CA TYR H 32 45.90 -12.59 -31.31
C TYR H 32 46.78 -13.33 -30.31
N GLU H 33 46.27 -13.61 -29.12
CA GLU H 33 47.04 -14.42 -28.14
C GLU H 33 46.49 -15.84 -28.25
N SER H 34 45.73 -16.06 -29.31
CA SER H 34 45.09 -17.38 -29.52
C SER H 34 46.07 -18.32 -30.20
N VAL H 35 47.11 -18.72 -29.49
CA VAL H 35 48.00 -19.73 -30.10
C VAL H 35 47.93 -20.95 -29.20
N SER H 36 48.39 -22.10 -29.70
CA SER H 36 48.43 -23.29 -28.88
C SER H 36 49.37 -24.35 -29.43
N TRP H 37 49.71 -25.33 -28.57
CA TRP H 37 50.56 -26.46 -28.92
C TRP H 37 49.96 -27.78 -28.55
N TYR H 38 50.22 -28.77 -29.40
CA TYR H 38 49.76 -30.13 -29.25
C TYR H 38 50.85 -31.18 -29.33
N GLN H 39 50.65 -32.26 -28.60
CA GLN H 39 51.55 -33.42 -28.62
C GLN H 39 50.87 -34.63 -29.19
N GLN H 40 51.40 -35.12 -30.30
CA GLN H 40 50.81 -36.27 -30.92
C GLN H 40 51.62 -37.52 -30.73
N HIS H 41 51.11 -38.43 -29.92
CA HIS H 41 51.81 -39.68 -29.73
C HIS H 41 51.64 -40.36 -31.08
N PRO H 42 52.63 -41.00 -31.67
CA PRO H 42 52.47 -41.67 -32.92
C PRO H 42 51.31 -42.64 -32.85
N GLY H 43 50.47 -42.62 -33.89
CA GLY H 43 49.31 -43.51 -33.97
C GLY H 43 48.07 -43.00 -33.25
N LYS H 44 48.17 -41.87 -32.55
CA LYS H 44 47.04 -41.35 -31.79
C LYS H 44 46.69 -39.92 -32.13
N ALA H 45 45.45 -39.53 -31.86
CA ALA H 45 45.09 -38.13 -31.99
C ALA H 45 45.87 -37.39 -30.88
N PRO H 46 46.32 -36.15 -31.10
CA PRO H 46 47.07 -35.34 -30.18
C PRO H 46 46.31 -34.76 -29.01
N LYS H 47 47.05 -34.41 -27.98
CA LYS H 47 46.47 -33.73 -26.84
C LYS H 47 47.03 -32.33 -26.69
N VAL H 48 46.28 -31.50 -26.01
CA VAL H 48 46.70 -30.13 -25.76
C VAL H 48 47.83 -30.11 -24.79
N VAL H 49 48.85 -29.36 -25.13
CA VAL H 49 49.97 -29.19 -24.25
C VAL H 49 49.84 -27.78 -23.67
N ILE H 50 49.65 -26.83 -24.59
CA ILE H 50 49.51 -25.40 -24.31
C ILE H 50 48.38 -24.74 -25.07
N TYR H 51 47.74 -23.77 -24.45
CA TYR H 51 46.72 -22.93 -25.07
C TYR H 51 46.83 -21.52 -24.55
N ASP H 52 46.36 -20.56 -25.35
CA ASP H 52 46.50 -19.12 -24.99
C ASP H 52 47.98 -18.77 -24.78
N VAL H 53 48.86 -19.07 -25.76
CA VAL H 53 50.29 -18.65 -25.69
C VAL H 53 51.07 -19.47 -24.65
N SER H 54 50.60 -19.53 -23.41
CA SER H 54 51.41 -20.21 -22.40
C SER H 54 50.66 -21.00 -21.31
N LYS H 55 49.36 -21.22 -21.46
CA LYS H 55 48.59 -21.88 -20.38
C LYS H 55 48.58 -23.40 -20.54
N ARG H 56 48.67 -24.15 -19.44
CA ARG H 56 48.58 -25.59 -19.52
C ARG H 56 47.20 -26.07 -19.11
N PRO H 57 46.70 -27.15 -19.69
CA PRO H 57 45.49 -27.82 -19.30
C PRO H 57 45.81 -28.65 -18.09
N SER H 58 44.81 -29.05 -17.35
CA SER H 58 45.08 -29.95 -16.26
C SER H 58 45.68 -31.23 -16.84
N GLY H 59 46.66 -31.78 -16.14
CA GLY H 59 47.32 -33.01 -16.54
C GLY H 59 48.67 -32.78 -17.21
N VAL H 60 48.95 -31.56 -17.62
CA VAL H 60 50.23 -31.26 -18.25
C VAL H 60 51.15 -30.65 -17.21
N SER H 61 52.36 -31.20 -17.13
CA SER H 61 53.35 -30.77 -16.16
C SER H 61 53.94 -29.43 -16.50
N ASN H 62 54.60 -28.84 -15.50
CA ASN H 62 55.19 -27.53 -15.60
C ASN H 62 56.47 -27.49 -16.37
N ARG H 63 56.85 -28.64 -16.90
CA ARG H 63 58.01 -28.72 -17.73
C ARG H 63 57.65 -28.14 -19.09
N PHE H 64 56.35 -27.99 -19.35
CA PHE H 64 55.90 -27.47 -20.61
C PHE H 64 55.50 -26.02 -20.46
N SER H 65 56.23 -25.18 -21.17
CA SER H 65 56.04 -23.74 -21.14
C SER H 65 56.16 -23.17 -22.54
N GLY H 66 56.25 -21.87 -22.65
CA GLY H 66 56.31 -21.28 -23.97
C GLY H 66 56.16 -19.78 -23.93
N SER H 67 56.28 -19.18 -25.10
CA SER H 67 56.18 -17.74 -25.24
C SER H 67 55.85 -17.32 -26.65
N LYS H 68 55.58 -16.03 -26.80
CA LYS H 68 55.21 -15.50 -28.12
C LYS H 68 55.73 -14.08 -28.27
N SER H 69 56.45 -13.79 -29.35
CA SER H 69 56.96 -12.47 -29.65
C SER H 69 56.79 -12.14 -31.11
N GLY H 70 56.00 -11.11 -31.40
CA GLY H 70 55.73 -10.76 -32.77
C GLY H 70 55.02 -11.91 -33.44
N ASN H 71 55.54 -12.35 -34.58
CA ASN H 71 54.93 -13.42 -35.34
C ASN H 71 55.57 -14.78 -35.04
N THR H 72 56.42 -14.84 -34.04
CA THR H 72 57.07 -16.10 -33.71
C THR H 72 56.67 -16.62 -32.34
N ALA H 73 56.30 -17.88 -32.30
CA ALA H 73 55.89 -18.52 -31.07
C ALA H 73 56.74 -19.74 -30.78
N SER H 74 56.84 -20.12 -29.52
CA SER H 74 57.55 -21.34 -29.22
C SER H 74 57.09 -22.11 -28.00
N LEU H 75 57.36 -23.40 -28.06
CA LEU H 75 57.15 -24.37 -27.01
C LEU H 75 58.44 -24.74 -26.31
N THR H 76 58.44 -24.59 -25.01
CA THR H 76 59.62 -24.92 -24.25
C THR H 76 59.40 -26.19 -23.47
N ILE H 77 60.29 -27.15 -23.64
CA ILE H 77 60.19 -28.38 -22.88
C ILE H 77 61.42 -28.55 -22.00
N SER H 78 61.23 -28.34 -20.70
CA SER H 78 62.33 -28.45 -19.75
C SER H 78 62.40 -29.86 -19.23
N GLY H 79 63.58 -30.35 -18.87
CA GLY H 79 63.55 -31.66 -18.25
C GLY H 79 63.08 -32.72 -19.22
N LEU H 80 63.50 -32.65 -20.48
CA LEU H 80 63.04 -33.55 -21.53
C LEU H 80 63.08 -35.03 -21.20
N GLN H 81 61.96 -35.70 -21.42
CA GLN H 81 61.86 -37.13 -21.13
C GLN H 81 61.58 -37.96 -22.37
N ALA H 82 61.94 -39.23 -22.33
CA ALA H 82 61.66 -40.13 -23.44
C ALA H 82 60.16 -40.24 -23.71
N GLU H 83 59.36 -40.12 -22.69
CA GLU H 83 57.91 -40.18 -22.80
C GLU H 83 57.33 -38.99 -23.57
N ASP H 84 58.14 -37.96 -23.77
CA ASP H 84 57.71 -36.78 -24.48
C ASP H 84 57.76 -37.02 -25.99
N GLU H 85 58.49 -38.05 -26.45
CA GLU H 85 58.68 -38.23 -27.88
C GLU H 85 57.36 -38.30 -28.61
N GLY H 86 57.29 -37.58 -29.71
CA GLY H 86 56.10 -37.52 -30.53
C GLY H 86 56.19 -36.36 -31.50
N ASP H 87 55.09 -36.11 -32.19
CA ASP H 87 55.03 -35.05 -33.17
C ASP H 87 54.40 -33.81 -32.55
N TYR H 88 55.13 -32.73 -32.55
CA TYR H 88 54.60 -31.53 -31.95
C TYR H 88 54.08 -30.58 -32.97
N TYR H 89 52.95 -29.98 -32.65
CA TYR H 89 52.34 -29.04 -33.56
C TYR H 89 51.94 -27.75 -32.90
N CYS H 90 52.00 -26.66 -33.67
CA CYS H 90 51.48 -25.36 -33.29
C CYS H 90 50.18 -25.14 -34.06
N LYS H 91 49.29 -24.39 -33.44
CA LYS H 91 48.04 -24.02 -34.05
C LYS H 91 47.71 -22.57 -33.74
N SER H 92 47.06 -21.89 -34.69
CA SER H 92 46.62 -20.52 -34.47
C SER H 92 45.31 -20.21 -35.19
N LEU H 93 44.67 -19.10 -34.80
CA LEU H 93 43.40 -18.69 -35.45
C LEU H 93 43.72 -17.58 -36.44
N THR H 94 42.84 -17.30 -37.40
CA THR H 94 43.17 -16.30 -38.44
C THR H 94 42.09 -15.23 -38.58
N SER H 95 42.40 -14.16 -39.31
CA SER H 95 41.43 -13.07 -39.56
C SER H 95 40.25 -13.66 -40.32
N THR H 96 40.52 -14.58 -41.25
CA THR H 96 39.44 -15.23 -42.02
C THR H 96 38.64 -16.09 -41.05
N ARG H 97 39.13 -16.23 -39.82
CA ARG H 97 38.46 -17.08 -38.80
C ARG H 97 38.76 -18.56 -39.06
N ARG H 98 39.68 -18.88 -39.98
CA ARG H 98 40.09 -20.29 -40.25
C ARG H 98 41.07 -20.74 -39.17
N ARG H 99 41.20 -22.05 -39.02
CA ARG H 99 42.20 -22.56 -38.06
C ARG H 99 43.41 -23.00 -38.88
N VAL H 100 44.64 -22.73 -38.43
CA VAL H 100 45.80 -23.19 -39.17
C VAL H 100 46.79 -23.91 -38.29
N PHE H 101 47.35 -24.98 -38.84
CA PHE H 101 48.37 -25.76 -38.16
C PHE H 101 49.71 -25.54 -38.76
N GLY H 102 50.74 -25.80 -37.98
CA GLY H 102 52.06 -25.79 -38.52
C GLY H 102 52.39 -27.10 -39.18
N THR H 103 53.58 -27.16 -39.73
CA THR H 103 54.03 -28.33 -40.46
C THR H 103 54.34 -29.52 -39.56
N GLY H 104 54.57 -29.24 -38.29
CA GLY H 104 54.88 -30.24 -37.30
C GLY H 104 56.38 -30.39 -37.13
N THR H 105 56.77 -30.82 -35.93
CA THR H 105 58.15 -31.08 -35.54
C THR H 105 58.31 -32.48 -34.96
N LYS H 106 59.32 -33.20 -35.42
CA LYS H 106 59.55 -34.52 -34.85
C LYS H 106 60.49 -34.43 -33.66
N LEU H 107 60.09 -34.97 -32.52
CA LEU H 107 60.96 -34.97 -31.34
C LEU H 107 61.65 -36.30 -31.08
N THR H 108 62.97 -36.23 -30.92
CA THR H 108 63.80 -37.38 -30.55
C THR H 108 64.55 -37.14 -29.25
N VAL H 109 64.45 -38.09 -28.32
CA VAL H 109 65.17 -37.98 -27.07
C VAL H 109 66.37 -38.93 -27.13
N LEU H 110 67.57 -38.37 -26.93
CA LEU H 110 68.88 -39.00 -27.09
C LEU H 110 69.23 -39.78 -25.83
#